data_7EFX
# 
_entry.id   7EFX 
# 
_audit_conform.dict_name       mmcif_pdbx.dic 
_audit_conform.dict_version    5.398 
_audit_conform.dict_location   http://mmcif.pdb.org/dictionaries/ascii/mmcif_pdbx.dic 
# 
loop_
_database_2.database_id 
_database_2.database_code 
_database_2.pdbx_database_accession 
_database_2.pdbx_DOI 
PDB   7EFX         pdb_00007efx 10.2210/pdb7efx/pdb 
WWPDB D_1300021383 ?            ?                   
# 
loop_
_pdbx_audit_revision_history.ordinal 
_pdbx_audit_revision_history.data_content_type 
_pdbx_audit_revision_history.major_revision 
_pdbx_audit_revision_history.minor_revision 
_pdbx_audit_revision_history.revision_date 
1 'Structure model' 1 0 2022-02-16 
2 'Structure model' 1 1 2022-02-23 
3 'Structure model' 1 2 2023-11-29 
4 'Structure model' 1 3 2024-11-13 
# 
_pdbx_audit_revision_details.ordinal             1 
_pdbx_audit_revision_details.revision_ordinal    1 
_pdbx_audit_revision_details.data_content_type   'Structure model' 
_pdbx_audit_revision_details.provider            repository 
_pdbx_audit_revision_details.type                'Initial release' 
_pdbx_audit_revision_details.description         ? 
_pdbx_audit_revision_details.details             ? 
# 
loop_
_pdbx_audit_revision_group.ordinal 
_pdbx_audit_revision_group.revision_ordinal 
_pdbx_audit_revision_group.data_content_type 
_pdbx_audit_revision_group.group 
1 2 'Structure model' 'Database references'    
2 3 'Structure model' 'Data collection'        
3 3 'Structure model' 'Refinement description' 
4 4 'Structure model' 'Structure summary'      
# 
loop_
_pdbx_audit_revision_category.ordinal 
_pdbx_audit_revision_category.revision_ordinal 
_pdbx_audit_revision_category.data_content_type 
_pdbx_audit_revision_category.category 
1 2 'Structure model' citation                      
2 2 'Structure model' citation_author               
3 3 'Structure model' chem_comp_atom                
4 3 'Structure model' chem_comp_bond                
5 3 'Structure model' pdbx_initial_refinement_model 
6 4 'Structure model' pdbx_entry_details            
7 4 'Structure model' pdbx_modification_feature     
# 
loop_
_pdbx_audit_revision_item.ordinal 
_pdbx_audit_revision_item.revision_ordinal 
_pdbx_audit_revision_item.data_content_type 
_pdbx_audit_revision_item.item 
1 2 'Structure model' '_citation.journal_volume'                     
2 2 'Structure model' '_citation.page_first'                         
3 2 'Structure model' '_citation.page_last'                          
4 2 'Structure model' '_citation_author.identifier_ORCID'            
5 4 'Structure model' '_pdbx_entry_details.has_protein_modification' 
# 
_pdbx_database_status.status_code                     REL 
_pdbx_database_status.status_code_sf                  REL 
_pdbx_database_status.status_code_mr                  ? 
_pdbx_database_status.entry_id                        7EFX 
_pdbx_database_status.recvd_initial_deposition_date   2021-03-23 
_pdbx_database_status.SG_entry                        N 
_pdbx_database_status.deposit_site                    PDBJ 
_pdbx_database_status.process_site                    PDBJ 
_pdbx_database_status.status_code_cs                  ? 
_pdbx_database_status.status_code_nmr_data            ? 
_pdbx_database_status.methods_development_category    ? 
_pdbx_database_status.pdb_format_compatible           Y 
# 
loop_
_audit_author.name 
_audit_author.pdbx_ordinal 
_audit_author.identifier_ORCID 
'Liu, L.' 1 0000-0003-4638-3767 
'Li, J.'  2 0000-0003-3730-3534 
'Zhu, R.' 3 ?                   
'Pei, Y.' 4 ?                   
# 
_citation.abstract                  ? 
_citation.abstract_id_CAS           ? 
_citation.book_id_ISBN              ? 
_citation.book_publisher            ? 
_citation.book_publisher_city       ? 
_citation.book_title                ? 
_citation.coordinate_linkage        ? 
_citation.country                   US 
_citation.database_id_Medline       ? 
_citation.details                   ? 
_citation.id                        primary 
_citation.journal_abbrev            J.Med.Chem. 
_citation.journal_id_ASTM           JMCMAR 
_citation.journal_id_CSD            0151 
_citation.journal_id_ISSN           0022-2623 
_citation.journal_full              ? 
_citation.journal_issue             ? 
_citation.journal_volume            65 
_citation.language                  ? 
_citation.page_first                2174 
_citation.page_last                 2190 
_citation.title                     
;Computational and Structure-Based Development of High Potent Cell-Active Covalent Inhibitor Targeting the Peptidyl-Prolyl Isomerase NIMA-Interacting-1 (Pin1).
;
_citation.year                      2022 
_citation.database_id_CSD           ? 
_citation.pdbx_database_id_DOI      10.1021/acs.jmedchem.1c01686 
_citation.pdbx_database_id_PubMed   35089030 
_citation.pdbx_database_id_patent   ? 
_citation.unpublished_flag          ? 
# 
loop_
_citation_author.citation_id 
_citation_author.name 
_citation_author.ordinal 
_citation_author.identifier_ORCID 
primary 'Liu, L.'   1  ? 
primary 'Zhu, R.'   2  ? 
primary 'Li, J.'    3  ? 
primary 'Pei, Y.'   4  ? 
primary 'Wang, S.'  5  ? 
primary 'Xu, P.'    6  ? 
primary 'Wang, M.'  7  ? 
primary 'Wen, Y.'   8  ? 
primary 'Zhang, H.' 9  ? 
primary 'Du, D.'    10 ? 
primary 'Ding, H.'  11 ? 
primary 'Jiang, H.' 12 ? 
primary 'Chen, K.'  13 ? 
primary 'Zhou, B.'  14 ? 
primary 'Yu, L.'    15 ? 
primary 'Luo, C.'   16 ? 
# 
loop_
_entity.id 
_entity.type 
_entity.src_method 
_entity.pdbx_description 
_entity.formula_weight 
_entity.pdbx_number_of_molecules 
_entity.pdbx_ec 
_entity.pdbx_mutation 
_entity.pdbx_fragment 
_entity.details 
1 polymer     man 'Peptidyl-prolyl cis-trans isomerase NIMA-interacting 1'                                 20356.572 1  5.2.1.8 
R14A ? ? 
2 non-polymer syn '4-((5-bromofuran-2-yl)methyl)-8-(2-chloroacetyl)-1-thia-4,8-diazaspiro[4.5]decan-3-one' 407.710   1  ?       ? 
? ? 
3 water       nat water                                                                                    18.015    68 ?       ? 
? ? 
# 
_entity_name_com.entity_id   1 
_entity_name_com.name        'Peptidyl-prolyl cis-trans isomerase Pin1,PPIase Pin1,Rotamase Pin1' 
# 
_entity_poly.entity_id                      1 
_entity_poly.type                           'polypeptide(L)' 
_entity_poly.nstd_linkage                   no 
_entity_poly.nstd_monomer                   no 
_entity_poly.pdbx_seq_one_letter_code       
;MGSSHHHHHHSSGLVPRGSHMADEEKLPPGWEKAMSRSSGRVYYFNHITNASQWERPSGNSSSGGKNGQGEPARVRCSHL
LVKHSQSRRPSSWRQEKITRTKEEALELINGYIQKIKSGEEDFESLASQFSDCSSAKARGDLGAFSRGQMQKPFEDASFA
LRTGEMSGPVFTDSGIHIILRTE
;
_entity_poly.pdbx_seq_one_letter_code_can   
;MGSSHHHHHHSSGLVPRGSHMADEEKLPPGWEKAMSRSSGRVYYFNHITNASQWERPSGNSSSGGKNGQGEPARVRCSHL
LVKHSQSRRPSSWRQEKITRTKEEALELINGYIQKIKSGEEDFESLASQFSDCSSAKARGDLGAFSRGQMQKPFEDASFA
LRTGEMSGPVFTDSGIHIILRTE
;
_entity_poly.pdbx_strand_id                 A 
_entity_poly.pdbx_target_identifier         ? 
# 
loop_
_pdbx_entity_nonpoly.entity_id 
_pdbx_entity_nonpoly.name 
_pdbx_entity_nonpoly.comp_id 
2 '4-((5-bromofuran-2-yl)methyl)-8-(2-chloroacetyl)-1-thia-4,8-diazaspiro[4.5]decan-3-one' J3X 
3 water                                                                                    HOH 
# 
loop_
_entity_poly_seq.entity_id 
_entity_poly_seq.num 
_entity_poly_seq.mon_id 
_entity_poly_seq.hetero 
1 1   MET n 
1 2   GLY n 
1 3   SER n 
1 4   SER n 
1 5   HIS n 
1 6   HIS n 
1 7   HIS n 
1 8   HIS n 
1 9   HIS n 
1 10  HIS n 
1 11  SER n 
1 12  SER n 
1 13  GLY n 
1 14  LEU n 
1 15  VAL n 
1 16  PRO n 
1 17  ARG n 
1 18  GLY n 
1 19  SER n 
1 20  HIS n 
1 21  MET n 
1 22  ALA n 
1 23  ASP n 
1 24  GLU n 
1 25  GLU n 
1 26  LYS n 
1 27  LEU n 
1 28  PRO n 
1 29  PRO n 
1 30  GLY n 
1 31  TRP n 
1 32  GLU n 
1 33  LYS n 
1 34  ALA n 
1 35  MET n 
1 36  SER n 
1 37  ARG n 
1 38  SER n 
1 39  SER n 
1 40  GLY n 
1 41  ARG n 
1 42  VAL n 
1 43  TYR n 
1 44  TYR n 
1 45  PHE n 
1 46  ASN n 
1 47  HIS n 
1 48  ILE n 
1 49  THR n 
1 50  ASN n 
1 51  ALA n 
1 52  SER n 
1 53  GLN n 
1 54  TRP n 
1 55  GLU n 
1 56  ARG n 
1 57  PRO n 
1 58  SER n 
1 59  GLY n 
1 60  ASN n 
1 61  SER n 
1 62  SER n 
1 63  SER n 
1 64  GLY n 
1 65  GLY n 
1 66  LYS n 
1 67  ASN n 
1 68  GLY n 
1 69  GLN n 
1 70  GLY n 
1 71  GLU n 
1 72  PRO n 
1 73  ALA n 
1 74  ARG n 
1 75  VAL n 
1 76  ARG n 
1 77  CYS n 
1 78  SER n 
1 79  HIS n 
1 80  LEU n 
1 81  LEU n 
1 82  VAL n 
1 83  LYS n 
1 84  HIS n 
1 85  SER n 
1 86  GLN n 
1 87  SER n 
1 88  ARG n 
1 89  ARG n 
1 90  PRO n 
1 91  SER n 
1 92  SER n 
1 93  TRP n 
1 94  ARG n 
1 95  GLN n 
1 96  GLU n 
1 97  LYS n 
1 98  ILE n 
1 99  THR n 
1 100 ARG n 
1 101 THR n 
1 102 LYS n 
1 103 GLU n 
1 104 GLU n 
1 105 ALA n 
1 106 LEU n 
1 107 GLU n 
1 108 LEU n 
1 109 ILE n 
1 110 ASN n 
1 111 GLY n 
1 112 TYR n 
1 113 ILE n 
1 114 GLN n 
1 115 LYS n 
1 116 ILE n 
1 117 LYS n 
1 118 SER n 
1 119 GLY n 
1 120 GLU n 
1 121 GLU n 
1 122 ASP n 
1 123 PHE n 
1 124 GLU n 
1 125 SER n 
1 126 LEU n 
1 127 ALA n 
1 128 SER n 
1 129 GLN n 
1 130 PHE n 
1 131 SER n 
1 132 ASP n 
1 133 CYS n 
1 134 SER n 
1 135 SER n 
1 136 ALA n 
1 137 LYS n 
1 138 ALA n 
1 139 ARG n 
1 140 GLY n 
1 141 ASP n 
1 142 LEU n 
1 143 GLY n 
1 144 ALA n 
1 145 PHE n 
1 146 SER n 
1 147 ARG n 
1 148 GLY n 
1 149 GLN n 
1 150 MET n 
1 151 GLN n 
1 152 LYS n 
1 153 PRO n 
1 154 PHE n 
1 155 GLU n 
1 156 ASP n 
1 157 ALA n 
1 158 SER n 
1 159 PHE n 
1 160 ALA n 
1 161 LEU n 
1 162 ARG n 
1 163 THR n 
1 164 GLY n 
1 165 GLU n 
1 166 MET n 
1 167 SER n 
1 168 GLY n 
1 169 PRO n 
1 170 VAL n 
1 171 PHE n 
1 172 THR n 
1 173 ASP n 
1 174 SER n 
1 175 GLY n 
1 176 ILE n 
1 177 HIS n 
1 178 ILE n 
1 179 ILE n 
1 180 LEU n 
1 181 ARG n 
1 182 THR n 
1 183 GLU n 
# 
_entity_src_gen.entity_id                          1 
_entity_src_gen.pdbx_src_id                        1 
_entity_src_gen.pdbx_alt_source_flag               sample 
_entity_src_gen.pdbx_seq_type                      'Biological sequence' 
_entity_src_gen.pdbx_beg_seq_num                   1 
_entity_src_gen.pdbx_end_seq_num                   183 
_entity_src_gen.gene_src_common_name               Human 
_entity_src_gen.gene_src_genus                     ? 
_entity_src_gen.pdbx_gene_src_gene                 PIN1 
_entity_src_gen.gene_src_species                   ? 
_entity_src_gen.gene_src_strain                    ? 
_entity_src_gen.gene_src_tissue                    ? 
_entity_src_gen.gene_src_tissue_fraction           ? 
_entity_src_gen.gene_src_details                   ? 
_entity_src_gen.pdbx_gene_src_fragment             ? 
_entity_src_gen.pdbx_gene_src_scientific_name      'Homo sapiens' 
_entity_src_gen.pdbx_gene_src_ncbi_taxonomy_id     9606 
_entity_src_gen.pdbx_gene_src_variant              ? 
_entity_src_gen.pdbx_gene_src_cell_line            ? 
_entity_src_gen.pdbx_gene_src_atcc                 ? 
_entity_src_gen.pdbx_gene_src_organ                ? 
_entity_src_gen.pdbx_gene_src_organelle            ? 
_entity_src_gen.pdbx_gene_src_cell                 ? 
_entity_src_gen.pdbx_gene_src_cellular_location    ? 
_entity_src_gen.host_org_common_name               ? 
_entity_src_gen.pdbx_host_org_scientific_name      'Escherichia coli' 
_entity_src_gen.pdbx_host_org_ncbi_taxonomy_id     562 
_entity_src_gen.host_org_genus                     ? 
_entity_src_gen.pdbx_host_org_gene                 ? 
_entity_src_gen.pdbx_host_org_organ                ? 
_entity_src_gen.host_org_species                   ? 
_entity_src_gen.pdbx_host_org_tissue               ? 
_entity_src_gen.pdbx_host_org_tissue_fraction      ? 
_entity_src_gen.pdbx_host_org_strain               ? 
_entity_src_gen.pdbx_host_org_variant              ? 
_entity_src_gen.pdbx_host_org_cell_line            ? 
_entity_src_gen.pdbx_host_org_atcc                 ? 
_entity_src_gen.pdbx_host_org_culture_collection   ? 
_entity_src_gen.pdbx_host_org_cell                 ? 
_entity_src_gen.pdbx_host_org_organelle            ? 
_entity_src_gen.pdbx_host_org_cellular_location    ? 
_entity_src_gen.pdbx_host_org_vector_type          ? 
_entity_src_gen.pdbx_host_org_vector               ? 
_entity_src_gen.host_org_details                   ? 
_entity_src_gen.expression_system_id               ? 
_entity_src_gen.plasmid_name                       ? 
_entity_src_gen.plasmid_details                    ? 
_entity_src_gen.pdbx_description                   ? 
# 
loop_
_chem_comp.id 
_chem_comp.type 
_chem_comp.mon_nstd_flag 
_chem_comp.name 
_chem_comp.pdbx_synonyms 
_chem_comp.formula 
_chem_comp.formula_weight 
ALA 'L-peptide linking' y ALANINE                                                                                  ? 'C3 H7 N O2' 
89.093  
ARG 'L-peptide linking' y ARGININE                                                                                 ? 
'C6 H15 N4 O2 1'        175.209 
ASN 'L-peptide linking' y ASPARAGINE                                                                               ? 'C4 H8 N2 O3' 
132.118 
ASP 'L-peptide linking' y 'ASPARTIC ACID'                                                                          ? 'C4 H7 N O4' 
133.103 
CYS 'L-peptide linking' y CYSTEINE                                                                                 ? 
'C3 H7 N O2 S'          121.158 
GLN 'L-peptide linking' y GLUTAMINE                                                                                ? 
'C5 H10 N2 O3'          146.144 
GLU 'L-peptide linking' y 'GLUTAMIC ACID'                                                                          ? 'C5 H9 N O4' 
147.129 
GLY 'peptide linking'   y GLYCINE                                                                                  ? 'C2 H5 N O2' 
75.067  
HIS 'L-peptide linking' y HISTIDINE                                                                                ? 
'C6 H10 N3 O2 1'        156.162 
HOH non-polymer         . WATER                                                                                    ? 'H2 O' 18.015 
ILE 'L-peptide linking' y ISOLEUCINE                                                                               ? 'C6 H13 N O2' 
131.173 
J3X non-polymer         . '4-((5-bromofuran-2-yl)methyl)-8-(2-chloroacetyl)-1-thia-4,8-diazaspiro[4.5]decan-3-one' ? 
'C14 H16 Br Cl N2 O3 S' 407.710 
LEU 'L-peptide linking' y LEUCINE                                                                                  ? 'C6 H13 N O2' 
131.173 
LYS 'L-peptide linking' y LYSINE                                                                                   ? 
'C6 H15 N2 O2 1'        147.195 
MET 'L-peptide linking' y METHIONINE                                                                               ? 
'C5 H11 N O2 S'         149.211 
PHE 'L-peptide linking' y PHENYLALANINE                                                                            ? 'C9 H11 N O2' 
165.189 
PRO 'L-peptide linking' y PROLINE                                                                                  ? 'C5 H9 N O2' 
115.130 
SER 'L-peptide linking' y SERINE                                                                                   ? 'C3 H7 N O3' 
105.093 
THR 'L-peptide linking' y THREONINE                                                                                ? 'C4 H9 N O3' 
119.119 
TRP 'L-peptide linking' y TRYPTOPHAN                                                                               ? 
'C11 H12 N2 O2'         204.225 
TYR 'L-peptide linking' y TYROSINE                                                                                 ? 'C9 H11 N O3' 
181.189 
VAL 'L-peptide linking' y VALINE                                                                                   ? 'C5 H11 N O2' 
117.146 
# 
loop_
_pdbx_poly_seq_scheme.asym_id 
_pdbx_poly_seq_scheme.entity_id 
_pdbx_poly_seq_scheme.seq_id 
_pdbx_poly_seq_scheme.mon_id 
_pdbx_poly_seq_scheme.ndb_seq_num 
_pdbx_poly_seq_scheme.pdb_seq_num 
_pdbx_poly_seq_scheme.auth_seq_num 
_pdbx_poly_seq_scheme.pdb_mon_id 
_pdbx_poly_seq_scheme.auth_mon_id 
_pdbx_poly_seq_scheme.pdb_strand_id 
_pdbx_poly_seq_scheme.pdb_ins_code 
_pdbx_poly_seq_scheme.hetero 
A 1 1   MET 1   -19 ?   ?   ?   A . n 
A 1 2   GLY 2   -18 ?   ?   ?   A . n 
A 1 3   SER 3   -17 ?   ?   ?   A . n 
A 1 4   SER 4   -16 ?   ?   ?   A . n 
A 1 5   HIS 5   -15 ?   ?   ?   A . n 
A 1 6   HIS 6   -14 ?   ?   ?   A . n 
A 1 7   HIS 7   -13 ?   ?   ?   A . n 
A 1 8   HIS 8   -12 ?   ?   ?   A . n 
A 1 9   HIS 9   -11 ?   ?   ?   A . n 
A 1 10  HIS 10  -10 ?   ?   ?   A . n 
A 1 11  SER 11  -9  ?   ?   ?   A . n 
A 1 12  SER 12  -8  ?   ?   ?   A . n 
A 1 13  GLY 13  -7  ?   ?   ?   A . n 
A 1 14  LEU 14  -6  ?   ?   ?   A . n 
A 1 15  VAL 15  -5  ?   ?   ?   A . n 
A 1 16  PRO 16  -4  ?   ?   ?   A . n 
A 1 17  ARG 17  -3  ?   ?   ?   A . n 
A 1 18  GLY 18  -2  ?   ?   ?   A . n 
A 1 19  SER 19  -1  ?   ?   ?   A . n 
A 1 20  HIS 20  0   ?   ?   ?   A . n 
A 1 21  MET 21  1   ?   ?   ?   A . n 
A 1 22  ALA 22  2   ?   ?   ?   A . n 
A 1 23  ASP 23  3   ?   ?   ?   A . n 
A 1 24  GLU 24  4   ?   ?   ?   A . n 
A 1 25  GLU 25  5   ?   ?   ?   A . n 
A 1 26  LYS 26  6   6   LYS LYS A . n 
A 1 27  LEU 27  7   7   LEU LEU A . n 
A 1 28  PRO 28  8   8   PRO PRO A . n 
A 1 29  PRO 29  9   9   PRO PRO A . n 
A 1 30  GLY 30  10  10  GLY GLY A . n 
A 1 31  TRP 31  11  11  TRP TRP A . n 
A 1 32  GLU 32  12  12  GLU GLU A . n 
A 1 33  LYS 33  13  13  LYS LYS A . n 
A 1 34  ALA 34  14  14  ALA ALA A . n 
A 1 35  MET 35  15  15  MET MET A . n 
A 1 36  SER 36  16  16  SER SER A . n 
A 1 37  ARG 37  17  17  ARG ARG A . n 
A 1 38  SER 38  18  18  SER SER A . n 
A 1 39  SER 39  19  19  SER SER A . n 
A 1 40  GLY 40  20  20  GLY GLY A . n 
A 1 41  ARG 41  21  21  ARG ARG A . n 
A 1 42  VAL 42  22  22  VAL VAL A . n 
A 1 43  TYR 43  23  23  TYR TYR A . n 
A 1 44  TYR 44  24  24  TYR TYR A . n 
A 1 45  PHE 45  25  25  PHE PHE A . n 
A 1 46  ASN 46  26  26  ASN ASN A . n 
A 1 47  HIS 47  27  27  HIS HIS A . n 
A 1 48  ILE 48  28  28  ILE ILE A . n 
A 1 49  THR 49  29  29  THR THR A . n 
A 1 50  ASN 50  30  30  ASN ASN A . n 
A 1 51  ALA 51  31  31  ALA ALA A . n 
A 1 52  SER 52  32  32  SER SER A . n 
A 1 53  GLN 53  33  33  GLN GLN A . n 
A 1 54  TRP 54  34  34  TRP TRP A . n 
A 1 55  GLU 55  35  35  GLU GLU A . n 
A 1 56  ARG 56  36  36  ARG ARG A . n 
A 1 57  PRO 57  37  37  PRO PRO A . n 
A 1 58  SER 58  38  38  SER SER A . n 
A 1 59  GLY 59  39  ?   ?   ?   A . n 
A 1 60  ASN 60  40  ?   ?   ?   A . n 
A 1 61  SER 61  41  ?   ?   ?   A . n 
A 1 62  SER 62  42  ?   ?   ?   A . n 
A 1 63  SER 63  43  ?   ?   ?   A . n 
A 1 64  GLY 64  44  ?   ?   ?   A . n 
A 1 65  GLY 65  45  ?   ?   ?   A . n 
A 1 66  LYS 66  46  ?   ?   ?   A . n 
A 1 67  ASN 67  47  ?   ?   ?   A . n 
A 1 68  GLY 68  48  ?   ?   ?   A . n 
A 1 69  GLN 69  49  ?   ?   ?   A . n 
A 1 70  GLY 70  50  50  GLY GLY A . n 
A 1 71  GLU 71  51  51  GLU GLU A . n 
A 1 72  PRO 72  52  52  PRO PRO A . n 
A 1 73  ALA 73  53  53  ALA ALA A . n 
A 1 74  ARG 74  54  54  ARG ARG A . n 
A 1 75  VAL 75  55  55  VAL VAL A . n 
A 1 76  ARG 76  56  56  ARG ARG A . n 
A 1 77  CYS 77  57  57  CYS CYS A . n 
A 1 78  SER 78  58  58  SER SER A . n 
A 1 79  HIS 79  59  59  HIS HIS A . n 
A 1 80  LEU 80  60  60  LEU LEU A . n 
A 1 81  LEU 81  61  61  LEU LEU A . n 
A 1 82  VAL 82  62  62  VAL VAL A . n 
A 1 83  LYS 83  63  63  LYS LYS A . n 
A 1 84  HIS 84  64  64  HIS HIS A . n 
A 1 85  SER 85  65  65  SER SER A . n 
A 1 86  GLN 86  66  66  GLN GLN A . n 
A 1 87  SER 87  67  67  SER SER A . n 
A 1 88  ARG 88  68  68  ARG ARG A . n 
A 1 89  ARG 89  69  69  ARG ARG A . n 
A 1 90  PRO 90  70  70  PRO PRO A . n 
A 1 91  SER 91  71  71  SER SER A . n 
A 1 92  SER 92  72  72  SER SER A . n 
A 1 93  TRP 93  73  73  TRP TRP A . n 
A 1 94  ARG 94  74  74  ARG ARG A . n 
A 1 95  GLN 95  75  75  GLN GLN A . n 
A 1 96  GLU 96  76  76  GLU GLU A . n 
A 1 97  LYS 97  77  77  LYS LYS A . n 
A 1 98  ILE 98  78  78  ILE ILE A . n 
A 1 99  THR 99  79  79  THR THR A . n 
A 1 100 ARG 100 80  80  ARG ARG A . n 
A 1 101 THR 101 81  81  THR THR A . n 
A 1 102 LYS 102 82  82  LYS LYS A . n 
A 1 103 GLU 103 83  83  GLU GLU A . n 
A 1 104 GLU 104 84  84  GLU GLU A . n 
A 1 105 ALA 105 85  85  ALA ALA A . n 
A 1 106 LEU 106 86  86  LEU LEU A . n 
A 1 107 GLU 107 87  87  GLU GLU A . n 
A 1 108 LEU 108 88  88  LEU LEU A . n 
A 1 109 ILE 109 89  89  ILE ILE A . n 
A 1 110 ASN 110 90  90  ASN ASN A . n 
A 1 111 GLY 111 91  91  GLY GLY A . n 
A 1 112 TYR 112 92  92  TYR TYR A . n 
A 1 113 ILE 113 93  93  ILE ILE A . n 
A 1 114 GLN 114 94  94  GLN GLN A . n 
A 1 115 LYS 115 95  95  LYS LYS A . n 
A 1 116 ILE 116 96  96  ILE ILE A . n 
A 1 117 LYS 117 97  97  LYS LYS A . n 
A 1 118 SER 118 98  98  SER SER A . n 
A 1 119 GLY 119 99  99  GLY GLY A . n 
A 1 120 GLU 120 100 100 GLU GLU A . n 
A 1 121 GLU 121 101 101 GLU GLU A . n 
A 1 122 ASP 122 102 102 ASP ASP A . n 
A 1 123 PHE 123 103 103 PHE PHE A . n 
A 1 124 GLU 124 104 104 GLU GLU A . n 
A 1 125 SER 125 105 105 SER SER A . n 
A 1 126 LEU 126 106 106 LEU LEU A . n 
A 1 127 ALA 127 107 107 ALA ALA A . n 
A 1 128 SER 128 108 108 SER SER A . n 
A 1 129 GLN 129 109 109 GLN GLN A . n 
A 1 130 PHE 130 110 110 PHE PHE A . n 
A 1 131 SER 131 111 111 SER SER A . n 
A 1 132 ASP 132 112 112 ASP ASP A . n 
A 1 133 CYS 133 113 113 CYS CYS A . n 
A 1 134 SER 134 114 114 SER SER A . n 
A 1 135 SER 135 115 115 SER SER A . n 
A 1 136 ALA 136 116 116 ALA ALA A . n 
A 1 137 LYS 137 117 117 LYS LYS A . n 
A 1 138 ALA 138 118 118 ALA ALA A . n 
A 1 139 ARG 139 119 119 ARG ARG A . n 
A 1 140 GLY 140 120 120 GLY GLY A . n 
A 1 141 ASP 141 121 121 ASP ASP A . n 
A 1 142 LEU 142 122 122 LEU LEU A . n 
A 1 143 GLY 143 123 123 GLY GLY A . n 
A 1 144 ALA 144 124 124 ALA ALA A . n 
A 1 145 PHE 145 125 125 PHE PHE A . n 
A 1 146 SER 146 126 126 SER SER A . n 
A 1 147 ARG 147 127 127 ARG ARG A . n 
A 1 148 GLY 148 128 128 GLY GLY A . n 
A 1 149 GLN 149 129 129 GLN GLN A . n 
A 1 150 MET 150 130 130 MET MET A . n 
A 1 151 GLN 151 131 131 GLN GLN A . n 
A 1 152 LYS 152 132 132 LYS LYS A . n 
A 1 153 PRO 153 133 133 PRO PRO A . n 
A 1 154 PHE 154 134 134 PHE PHE A . n 
A 1 155 GLU 155 135 135 GLU GLU A . n 
A 1 156 ASP 156 136 136 ASP ASP A . n 
A 1 157 ALA 157 137 137 ALA ALA A . n 
A 1 158 SER 158 138 138 SER SER A . n 
A 1 159 PHE 159 139 139 PHE PHE A . n 
A 1 160 ALA 160 140 140 ALA ALA A . n 
A 1 161 LEU 161 141 141 LEU LEU A . n 
A 1 162 ARG 162 142 142 ARG ARG A . n 
A 1 163 THR 163 143 143 THR THR A . n 
A 1 164 GLY 164 144 144 GLY GLY A . n 
A 1 165 GLU 165 145 145 GLU GLU A . n 
A 1 166 MET 166 146 146 MET MET A . n 
A 1 167 SER 167 147 147 SER SER A . n 
A 1 168 GLY 168 148 148 GLY GLY A . n 
A 1 169 PRO 169 149 149 PRO PRO A . n 
A 1 170 VAL 170 150 150 VAL VAL A . n 
A 1 171 PHE 171 151 151 PHE PHE A . n 
A 1 172 THR 172 152 152 THR THR A . n 
A 1 173 ASP 173 153 153 ASP ASP A . n 
A 1 174 SER 174 154 154 SER SER A . n 
A 1 175 GLY 175 155 155 GLY GLY A . n 
A 1 176 ILE 176 156 156 ILE ILE A . n 
A 1 177 HIS 177 157 157 HIS HIS A . n 
A 1 178 ILE 178 158 158 ILE ILE A . n 
A 1 179 ILE 179 159 159 ILE ILE A . n 
A 1 180 LEU 180 160 160 LEU LEU A . n 
A 1 181 ARG 181 161 161 ARG ARG A . n 
A 1 182 THR 182 162 162 THR THR A . n 
A 1 183 GLU 183 163 163 GLU GLU A . n 
# 
_pdbx_entity_instance_feature.ordinal        1 
_pdbx_entity_instance_feature.comp_id        J3X 
_pdbx_entity_instance_feature.asym_id        ? 
_pdbx_entity_instance_feature.seq_num        ? 
_pdbx_entity_instance_feature.auth_comp_id   J3X 
_pdbx_entity_instance_feature.auth_asym_id   ? 
_pdbx_entity_instance_feature.auth_seq_num   ? 
_pdbx_entity_instance_feature.feature_type   'SUBJECT OF INVESTIGATION' 
_pdbx_entity_instance_feature.details        ? 
# 
loop_
_pdbx_nonpoly_scheme.asym_id 
_pdbx_nonpoly_scheme.entity_id 
_pdbx_nonpoly_scheme.mon_id 
_pdbx_nonpoly_scheme.ndb_seq_num 
_pdbx_nonpoly_scheme.pdb_seq_num 
_pdbx_nonpoly_scheme.auth_seq_num 
_pdbx_nonpoly_scheme.pdb_mon_id 
_pdbx_nonpoly_scheme.auth_mon_id 
_pdbx_nonpoly_scheme.pdb_strand_id 
_pdbx_nonpoly_scheme.pdb_ins_code 
B 2 J3X 1  201 1  J3X 57A A . 
C 3 HOH 1  301 71 HOH HOH A . 
C 3 HOH 2  302 12 HOH HOH A . 
C 3 HOH 3  303 67 HOH HOH A . 
C 3 HOH 4  304 1  HOH HOH A . 
C 3 HOH 5  305 5  HOH HOH A . 
C 3 HOH 6  306 8  HOH HOH A . 
C 3 HOH 7  307 11 HOH HOH A . 
C 3 HOH 8  308 10 HOH HOH A . 
C 3 HOH 9  309 7  HOH HOH A . 
C 3 HOH 10 310 29 HOH HOH A . 
C 3 HOH 11 311 1  HOH HOH A . 
C 3 HOH 12 312 16 HOH HOH A . 
C 3 HOH 13 313 24 HOH HOH A . 
C 3 HOH 14 314 58 HOH HOH A . 
C 3 HOH 15 315 3  HOH HOH A . 
C 3 HOH 16 316 4  HOH HOH A . 
C 3 HOH 17 317 52 HOH HOH A . 
C 3 HOH 18 318 5  HOH HOH A . 
C 3 HOH 19 319 6  HOH HOH A . 
C 3 HOH 20 320 17 HOH HOH A . 
C 3 HOH 21 321 56 HOH HOH A . 
C 3 HOH 22 322 13 HOH HOH A . 
C 3 HOH 23 323 15 HOH HOH A . 
C 3 HOH 24 324 14 HOH HOH A . 
C 3 HOH 25 325 26 HOH HOH A . 
C 3 HOH 26 326 11 HOH HOH A . 
C 3 HOH 27 327 9  HOH HOH A . 
C 3 HOH 28 328 57 HOH HOH A . 
C 3 HOH 29 329 19 HOH HOH A . 
C 3 HOH 30 330 6  HOH HOH A . 
C 3 HOH 31 331 2  HOH HOH A . 
C 3 HOH 32 332 31 HOH HOH A . 
C 3 HOH 33 333 24 HOH HOH A . 
C 3 HOH 34 334 5  HOH HOH A . 
C 3 HOH 35 335 6  HOH HOH A . 
C 3 HOH 36 336 13 HOH HOH A . 
C 3 HOH 37 337 51 HOH HOH A . 
C 3 HOH 38 338 40 HOH HOH A . 
C 3 HOH 39 339 35 HOH HOH A . 
C 3 HOH 40 340 21 HOH HOH A . 
C 3 HOH 41 341 48 HOH HOH A . 
C 3 HOH 42 342 7  HOH HOH A . 
C 3 HOH 43 343 23 HOH HOH A . 
C 3 HOH 44 344 15 HOH HOH A . 
C 3 HOH 45 345 22 HOH HOH A . 
C 3 HOH 46 346 4  HOH HOH A . 
C 3 HOH 47 347 7  HOH HOH A . 
C 3 HOH 48 348 41 HOH HOH A . 
C 3 HOH 49 349 2  HOH HOH A . 
C 3 HOH 50 350 18 HOH HOH A . 
C 3 HOH 51 351 3  HOH HOH A . 
C 3 HOH 52 352 44 HOH HOH A . 
C 3 HOH 53 353 60 HOH HOH A . 
C 3 HOH 54 354 27 HOH HOH A . 
C 3 HOH 55 355 28 HOH HOH A . 
C 3 HOH 56 356 27 HOH HOH A . 
C 3 HOH 57 357 32 HOH HOH A . 
C 3 HOH 58 358 68 HOH HOH A . 
C 3 HOH 59 359 38 HOH HOH A . 
C 3 HOH 60 360 16 HOH HOH A . 
C 3 HOH 61 361 11 HOH HOH A . 
C 3 HOH 62 362 76 HOH HOH A . 
C 3 HOH 63 363 42 HOH HOH A . 
C 3 HOH 64 364 9  HOH HOH A . 
C 3 HOH 65 365 40 HOH HOH A . 
C 3 HOH 66 366 36 HOH HOH A . 
C 3 HOH 67 367 10 HOH HOH A . 
C 3 HOH 68 368 51 HOH HOH A . 
# 
loop_
_software.citation_id 
_software.classification 
_software.compiler_name 
_software.compiler_version 
_software.contact_author 
_software.contact_author_email 
_software.date 
_software.description 
_software.dependencies 
_software.hardware 
_software.language 
_software.location 
_software.mods 
_software.name 
_software.os 
_software.os_version 
_software.type 
_software.version 
_software.pdbx_ordinal 
? refinement        ? ? ? ? ? ? ? ? ? ? ? PHENIX      ? ? ? 1.12      1 
? refinement        ? ? ? ? ? ? ? ? ? ? ? REFMAC      ? ? ? v1.0      2 
? 'data extraction' ? ? ? ? ? ? ? ? ? ? ? PDB_EXTRACT ? ? ? 3.27      3 
? 'data reduction'  ? ? ? ? ? ? ? ? ? ? ? HKL-3000    ? ? ? .         4 
? 'data scaling'    ? ? ? ? ? ? ? ? ? ? ? Aimless     ? ? ? .         5 
? phasing           ? ? ? ? ? ? ? ? ? ? ? PHENIX      ? ? ? 1.17_3660 6 
# 
_cell.angle_alpha                  90.000 
_cell.angle_alpha_esd              ? 
_cell.angle_beta                   90.000 
_cell.angle_beta_esd               ? 
_cell.angle_gamma                  120.000 
_cell.angle_gamma_esd              ? 
_cell.entry_id                     7EFX 
_cell.details                      ? 
_cell.formula_units_Z              ? 
_cell.length_a                     68.170 
_cell.length_a_esd                 ? 
_cell.length_b                     68.170 
_cell.length_b_esd                 ? 
_cell.length_c                     79.493 
_cell.length_c_esd                 ? 
_cell.volume                       ? 
_cell.volume_esd                   ? 
_cell.Z_PDB                        6 
_cell.reciprocal_angle_alpha       ? 
_cell.reciprocal_angle_beta        ? 
_cell.reciprocal_angle_gamma       ? 
_cell.reciprocal_angle_alpha_esd   ? 
_cell.reciprocal_angle_beta_esd    ? 
_cell.reciprocal_angle_gamma_esd   ? 
_cell.reciprocal_length_a          ? 
_cell.reciprocal_length_b          ? 
_cell.reciprocal_length_c          ? 
_cell.reciprocal_length_a_esd      ? 
_cell.reciprocal_length_b_esd      ? 
_cell.reciprocal_length_c_esd      ? 
_cell.pdbx_unique_axis             ? 
# 
_symmetry.entry_id                         7EFX 
_symmetry.cell_setting                     ? 
_symmetry.Int_Tables_number                152 
_symmetry.space_group_name_Hall            ? 
_symmetry.space_group_name_H-M             'P 31 2 1' 
_symmetry.pdbx_full_space_group_name_H-M   ? 
# 
_exptl.absorpt_coefficient_mu     ? 
_exptl.absorpt_correction_T_max   ? 
_exptl.absorpt_correction_T_min   ? 
_exptl.absorpt_correction_type    ? 
_exptl.absorpt_process_details    ? 
_exptl.entry_id                   7EFX 
_exptl.crystals_number            1 
_exptl.details                    ? 
_exptl.method                     'X-RAY DIFFRACTION' 
_exptl.method_details             ? 
# 
_exptl_crystal.colour                      ? 
_exptl_crystal.density_diffrn              ? 
_exptl_crystal.density_Matthews            2.62 
_exptl_crystal.density_method              ? 
_exptl_crystal.density_percent_sol         57.40 
_exptl_crystal.description                 ? 
_exptl_crystal.F_000                       ? 
_exptl_crystal.id                          1 
_exptl_crystal.preparation                 ? 
_exptl_crystal.size_max                    ? 
_exptl_crystal.size_mid                    ? 
_exptl_crystal.size_min                    ? 
_exptl_crystal.size_rad                    ? 
_exptl_crystal.colour_lustre               ? 
_exptl_crystal.colour_modifier             ? 
_exptl_crystal.colour_primary              ? 
_exptl_crystal.density_meas                ? 
_exptl_crystal.density_meas_esd            ? 
_exptl_crystal.density_meas_gt             ? 
_exptl_crystal.density_meas_lt             ? 
_exptl_crystal.density_meas_temp           ? 
_exptl_crystal.density_meas_temp_esd       ? 
_exptl_crystal.density_meas_temp_gt        ? 
_exptl_crystal.density_meas_temp_lt        ? 
_exptl_crystal.pdbx_crystal_image_url      ? 
_exptl_crystal.pdbx_crystal_image_format   ? 
_exptl_crystal.pdbx_mosaicity              ? 
_exptl_crystal.pdbx_mosaicity_esd          ? 
# 
_exptl_crystal_grow.apparatus       ? 
_exptl_crystal_grow.atmosphere      ? 
_exptl_crystal_grow.crystal_id      1 
_exptl_crystal_grow.details         ? 
_exptl_crystal_grow.method          'VAPOR DIFFUSION, HANGING DROP' 
_exptl_crystal_grow.method_ref      ? 
_exptl_crystal_grow.pH              7.4 
_exptl_crystal_grow.pressure        ? 
_exptl_crystal_grow.pressure_esd    ? 
_exptl_crystal_grow.seeding         ? 
_exptl_crystal_grow.seeding_ref     ? 
_exptl_crystal_grow.temp            277.15 
_exptl_crystal_grow.temp_details    ? 
_exptl_crystal_grow.temp_esd        ? 
_exptl_crystal_grow.time            ? 
_exptl_crystal_grow.pdbx_details    '2M Ammonium Sulfate, 1% PEG400, 100mM HEPES, pH 7.5' 
_exptl_crystal_grow.pdbx_pH_range   7.4-7.6 
# 
_diffrn.ambient_environment              ? 
_diffrn.ambient_temp                     100 
_diffrn.ambient_temp_details             ? 
_diffrn.ambient_temp_esd                 ? 
_diffrn.crystal_id                       1 
_diffrn.crystal_support                  ? 
_diffrn.crystal_treatment                ? 
_diffrn.details                          ? 
_diffrn.id                               1 
_diffrn.ambient_pressure                 ? 
_diffrn.ambient_pressure_esd             ? 
_diffrn.ambient_pressure_gt              ? 
_diffrn.ambient_pressure_lt              ? 
_diffrn.ambient_temp_gt                  ? 
_diffrn.ambient_temp_lt                  ? 
_diffrn.pdbx_serial_crystal_experiment   N 
# 
_diffrn_detector.details                      ? 
_diffrn_detector.detector                     PIXEL 
_diffrn_detector.diffrn_id                    1 
_diffrn_detector.type                         'DECTRIS PILATUS3 6M' 
_diffrn_detector.area_resol_mean              ? 
_diffrn_detector.dtime                        ? 
_diffrn_detector.pdbx_frames_total            ? 
_diffrn_detector.pdbx_collection_time_total   ? 
_diffrn_detector.pdbx_collection_date         2019-05-24 
_diffrn_detector.pdbx_frequency               ? 
# 
_diffrn_radiation.collimation                      ? 
_diffrn_radiation.diffrn_id                        1 
_diffrn_radiation.filter_edge                      ? 
_diffrn_radiation.inhomogeneity                    ? 
_diffrn_radiation.monochromator                    ? 
_diffrn_radiation.polarisn_norm                    ? 
_diffrn_radiation.polarisn_ratio                   ? 
_diffrn_radiation.probe                            ? 
_diffrn_radiation.type                             ? 
_diffrn_radiation.xray_symbol                      ? 
_diffrn_radiation.wavelength_id                    1 
_diffrn_radiation.pdbx_monochromatic_or_laue_m_l   M 
_diffrn_radiation.pdbx_wavelength_list             ? 
_diffrn_radiation.pdbx_wavelength                  ? 
_diffrn_radiation.pdbx_diffrn_protocol             'SINGLE WAVELENGTH' 
_diffrn_radiation.pdbx_analyzer                    ? 
_diffrn_radiation.pdbx_scattering_type             x-ray 
# 
_diffrn_radiation_wavelength.id           1 
_diffrn_radiation_wavelength.wavelength   0.9785 
_diffrn_radiation_wavelength.wt           1.0 
# 
_diffrn_source.current                     ? 
_diffrn_source.details                     ? 
_diffrn_source.diffrn_id                   1 
_diffrn_source.power                       ? 
_diffrn_source.size                        ? 
_diffrn_source.source                      SYNCHROTRON 
_diffrn_source.target                      ? 
_diffrn_source.type                        'SSRF BEAMLINE BL19U1' 
_diffrn_source.voltage                     ? 
_diffrn_source.take-off_angle              ? 
_diffrn_source.pdbx_wavelength_list        0.9785 
_diffrn_source.pdbx_wavelength             ? 
_diffrn_source.pdbx_synchrotron_beamline   BL19U1 
_diffrn_source.pdbx_synchrotron_site       SSRF 
# 
_reflns.B_iso_Wilson_estimate                          ? 
_reflns.entry_id                                       7EFX 
_reflns.data_reduction_details                         ? 
_reflns.data_reduction_method                          ? 
_reflns.d_resolution_high                              2.41 
_reflns.d_resolution_low                               47.4 
_reflns.details                                        ? 
_reflns.limit_h_max                                    ? 
_reflns.limit_h_min                                    ? 
_reflns.limit_k_max                                    ? 
_reflns.limit_k_min                                    ? 
_reflns.limit_l_max                                    ? 
_reflns.limit_l_min                                    ? 
_reflns.number_all                                     ? 
_reflns.number_obs                                     8646 
_reflns.observed_criterion                             ? 
_reflns.observed_criterion_F_max                       ? 
_reflns.observed_criterion_F_min                       ? 
_reflns.observed_criterion_I_max                       ? 
_reflns.observed_criterion_I_min                       ? 
_reflns.observed_criterion_sigma_F                     ? 
_reflns.observed_criterion_sigma_I                     ? 
_reflns.percent_possible_obs                           99.8 
_reflns.R_free_details                                 ? 
_reflns.Rmerge_F_all                                   ? 
_reflns.Rmerge_F_obs                                   ? 
_reflns.Friedel_coverage                               ? 
_reflns.number_gt                                      ? 
_reflns.threshold_expression                           ? 
_reflns.pdbx_redundancy                                9.3 
_reflns.pdbx_Rmerge_I_obs                              0.071 
_reflns.pdbx_Rmerge_I_all                              ? 
_reflns.pdbx_Rsym_value                                ? 
_reflns.pdbx_netI_over_av_sigmaI                       ? 
_reflns.pdbx_netI_over_sigmaI                          20.8 
_reflns.pdbx_res_netI_over_av_sigmaI_2                 ? 
_reflns.pdbx_res_netI_over_sigmaI_2                    ? 
_reflns.pdbx_chi_squared                               ? 
_reflns.pdbx_scaling_rejects                           ? 
_reflns.pdbx_d_res_high_opt                            ? 
_reflns.pdbx_d_res_low_opt                             ? 
_reflns.pdbx_d_res_opt_method                          ? 
_reflns.phase_calculation_details                      ? 
_reflns.pdbx_Rrim_I_all                                ? 
_reflns.pdbx_Rpim_I_all                                ? 
_reflns.pdbx_d_opt                                     ? 
_reflns.pdbx_number_measured_all                       ? 
_reflns.pdbx_diffrn_id                                 1 
_reflns.pdbx_ordinal                                   1 
_reflns.pdbx_CC_half                                   0.998 
_reflns.pdbx_CC_star                                   ? 
_reflns.pdbx_R_split                                   ? 
_reflns.pdbx_aniso_diffraction_limit_axis_1_ortho[1]   ? 
_reflns.pdbx_aniso_diffraction_limit_axis_1_ortho[2]   ? 
_reflns.pdbx_aniso_diffraction_limit_axis_1_ortho[3]   ? 
_reflns.pdbx_aniso_diffraction_limit_axis_2_ortho[1]   ? 
_reflns.pdbx_aniso_diffraction_limit_axis_2_ortho[2]   ? 
_reflns.pdbx_aniso_diffraction_limit_axis_2_ortho[3]   ? 
_reflns.pdbx_aniso_diffraction_limit_axis_3_ortho[1]   ? 
_reflns.pdbx_aniso_diffraction_limit_axis_3_ortho[2]   ? 
_reflns.pdbx_aniso_diffraction_limit_axis_3_ortho[3]   ? 
_reflns.pdbx_aniso_diffraction_limit_1                 ? 
_reflns.pdbx_aniso_diffraction_limit_2                 ? 
_reflns.pdbx_aniso_diffraction_limit_3                 ? 
_reflns.pdbx_aniso_B_tensor_eigenvector_1_ortho[1]     ? 
_reflns.pdbx_aniso_B_tensor_eigenvector_1_ortho[2]     ? 
_reflns.pdbx_aniso_B_tensor_eigenvector_1_ortho[3]     ? 
_reflns.pdbx_aniso_B_tensor_eigenvector_2_ortho[1]     ? 
_reflns.pdbx_aniso_B_tensor_eigenvector_2_ortho[2]     ? 
_reflns.pdbx_aniso_B_tensor_eigenvector_2_ortho[3]     ? 
_reflns.pdbx_aniso_B_tensor_eigenvector_3_ortho[1]     ? 
_reflns.pdbx_aniso_B_tensor_eigenvector_3_ortho[2]     ? 
_reflns.pdbx_aniso_B_tensor_eigenvector_3_ortho[3]     ? 
_reflns.pdbx_aniso_B_tensor_eigenvalue_1               ? 
_reflns.pdbx_aniso_B_tensor_eigenvalue_2               ? 
_reflns.pdbx_aniso_B_tensor_eigenvalue_3               ? 
_reflns.pdbx_orthogonalization_convention              ? 
_reflns.pdbx_percent_possible_ellipsoidal              ? 
_reflns.pdbx_percent_possible_spherical                ? 
_reflns.pdbx_percent_possible_ellipsoidal_anomalous    ? 
_reflns.pdbx_percent_possible_spherical_anomalous      ? 
_reflns.pdbx_redundancy_anomalous                      ? 
_reflns.pdbx_CC_half_anomalous                         ? 
_reflns.pdbx_absDiff_over_sigma_anomalous              ? 
_reflns.pdbx_percent_possible_anomalous                ? 
_reflns.pdbx_observed_signal_threshold                 ? 
_reflns.pdbx_signal_type                               ? 
_reflns.pdbx_signal_details                            ? 
_reflns.pdbx_signal_software_id                        ? 
# 
_reflns_shell.d_res_high                                    2.41 
_reflns_shell.d_res_low                                     2.50 
_reflns_shell.meanI_over_sigI_all                           ? 
_reflns_shell.meanI_over_sigI_obs                           ? 
_reflns_shell.number_measured_all                           ? 
_reflns_shell.number_measured_obs                           ? 
_reflns_shell.number_possible                               ? 
_reflns_shell.number_unique_all                             ? 
_reflns_shell.number_unique_obs                             883 
_reflns_shell.percent_possible_all                          ? 
_reflns_shell.percent_possible_obs                          ? 
_reflns_shell.Rmerge_F_all                                  ? 
_reflns_shell.Rmerge_F_obs                                  ? 
_reflns_shell.Rmerge_I_all                                  ? 
_reflns_shell.Rmerge_I_obs                                  0.235 
_reflns_shell.meanI_over_sigI_gt                            ? 
_reflns_shell.meanI_over_uI_all                             ? 
_reflns_shell.meanI_over_uI_gt                              ? 
_reflns_shell.number_measured_gt                            ? 
_reflns_shell.number_unique_gt                              ? 
_reflns_shell.percent_possible_gt                           ? 
_reflns_shell.Rmerge_F_gt                                   ? 
_reflns_shell.Rmerge_I_gt                                   ? 
_reflns_shell.pdbx_redundancy                               ? 
_reflns_shell.pdbx_Rsym_value                               ? 
_reflns_shell.pdbx_chi_squared                              ? 
_reflns_shell.pdbx_netI_over_sigmaI_all                     ? 
_reflns_shell.pdbx_netI_over_sigmaI_obs                     ? 
_reflns_shell.pdbx_Rrim_I_all                               0.267 
_reflns_shell.pdbx_Rpim_I_all                               0.125 
_reflns_shell.pdbx_rejects                                  ? 
_reflns_shell.pdbx_ordinal                                  1 
_reflns_shell.pdbx_diffrn_id                                1 
_reflns_shell.pdbx_CC_half                                  0.977 
_reflns_shell.pdbx_CC_star                                  ? 
_reflns_shell.pdbx_R_split                                  ? 
_reflns_shell.pdbx_percent_possible_ellipsoidal             ? 
_reflns_shell.pdbx_percent_possible_spherical               ? 
_reflns_shell.pdbx_percent_possible_ellipsoidal_anomalous   ? 
_reflns_shell.pdbx_percent_possible_spherical_anomalous     ? 
_reflns_shell.pdbx_redundancy_anomalous                     ? 
_reflns_shell.pdbx_CC_half_anomalous                        ? 
_reflns_shell.pdbx_absDiff_over_sigma_anomalous             ? 
_reflns_shell.pdbx_percent_possible_anomalous               ? 
# 
_refine.aniso_B[1][1]                            ? 
_refine.aniso_B[1][2]                            ? 
_refine.aniso_B[1][3]                            ? 
_refine.aniso_B[2][2]                            ? 
_refine.aniso_B[2][3]                            ? 
_refine.aniso_B[3][3]                            ? 
_refine.B_iso_max                                158.910 
_refine.B_iso_mean                               33.2301 
_refine.B_iso_min                                13.380 
_refine.correlation_coeff_Fo_to_Fc               ? 
_refine.correlation_coeff_Fo_to_Fc_free          ? 
_refine.details                                  ? 
_refine.diff_density_max                         ? 
_refine.diff_density_max_esd                     ? 
_refine.diff_density_min                         ? 
_refine.diff_density_min_esd                     ? 
_refine.diff_density_rms                         ? 
_refine.diff_density_rms_esd                     ? 
_refine.entry_id                                 7EFX 
_refine.pdbx_refine_id                           'X-RAY DIFFRACTION' 
_refine.ls_abs_structure_details                 ? 
_refine.ls_abs_structure_Flack                   ? 
_refine.ls_abs_structure_Flack_esd               ? 
_refine.ls_abs_structure_Rogers                  ? 
_refine.ls_abs_structure_Rogers_esd              ? 
_refine.ls_d_res_high                            2.41 
_refine.ls_d_res_low                             32.97 
_refine.ls_extinction_coef                       ? 
_refine.ls_extinction_coef_esd                   ? 
_refine.ls_extinction_expression                 ? 
_refine.ls_extinction_method                     ? 
_refine.ls_goodness_of_fit_all                   ? 
_refine.ls_goodness_of_fit_all_esd               ? 
_refine.ls_goodness_of_fit_obs                   ? 
_refine.ls_goodness_of_fit_obs_esd               ? 
_refine.ls_hydrogen_treatment                    ? 
_refine.ls_matrix_type                           ? 
_refine.ls_number_constraints                    ? 
_refine.ls_number_parameters                     ? 
_refine.ls_number_reflns_all                     ? 
_refine.ls_number_reflns_obs                     8596 
_refine.ls_number_reflns_R_free                  ? 
_refine.ls_number_reflns_R_work                  ? 
_refine.ls_number_restraints                     ? 
_refine.ls_percent_reflns_obs                    99.90 
_refine.ls_percent_reflns_R_free                 ? 
_refine.ls_R_factor_all                          ? 
_refine.ls_R_factor_obs                          ? 
_refine.ls_R_factor_R_free                       0.2762 
_refine.ls_R_factor_R_free_error                 ? 
_refine.ls_R_factor_R_free_error_details         ? 
_refine.ls_R_factor_R_work                       0.2226 
_refine.ls_R_Fsqd_factor_obs                     ? 
_refine.ls_R_I_factor_obs                        ? 
_refine.ls_redundancy_reflns_all                 ? 
_refine.ls_redundancy_reflns_obs                 ? 
_refine.ls_restrained_S_all                      ? 
_refine.ls_restrained_S_obs                      ? 
_refine.ls_shift_over_esd_max                    ? 
_refine.ls_shift_over_esd_mean                   ? 
_refine.ls_structure_factor_coef                 ? 
_refine.ls_weighting_details                     ? 
_refine.ls_weighting_scheme                      ? 
_refine.ls_wR_factor_all                         ? 
_refine.ls_wR_factor_obs                         ? 
_refine.ls_wR_factor_R_free                      ? 
_refine.ls_wR_factor_R_work                      ? 
_refine.occupancy_max                            ? 
_refine.occupancy_min                            ? 
_refine.solvent_model_details                    ? 
_refine.solvent_model_param_bsol                 ? 
_refine.solvent_model_param_ksol                 ? 
_refine.pdbx_R_complete                          ? 
_refine.ls_R_factor_gt                           ? 
_refine.ls_goodness_of_fit_gt                    ? 
_refine.ls_goodness_of_fit_ref                   ? 
_refine.ls_shift_over_su_max                     ? 
_refine.ls_shift_over_su_max_lt                  ? 
_refine.ls_shift_over_su_mean                    ? 
_refine.ls_shift_over_su_mean_lt                 ? 
_refine.pdbx_ls_sigma_I                          ? 
_refine.pdbx_ls_sigma_F                          ? 
_refine.pdbx_ls_sigma_Fsqd                       ? 
_refine.pdbx_data_cutoff_high_absF               ? 
_refine.pdbx_data_cutoff_high_rms_absF           ? 
_refine.pdbx_data_cutoff_low_absF                ? 
_refine.pdbx_isotropic_thermal_model             ? 
_refine.pdbx_ls_cross_valid_method               'FREE R-VALUE' 
_refine.pdbx_method_to_determine_struct          'MOLECULAR REPLACEMENT' 
_refine.pdbx_starting_model                      3NTP 
_refine.pdbx_stereochemistry_target_values       ? 
_refine.pdbx_R_Free_selection_details            ? 
_refine.pdbx_stereochem_target_val_spec_case     ? 
_refine.pdbx_overall_ESU_R                       ? 
_refine.pdbx_overall_ESU_R_Free                  ? 
_refine.pdbx_solvent_vdw_probe_radii             ? 
_refine.pdbx_solvent_ion_probe_radii             ? 
_refine.pdbx_solvent_shrinkage_radii             ? 
_refine.pdbx_real_space_R                        ? 
_refine.pdbx_density_correlation                 ? 
_refine.pdbx_pd_number_of_powder_patterns        ? 
_refine.pdbx_pd_number_of_points                 ? 
_refine.pdbx_pd_meas_number_of_points            ? 
_refine.pdbx_pd_proc_ls_prof_R_factor            ? 
_refine.pdbx_pd_proc_ls_prof_wR_factor           ? 
_refine.pdbx_pd_Marquardt_correlation_coeff      ? 
_refine.pdbx_pd_Fsqrd_R_factor                   ? 
_refine.pdbx_pd_ls_matrix_band_width             ? 
_refine.pdbx_overall_phase_error                 ? 
_refine.pdbx_overall_SU_R_free_Cruickshank_DPI   ? 
_refine.pdbx_overall_SU_R_free_Blow_DPI          ? 
_refine.pdbx_overall_SU_R_Blow_DPI               ? 
_refine.pdbx_TLS_residual_ADP_flag               ? 
_refine.pdbx_diffrn_id                           1 
_refine.overall_SU_B                             ? 
_refine.overall_SU_ML                            ? 
_refine.overall_SU_R_Cruickshank_DPI             ? 
_refine.overall_SU_R_free                        ? 
_refine.overall_FOM_free_R_set                   ? 
_refine.overall_FOM_work_R_set                   ? 
_refine.pdbx_average_fsc_overall                 ? 
_refine.pdbx_average_fsc_work                    ? 
_refine.pdbx_average_fsc_free                    ? 
# 
_refine_hist.pdbx_refine_id                   'X-RAY DIFFRACTION' 
_refine_hist.cycle_id                         LAST 
_refine_hist.details                          ? 
_refine_hist.d_res_high                       2.41 
_refine_hist.d_res_low                        32.97 
_refine_hist.number_atoms_solvent             68 
_refine_hist.number_atoms_total               1258 
_refine_hist.number_reflns_all                ? 
_refine_hist.number_reflns_obs                ? 
_refine_hist.number_reflns_R_free             ? 
_refine_hist.number_reflns_R_work             ? 
_refine_hist.R_factor_all                     ? 
_refine_hist.R_factor_obs                     ? 
_refine_hist.R_factor_R_free                  ? 
_refine_hist.R_factor_R_work                  ? 
_refine_hist.pdbx_number_residues_total       ? 
_refine_hist.pdbx_B_iso_mean_ligand           ? 
_refine_hist.pdbx_B_iso_mean_solvent          ? 
_refine_hist.pdbx_number_atoms_protein        1169 
_refine_hist.pdbx_number_atoms_nucleic_acid   0 
_refine_hist.pdbx_number_atoms_ligand         21 
_refine_hist.pdbx_number_atoms_lipid          ? 
_refine_hist.pdbx_number_atoms_carb           ? 
_refine_hist.pdbx_pseudo_atom_details         ? 
# 
_refine_ls_shell.pdbx_refine_id                   'X-RAY DIFFRACTION' 
_refine_ls_shell.d_res_high                       2.41 
_refine_ls_shell.d_res_low                        2.496 
_refine_ls_shell.number_reflns_all                ? 
_refine_ls_shell.number_reflns_obs                ? 
_refine_ls_shell.number_reflns_R_free             ? 
_refine_ls_shell.number_reflns_R_work             843 
_refine_ls_shell.percent_reflns_obs               100.00 
_refine_ls_shell.percent_reflns_R_free            ? 
_refine_ls_shell.R_factor_all                     ? 
_refine_ls_shell.R_factor_obs                     ? 
_refine_ls_shell.R_factor_R_free                  0.3213 
_refine_ls_shell.R_factor_R_free_error            ? 
_refine_ls_shell.R_factor_R_work                  0.2518 
_refine_ls_shell.redundancy_reflns_all            ? 
_refine_ls_shell.redundancy_reflns_obs            ? 
_refine_ls_shell.wR_factor_all                    ? 
_refine_ls_shell.wR_factor_obs                    ? 
_refine_ls_shell.wR_factor_R_free                 ? 
_refine_ls_shell.wR_factor_R_work                 ? 
_refine_ls_shell.pdbx_R_complete                  ? 
_refine_ls_shell.pdbx_total_number_of_bins_used   ? 
_refine_ls_shell.pdbx_phase_error                 ? 
_refine_ls_shell.pdbx_fsc_work                    ? 
_refine_ls_shell.pdbx_fsc_free                    ? 
# 
_struct.entry_id                     7EFX 
_struct.title                        'Crystal Structure of human PIN1 complexed with covalent inhibitor' 
_struct.pdbx_model_details           ? 
_struct.pdbx_formula_weight          ? 
_struct.pdbx_formula_weight_method   ? 
_struct.pdbx_model_type_details      ? 
_struct.pdbx_CASP_flag               N 
# 
_struct_keywords.entry_id        7EFX 
_struct_keywords.text            'Isomerase, inhibitor' 
_struct_keywords.pdbx_keywords   ISOMERASE 
# 
loop_
_struct_asym.id 
_struct_asym.pdbx_blank_PDB_chainid_flag 
_struct_asym.pdbx_modified 
_struct_asym.entity_id 
_struct_asym.details 
A N N 1 ? 
B N N 2 ? 
C N N 3 ? 
# 
_struct_ref.id                         1 
_struct_ref.db_name                    UNP 
_struct_ref.db_code                    PIN1_HUMAN 
_struct_ref.pdbx_db_accession          Q13526 
_struct_ref.pdbx_db_isoform            ? 
_struct_ref.entity_id                  1 
_struct_ref.pdbx_seq_one_letter_code   
;MADEEKLPPGWEKRMSRSSGRVYYFNHITNASQWERPSGNSSSGGKNGQGEPARVRCSHLLVKHSQSRRPSSWRQEKITR
TKEEALELINGYIQKIKSGEEDFESLASQFSDCSSAKARGDLGAFSRGQMQKPFEDASFALRTGEMSGPVFTDSGIHIIL
RTE
;
_struct_ref.pdbx_align_begin           1 
# 
_struct_ref_seq.align_id                      1 
_struct_ref_seq.ref_id                        1 
_struct_ref_seq.pdbx_PDB_id_code              7EFX 
_struct_ref_seq.pdbx_strand_id                A 
_struct_ref_seq.seq_align_beg                 21 
_struct_ref_seq.pdbx_seq_align_beg_ins_code   ? 
_struct_ref_seq.seq_align_end                 183 
_struct_ref_seq.pdbx_seq_align_end_ins_code   ? 
_struct_ref_seq.pdbx_db_accession             Q13526 
_struct_ref_seq.db_align_beg                  1 
_struct_ref_seq.pdbx_db_align_beg_ins_code    ? 
_struct_ref_seq.db_align_end                  163 
_struct_ref_seq.pdbx_db_align_end_ins_code    ? 
_struct_ref_seq.pdbx_auth_seq_align_beg       1 
_struct_ref_seq.pdbx_auth_seq_align_end       163 
# 
loop_
_struct_ref_seq_dif.align_id 
_struct_ref_seq_dif.pdbx_pdb_id_code 
_struct_ref_seq_dif.mon_id 
_struct_ref_seq_dif.pdbx_pdb_strand_id 
_struct_ref_seq_dif.seq_num 
_struct_ref_seq_dif.pdbx_pdb_ins_code 
_struct_ref_seq_dif.pdbx_seq_db_name 
_struct_ref_seq_dif.pdbx_seq_db_accession_code 
_struct_ref_seq_dif.db_mon_id 
_struct_ref_seq_dif.pdbx_seq_db_seq_num 
_struct_ref_seq_dif.details 
_struct_ref_seq_dif.pdbx_auth_seq_num 
_struct_ref_seq_dif.pdbx_ordinal 
1 7EFX MET A 1  ? UNP Q13526 ?   ?  'expression tag'      -19 1  
1 7EFX GLY A 2  ? UNP Q13526 ?   ?  'expression tag'      -18 2  
1 7EFX SER A 3  ? UNP Q13526 ?   ?  'expression tag'      -17 3  
1 7EFX SER A 4  ? UNP Q13526 ?   ?  'expression tag'      -16 4  
1 7EFX HIS A 5  ? UNP Q13526 ?   ?  'expression tag'      -15 5  
1 7EFX HIS A 6  ? UNP Q13526 ?   ?  'expression tag'      -14 6  
1 7EFX HIS A 7  ? UNP Q13526 ?   ?  'expression tag'      -13 7  
1 7EFX HIS A 8  ? UNP Q13526 ?   ?  'expression tag'      -12 8  
1 7EFX HIS A 9  ? UNP Q13526 ?   ?  'expression tag'      -11 9  
1 7EFX HIS A 10 ? UNP Q13526 ?   ?  'expression tag'      -10 10 
1 7EFX SER A 11 ? UNP Q13526 ?   ?  'expression tag'      -9  11 
1 7EFX SER A 12 ? UNP Q13526 ?   ?  'expression tag'      -8  12 
1 7EFX GLY A 13 ? UNP Q13526 ?   ?  'expression tag'      -7  13 
1 7EFX LEU A 14 ? UNP Q13526 ?   ?  'expression tag'      -6  14 
1 7EFX VAL A 15 ? UNP Q13526 ?   ?  'expression tag'      -5  15 
1 7EFX PRO A 16 ? UNP Q13526 ?   ?  'expression tag'      -4  16 
1 7EFX ARG A 17 ? UNP Q13526 ?   ?  'expression tag'      -3  17 
1 7EFX GLY A 18 ? UNP Q13526 ?   ?  'expression tag'      -2  18 
1 7EFX SER A 19 ? UNP Q13526 ?   ?  'expression tag'      -1  19 
1 7EFX HIS A 20 ? UNP Q13526 ?   ?  'expression tag'      0   20 
1 7EFX ALA A 34 ? UNP Q13526 ARG 14 'engineered mutation' 14  21 
# 
_pdbx_struct_assembly.id                   1 
_pdbx_struct_assembly.details              author_defined_assembly 
_pdbx_struct_assembly.method_details       ? 
_pdbx_struct_assembly.oligomeric_details   monomeric 
_pdbx_struct_assembly.oligomeric_count     1 
# 
loop_
_pdbx_struct_assembly_prop.biol_id 
_pdbx_struct_assembly_prop.type 
_pdbx_struct_assembly_prop.value 
_pdbx_struct_assembly_prop.details 
1 'ABSA (A^2)' 0    ? 
1 MORE         0    ? 
1 'SSA (A^2)'  8230 ? 
# 
_pdbx_struct_assembly_gen.assembly_id       1 
_pdbx_struct_assembly_gen.oper_expression   1 
_pdbx_struct_assembly_gen.asym_id_list      A,B,C 
# 
_pdbx_struct_assembly_auth_evidence.id                     1 
_pdbx_struct_assembly_auth_evidence.assembly_id            1 
_pdbx_struct_assembly_auth_evidence.experimental_support   'gel filtration' 
_pdbx_struct_assembly_auth_evidence.details                ? 
# 
_pdbx_struct_oper_list.id                   1 
_pdbx_struct_oper_list.type                 'identity operation' 
_pdbx_struct_oper_list.name                 1_555 
_pdbx_struct_oper_list.symmetry_operation   x,y,z 
_pdbx_struct_oper_list.matrix[1][1]         1.0000000000 
_pdbx_struct_oper_list.matrix[1][2]         0.0000000000 
_pdbx_struct_oper_list.matrix[1][3]         0.0000000000 
_pdbx_struct_oper_list.vector[1]            0.0000000000 
_pdbx_struct_oper_list.matrix[2][1]         0.0000000000 
_pdbx_struct_oper_list.matrix[2][2]         1.0000000000 
_pdbx_struct_oper_list.matrix[2][3]         0.0000000000 
_pdbx_struct_oper_list.vector[2]            0.0000000000 
_pdbx_struct_oper_list.matrix[3][1]         0.0000000000 
_pdbx_struct_oper_list.matrix[3][2]         0.0000000000 
_pdbx_struct_oper_list.matrix[3][3]         1.0000000000 
_pdbx_struct_oper_list.vector[3]            0.0000000000 
# 
loop_
_struct_conf.conf_type_id 
_struct_conf.id 
_struct_conf.pdbx_PDB_helix_id 
_struct_conf.beg_label_comp_id 
_struct_conf.beg_label_asym_id 
_struct_conf.beg_label_seq_id 
_struct_conf.pdbx_beg_PDB_ins_code 
_struct_conf.end_label_comp_id 
_struct_conf.end_label_asym_id 
_struct_conf.end_label_seq_id 
_struct_conf.pdbx_end_PDB_ins_code 
_struct_conf.beg_auth_comp_id 
_struct_conf.beg_auth_asym_id 
_struct_conf.beg_auth_seq_id 
_struct_conf.end_auth_comp_id 
_struct_conf.end_auth_asym_id 
_struct_conf.end_auth_seq_id 
_struct_conf.pdbx_PDB_helix_class 
_struct_conf.details 
_struct_conf.pdbx_PDB_helix_length 
HELX_P HELX_P1 AA1 THR A 101 ? SER A 118 ? THR A 81  SER A 98  1 ? 18 
HELX_P HELX_P2 AA2 ASP A 122 ? SER A 131 ? ASP A 102 SER A 111 1 ? 10 
HELX_P HELX_P3 AA3 CYS A 133 ? ARG A 139 ? CYS A 113 ARG A 119 5 ? 7  
HELX_P HELX_P4 AA4 GLN A 151 ? LEU A 161 ? GLN A 131 LEU A 141 1 ? 11 
# 
_struct_conf_type.id          HELX_P 
_struct_conf_type.criteria    ? 
_struct_conf_type.reference   ? 
# 
_struct_conn.id                            covale1 
_struct_conn.conn_type_id                  covale 
_struct_conn.pdbx_leaving_atom_flag        none 
_struct_conn.pdbx_PDB_id                   ? 
_struct_conn.ptnr1_label_asym_id           A 
_struct_conn.ptnr1_label_comp_id           CYS 
_struct_conn.ptnr1_label_seq_id            133 
_struct_conn.ptnr1_label_atom_id           SG 
_struct_conn.pdbx_ptnr1_label_alt_id       ? 
_struct_conn.pdbx_ptnr1_PDB_ins_code       ? 
_struct_conn.pdbx_ptnr1_standard_comp_id   ? 
_struct_conn.ptnr1_symmetry                1_555 
_struct_conn.ptnr2_label_asym_id           B 
_struct_conn.ptnr2_label_comp_id           J3X 
_struct_conn.ptnr2_label_seq_id            . 
_struct_conn.ptnr2_label_atom_id           C14 
_struct_conn.pdbx_ptnr2_label_alt_id       ? 
_struct_conn.pdbx_ptnr2_PDB_ins_code       ? 
_struct_conn.ptnr1_auth_asym_id            A 
_struct_conn.ptnr1_auth_comp_id            CYS 
_struct_conn.ptnr1_auth_seq_id             113 
_struct_conn.ptnr2_auth_asym_id            A 
_struct_conn.ptnr2_auth_comp_id            J3X 
_struct_conn.ptnr2_auth_seq_id             201 
_struct_conn.ptnr2_symmetry                1_555 
_struct_conn.pdbx_ptnr3_label_atom_id      ? 
_struct_conn.pdbx_ptnr3_label_seq_id       ? 
_struct_conn.pdbx_ptnr3_label_comp_id      ? 
_struct_conn.pdbx_ptnr3_label_asym_id      ? 
_struct_conn.pdbx_ptnr3_label_alt_id       ? 
_struct_conn.pdbx_ptnr3_PDB_ins_code       ? 
_struct_conn.details                       ? 
_struct_conn.pdbx_dist_value               1.628 
_struct_conn.pdbx_value_order              ? 
_struct_conn.pdbx_role                     ? 
# 
_struct_conn_type.id          covale 
_struct_conn_type.criteria    ? 
_struct_conn_type.reference   ? 
# 
_pdbx_modification_feature.ordinal                            1 
_pdbx_modification_feature.label_comp_id                      J3X 
_pdbx_modification_feature.label_asym_id                      B 
_pdbx_modification_feature.label_seq_id                       . 
_pdbx_modification_feature.label_alt_id                       ? 
_pdbx_modification_feature.modified_residue_label_comp_id     CYS 
_pdbx_modification_feature.modified_residue_label_asym_id     A 
_pdbx_modification_feature.modified_residue_label_seq_id      133 
_pdbx_modification_feature.modified_residue_label_alt_id      ? 
_pdbx_modification_feature.auth_comp_id                       J3X 
_pdbx_modification_feature.auth_asym_id                       A 
_pdbx_modification_feature.auth_seq_id                        201 
_pdbx_modification_feature.PDB_ins_code                       ? 
_pdbx_modification_feature.symmetry                           1_555 
_pdbx_modification_feature.modified_residue_auth_comp_id      CYS 
_pdbx_modification_feature.modified_residue_auth_asym_id      A 
_pdbx_modification_feature.modified_residue_auth_seq_id       113 
_pdbx_modification_feature.modified_residue_PDB_ins_code      ? 
_pdbx_modification_feature.modified_residue_symmetry          1_555 
_pdbx_modification_feature.comp_id_linking_atom               C14 
_pdbx_modification_feature.modified_residue_id_linking_atom   SG 
_pdbx_modification_feature.modified_residue_id                CYS 
_pdbx_modification_feature.ref_pcm_id                         1 
_pdbx_modification_feature.ref_comp_id                        J3X 
_pdbx_modification_feature.type                               None 
_pdbx_modification_feature.category                           'Covalent chemical modification' 
# 
loop_
_struct_sheet.id 
_struct_sheet.type 
_struct_sheet.number_strands 
_struct_sheet.details 
AA1 ? 3 ? 
AA2 ? 4 ? 
# 
loop_
_struct_sheet_order.sheet_id 
_struct_sheet_order.range_id_1 
_struct_sheet_order.range_id_2 
_struct_sheet_order.offset 
_struct_sheet_order.sense 
AA1 1 2 ? anti-parallel 
AA1 2 3 ? anti-parallel 
AA2 1 2 ? anti-parallel 
AA2 2 3 ? anti-parallel 
AA2 3 4 ? anti-parallel 
# 
loop_
_struct_sheet_range.sheet_id 
_struct_sheet_range.id 
_struct_sheet_range.beg_label_comp_id 
_struct_sheet_range.beg_label_asym_id 
_struct_sheet_range.beg_label_seq_id 
_struct_sheet_range.pdbx_beg_PDB_ins_code 
_struct_sheet_range.end_label_comp_id 
_struct_sheet_range.end_label_asym_id 
_struct_sheet_range.end_label_seq_id 
_struct_sheet_range.pdbx_end_PDB_ins_code 
_struct_sheet_range.beg_auth_comp_id 
_struct_sheet_range.beg_auth_asym_id 
_struct_sheet_range.beg_auth_seq_id 
_struct_sheet_range.end_auth_comp_id 
_struct_sheet_range.end_auth_asym_id 
_struct_sheet_range.end_auth_seq_id 
AA1 1 TRP A 31  ? MET A 35  ? TRP A 11  MET A 15  
AA1 2 VAL A 42  ? ASN A 46  ? VAL A 22  ASN A 26  
AA1 3 SER A 52  ? GLN A 53  ? SER A 32  GLN A 33  
AA2 1 ASP A 141 ? PHE A 145 ? ASP A 121 PHE A 125 
AA2 2 VAL A 75  ? VAL A 82  ? VAL A 55  VAL A 62  
AA2 3 ILE A 176 ? GLU A 183 ? ILE A 156 GLU A 163 
AA2 4 VAL A 170 ? PHE A 171 ? VAL A 150 PHE A 151 
# 
loop_
_pdbx_struct_sheet_hbond.sheet_id 
_pdbx_struct_sheet_hbond.range_id_1 
_pdbx_struct_sheet_hbond.range_id_2 
_pdbx_struct_sheet_hbond.range_1_label_atom_id 
_pdbx_struct_sheet_hbond.range_1_label_comp_id 
_pdbx_struct_sheet_hbond.range_1_label_asym_id 
_pdbx_struct_sheet_hbond.range_1_label_seq_id 
_pdbx_struct_sheet_hbond.range_1_PDB_ins_code 
_pdbx_struct_sheet_hbond.range_1_auth_atom_id 
_pdbx_struct_sheet_hbond.range_1_auth_comp_id 
_pdbx_struct_sheet_hbond.range_1_auth_asym_id 
_pdbx_struct_sheet_hbond.range_1_auth_seq_id 
_pdbx_struct_sheet_hbond.range_2_label_atom_id 
_pdbx_struct_sheet_hbond.range_2_label_comp_id 
_pdbx_struct_sheet_hbond.range_2_label_asym_id 
_pdbx_struct_sheet_hbond.range_2_label_seq_id 
_pdbx_struct_sheet_hbond.range_2_PDB_ins_code 
_pdbx_struct_sheet_hbond.range_2_auth_atom_id 
_pdbx_struct_sheet_hbond.range_2_auth_comp_id 
_pdbx_struct_sheet_hbond.range_2_auth_asym_id 
_pdbx_struct_sheet_hbond.range_2_auth_seq_id 
AA1 1 2 N GLU A 32  ? N GLU A 12  O PHE A 45  ? O PHE A 25  
AA1 2 3 N TYR A 44  ? N TYR A 24  O GLN A 53  ? O GLN A 33  
AA2 1 2 O LEU A 142 ? O LEU A 122 N CYS A 77  ? N CYS A 57  
AA2 2 3 N SER A 78  ? N SER A 58  O LEU A 180 ? O LEU A 160 
AA2 3 4 O HIS A 177 ? O HIS A 157 N VAL A 170 ? N VAL A 150 
# 
_pdbx_entry_details.entry_id                   7EFX 
_pdbx_entry_details.has_ligand_of_interest     Y 
_pdbx_entry_details.compound_details           ? 
_pdbx_entry_details.source_details             ? 
_pdbx_entry_details.nonpolymer_details         ? 
_pdbx_entry_details.sequence_details           ? 
_pdbx_entry_details.has_protein_modification   Y 
# 
loop_
_pdbx_validate_torsion.id 
_pdbx_validate_torsion.PDB_model_num 
_pdbx_validate_torsion.auth_comp_id 
_pdbx_validate_torsion.auth_asym_id 
_pdbx_validate_torsion.auth_seq_id 
_pdbx_validate_torsion.PDB_ins_code 
_pdbx_validate_torsion.label_alt_id 
_pdbx_validate_torsion.phi 
_pdbx_validate_torsion.psi 
1 1 LEU A 7   ? ? 72.19   123.97 
2 1 GLN A 75  ? ? -167.46 112.70 
3 1 ASP A 112 ? ? -87.68  31.66  
# 
loop_
_pdbx_validate_planes.id 
_pdbx_validate_planes.PDB_model_num 
_pdbx_validate_planes.auth_comp_id 
_pdbx_validate_planes.auth_asym_id 
_pdbx_validate_planes.auth_seq_id 
_pdbx_validate_planes.PDB_ins_code 
_pdbx_validate_planes.label_alt_id 
_pdbx_validate_planes.rmsd 
_pdbx_validate_planes.type 
1 1 ARG A 17  ? ? 0.229 'SIDE CHAIN' 
2 1 ARG A 21  ? ? 0.097 'SIDE CHAIN' 
3 1 ARG A 56  ? ? 0.082 'SIDE CHAIN' 
4 1 ARG A 69  ? ? 0.179 'SIDE CHAIN' 
5 1 ARG A 142 ? ? 0.122 'SIDE CHAIN' 
# 
_pdbx_distant_solvent_atoms.id                                1 
_pdbx_distant_solvent_atoms.PDB_model_num                     1 
_pdbx_distant_solvent_atoms.auth_atom_id                      O 
_pdbx_distant_solvent_atoms.label_alt_id                      ? 
_pdbx_distant_solvent_atoms.auth_asym_id                      A 
_pdbx_distant_solvent_atoms.auth_comp_id                      HOH 
_pdbx_distant_solvent_atoms.auth_seq_id                       368 
_pdbx_distant_solvent_atoms.PDB_ins_code                      ? 
_pdbx_distant_solvent_atoms.neighbor_macromolecule_distance   6.77 
_pdbx_distant_solvent_atoms.neighbor_ligand_distance          . 
# 
loop_
_pdbx_unobs_or_zero_occ_residues.id 
_pdbx_unobs_or_zero_occ_residues.PDB_model_num 
_pdbx_unobs_or_zero_occ_residues.polymer_flag 
_pdbx_unobs_or_zero_occ_residues.occupancy_flag 
_pdbx_unobs_or_zero_occ_residues.auth_asym_id 
_pdbx_unobs_or_zero_occ_residues.auth_comp_id 
_pdbx_unobs_or_zero_occ_residues.auth_seq_id 
_pdbx_unobs_or_zero_occ_residues.PDB_ins_code 
_pdbx_unobs_or_zero_occ_residues.label_asym_id 
_pdbx_unobs_or_zero_occ_residues.label_comp_id 
_pdbx_unobs_or_zero_occ_residues.label_seq_id 
1  1 Y 1 A MET -19 ? A MET 1  
2  1 Y 1 A GLY -18 ? A GLY 2  
3  1 Y 1 A SER -17 ? A SER 3  
4  1 Y 1 A SER -16 ? A SER 4  
5  1 Y 1 A HIS -15 ? A HIS 5  
6  1 Y 1 A HIS -14 ? A HIS 6  
7  1 Y 1 A HIS -13 ? A HIS 7  
8  1 Y 1 A HIS -12 ? A HIS 8  
9  1 Y 1 A HIS -11 ? A HIS 9  
10 1 Y 1 A HIS -10 ? A HIS 10 
11 1 Y 1 A SER -9  ? A SER 11 
12 1 Y 1 A SER -8  ? A SER 12 
13 1 Y 1 A GLY -7  ? A GLY 13 
14 1 Y 1 A LEU -6  ? A LEU 14 
15 1 Y 1 A VAL -5  ? A VAL 15 
16 1 Y 1 A PRO -4  ? A PRO 16 
17 1 Y 1 A ARG -3  ? A ARG 17 
18 1 Y 1 A GLY -2  ? A GLY 18 
19 1 Y 1 A SER -1  ? A SER 19 
20 1 Y 1 A HIS 0   ? A HIS 20 
21 1 Y 1 A MET 1   ? A MET 21 
22 1 Y 1 A ALA 2   ? A ALA 22 
23 1 Y 1 A ASP 3   ? A ASP 23 
24 1 Y 1 A GLU 4   ? A GLU 24 
25 1 Y 1 A GLU 5   ? A GLU 25 
26 1 Y 1 A GLY 39  ? A GLY 59 
27 1 Y 1 A ASN 40  ? A ASN 60 
28 1 Y 1 A SER 41  ? A SER 61 
29 1 Y 1 A SER 42  ? A SER 62 
30 1 Y 1 A SER 43  ? A SER 63 
31 1 Y 1 A GLY 44  ? A GLY 64 
32 1 Y 1 A GLY 45  ? A GLY 65 
33 1 Y 1 A LYS 46  ? A LYS 66 
34 1 Y 1 A ASN 47  ? A ASN 67 
35 1 Y 1 A GLY 48  ? A GLY 68 
36 1 Y 1 A GLN 49  ? A GLN 69 
# 
loop_
_chem_comp_atom.comp_id 
_chem_comp_atom.atom_id 
_chem_comp_atom.type_symbol 
_chem_comp_atom.pdbx_aromatic_flag 
_chem_comp_atom.pdbx_stereo_config 
_chem_comp_atom.pdbx_ordinal 
ALA N    N  N N 1   
ALA CA   C  N S 2   
ALA C    C  N N 3   
ALA O    O  N N 4   
ALA CB   C  N N 5   
ALA OXT  O  N N 6   
ALA H    H  N N 7   
ALA H2   H  N N 8   
ALA HA   H  N N 9   
ALA HB1  H  N N 10  
ALA HB2  H  N N 11  
ALA HB3  H  N N 12  
ALA HXT  H  N N 13  
ARG N    N  N N 14  
ARG CA   C  N S 15  
ARG C    C  N N 16  
ARG O    O  N N 17  
ARG CB   C  N N 18  
ARG CG   C  N N 19  
ARG CD   C  N N 20  
ARG NE   N  N N 21  
ARG CZ   C  N N 22  
ARG NH1  N  N N 23  
ARG NH2  N  N N 24  
ARG OXT  O  N N 25  
ARG H    H  N N 26  
ARG H2   H  N N 27  
ARG HA   H  N N 28  
ARG HB2  H  N N 29  
ARG HB3  H  N N 30  
ARG HG2  H  N N 31  
ARG HG3  H  N N 32  
ARG HD2  H  N N 33  
ARG HD3  H  N N 34  
ARG HE   H  N N 35  
ARG HH11 H  N N 36  
ARG HH12 H  N N 37  
ARG HH21 H  N N 38  
ARG HH22 H  N N 39  
ARG HXT  H  N N 40  
ASN N    N  N N 41  
ASN CA   C  N S 42  
ASN C    C  N N 43  
ASN O    O  N N 44  
ASN CB   C  N N 45  
ASN CG   C  N N 46  
ASN OD1  O  N N 47  
ASN ND2  N  N N 48  
ASN OXT  O  N N 49  
ASN H    H  N N 50  
ASN H2   H  N N 51  
ASN HA   H  N N 52  
ASN HB2  H  N N 53  
ASN HB3  H  N N 54  
ASN HD21 H  N N 55  
ASN HD22 H  N N 56  
ASN HXT  H  N N 57  
ASP N    N  N N 58  
ASP CA   C  N S 59  
ASP C    C  N N 60  
ASP O    O  N N 61  
ASP CB   C  N N 62  
ASP CG   C  N N 63  
ASP OD1  O  N N 64  
ASP OD2  O  N N 65  
ASP OXT  O  N N 66  
ASP H    H  N N 67  
ASP H2   H  N N 68  
ASP HA   H  N N 69  
ASP HB2  H  N N 70  
ASP HB3  H  N N 71  
ASP HD2  H  N N 72  
ASP HXT  H  N N 73  
CYS N    N  N N 74  
CYS CA   C  N R 75  
CYS C    C  N N 76  
CYS O    O  N N 77  
CYS CB   C  N N 78  
CYS SG   S  N N 79  
CYS OXT  O  N N 80  
CYS H    H  N N 81  
CYS H2   H  N N 82  
CYS HA   H  N N 83  
CYS HB2  H  N N 84  
CYS HB3  H  N N 85  
CYS HG   H  N N 86  
CYS HXT  H  N N 87  
GLN N    N  N N 88  
GLN CA   C  N S 89  
GLN C    C  N N 90  
GLN O    O  N N 91  
GLN CB   C  N N 92  
GLN CG   C  N N 93  
GLN CD   C  N N 94  
GLN OE1  O  N N 95  
GLN NE2  N  N N 96  
GLN OXT  O  N N 97  
GLN H    H  N N 98  
GLN H2   H  N N 99  
GLN HA   H  N N 100 
GLN HB2  H  N N 101 
GLN HB3  H  N N 102 
GLN HG2  H  N N 103 
GLN HG3  H  N N 104 
GLN HE21 H  N N 105 
GLN HE22 H  N N 106 
GLN HXT  H  N N 107 
GLU N    N  N N 108 
GLU CA   C  N S 109 
GLU C    C  N N 110 
GLU O    O  N N 111 
GLU CB   C  N N 112 
GLU CG   C  N N 113 
GLU CD   C  N N 114 
GLU OE1  O  N N 115 
GLU OE2  O  N N 116 
GLU OXT  O  N N 117 
GLU H    H  N N 118 
GLU H2   H  N N 119 
GLU HA   H  N N 120 
GLU HB2  H  N N 121 
GLU HB3  H  N N 122 
GLU HG2  H  N N 123 
GLU HG3  H  N N 124 
GLU HE2  H  N N 125 
GLU HXT  H  N N 126 
GLY N    N  N N 127 
GLY CA   C  N N 128 
GLY C    C  N N 129 
GLY O    O  N N 130 
GLY OXT  O  N N 131 
GLY H    H  N N 132 
GLY H2   H  N N 133 
GLY HA2  H  N N 134 
GLY HA3  H  N N 135 
GLY HXT  H  N N 136 
HIS N    N  N N 137 
HIS CA   C  N S 138 
HIS C    C  N N 139 
HIS O    O  N N 140 
HIS CB   C  N N 141 
HIS CG   C  Y N 142 
HIS ND1  N  Y N 143 
HIS CD2  C  Y N 144 
HIS CE1  C  Y N 145 
HIS NE2  N  Y N 146 
HIS OXT  O  N N 147 
HIS H    H  N N 148 
HIS H2   H  N N 149 
HIS HA   H  N N 150 
HIS HB2  H  N N 151 
HIS HB3  H  N N 152 
HIS HD1  H  N N 153 
HIS HD2  H  N N 154 
HIS HE1  H  N N 155 
HIS HE2  H  N N 156 
HIS HXT  H  N N 157 
HOH O    O  N N 158 
HOH H1   H  N N 159 
HOH H2   H  N N 160 
ILE N    N  N N 161 
ILE CA   C  N S 162 
ILE C    C  N N 163 
ILE O    O  N N 164 
ILE CB   C  N S 165 
ILE CG1  C  N N 166 
ILE CG2  C  N N 167 
ILE CD1  C  N N 168 
ILE OXT  O  N N 169 
ILE H    H  N N 170 
ILE H2   H  N N 171 
ILE HA   H  N N 172 
ILE HB   H  N N 173 
ILE HG12 H  N N 174 
ILE HG13 H  N N 175 
ILE HG21 H  N N 176 
ILE HG22 H  N N 177 
ILE HG23 H  N N 178 
ILE HD11 H  N N 179 
ILE HD12 H  N N 180 
ILE HD13 H  N N 181 
ILE HXT  H  N N 182 
J3X C1   C  Y N 183 
J3X C2   C  Y N 184 
J3X C3   C  Y N 185 
J3X C4   C  Y N 186 
J3X C5   C  N N 187 
J3X C6   C  N N 188 
J3X N1   N  N N 189 
J3X S1   S  N N 190 
J3X C7   C  N N 191 
J3X C8   C  N N 192 
J3X C9   C  N N 193 
J3X O1   O  Y N 194 
J3X C10  C  N N 195 
J3X O2   O  N N 196 
J3X C11  C  N N 197 
J3X C12  C  N N 198 
J3X C13  C  N N 199 
J3X C14  C  N N 200 
J3X O3   O  N N 201 
J3X N2   N  N N 202 
J3X BR1  BR N N 203 
J3X H1   H  N N 204 
J3X H2   H  N N 205 
J3X H3   H  N N 206 
J3X H4   H  N N 207 
J3X H5   H  N N 208 
J3X H6   H  N N 209 
J3X H7   H  N N 210 
J3X H8   H  N N 211 
J3X H9   H  N N 212 
J3X H10  H  N N 213 
J3X H11  H  N N 214 
J3X H12  H  N N 215 
J3X H13  H  N N 216 
J3X H14  H  N N 217 
J3X H15  H  N N 218 
J3X CL1  CL N N 219 
J3X H17  H  N N 220 
LEU N    N  N N 221 
LEU CA   C  N S 222 
LEU C    C  N N 223 
LEU O    O  N N 224 
LEU CB   C  N N 225 
LEU CG   C  N N 226 
LEU CD1  C  N N 227 
LEU CD2  C  N N 228 
LEU OXT  O  N N 229 
LEU H    H  N N 230 
LEU H2   H  N N 231 
LEU HA   H  N N 232 
LEU HB2  H  N N 233 
LEU HB3  H  N N 234 
LEU HG   H  N N 235 
LEU HD11 H  N N 236 
LEU HD12 H  N N 237 
LEU HD13 H  N N 238 
LEU HD21 H  N N 239 
LEU HD22 H  N N 240 
LEU HD23 H  N N 241 
LEU HXT  H  N N 242 
LYS N    N  N N 243 
LYS CA   C  N S 244 
LYS C    C  N N 245 
LYS O    O  N N 246 
LYS CB   C  N N 247 
LYS CG   C  N N 248 
LYS CD   C  N N 249 
LYS CE   C  N N 250 
LYS NZ   N  N N 251 
LYS OXT  O  N N 252 
LYS H    H  N N 253 
LYS H2   H  N N 254 
LYS HA   H  N N 255 
LYS HB2  H  N N 256 
LYS HB3  H  N N 257 
LYS HG2  H  N N 258 
LYS HG3  H  N N 259 
LYS HD2  H  N N 260 
LYS HD3  H  N N 261 
LYS HE2  H  N N 262 
LYS HE3  H  N N 263 
LYS HZ1  H  N N 264 
LYS HZ2  H  N N 265 
LYS HZ3  H  N N 266 
LYS HXT  H  N N 267 
MET N    N  N N 268 
MET CA   C  N S 269 
MET C    C  N N 270 
MET O    O  N N 271 
MET CB   C  N N 272 
MET CG   C  N N 273 
MET SD   S  N N 274 
MET CE   C  N N 275 
MET OXT  O  N N 276 
MET H    H  N N 277 
MET H2   H  N N 278 
MET HA   H  N N 279 
MET HB2  H  N N 280 
MET HB3  H  N N 281 
MET HG2  H  N N 282 
MET HG3  H  N N 283 
MET HE1  H  N N 284 
MET HE2  H  N N 285 
MET HE3  H  N N 286 
MET HXT  H  N N 287 
PHE N    N  N N 288 
PHE CA   C  N S 289 
PHE C    C  N N 290 
PHE O    O  N N 291 
PHE CB   C  N N 292 
PHE CG   C  Y N 293 
PHE CD1  C  Y N 294 
PHE CD2  C  Y N 295 
PHE CE1  C  Y N 296 
PHE CE2  C  Y N 297 
PHE CZ   C  Y N 298 
PHE OXT  O  N N 299 
PHE H    H  N N 300 
PHE H2   H  N N 301 
PHE HA   H  N N 302 
PHE HB2  H  N N 303 
PHE HB3  H  N N 304 
PHE HD1  H  N N 305 
PHE HD2  H  N N 306 
PHE HE1  H  N N 307 
PHE HE2  H  N N 308 
PHE HZ   H  N N 309 
PHE HXT  H  N N 310 
PRO N    N  N N 311 
PRO CA   C  N S 312 
PRO C    C  N N 313 
PRO O    O  N N 314 
PRO CB   C  N N 315 
PRO CG   C  N N 316 
PRO CD   C  N N 317 
PRO OXT  O  N N 318 
PRO H    H  N N 319 
PRO HA   H  N N 320 
PRO HB2  H  N N 321 
PRO HB3  H  N N 322 
PRO HG2  H  N N 323 
PRO HG3  H  N N 324 
PRO HD2  H  N N 325 
PRO HD3  H  N N 326 
PRO HXT  H  N N 327 
SER N    N  N N 328 
SER CA   C  N S 329 
SER C    C  N N 330 
SER O    O  N N 331 
SER CB   C  N N 332 
SER OG   O  N N 333 
SER OXT  O  N N 334 
SER H    H  N N 335 
SER H2   H  N N 336 
SER HA   H  N N 337 
SER HB2  H  N N 338 
SER HB3  H  N N 339 
SER HG   H  N N 340 
SER HXT  H  N N 341 
THR N    N  N N 342 
THR CA   C  N S 343 
THR C    C  N N 344 
THR O    O  N N 345 
THR CB   C  N R 346 
THR OG1  O  N N 347 
THR CG2  C  N N 348 
THR OXT  O  N N 349 
THR H    H  N N 350 
THR H2   H  N N 351 
THR HA   H  N N 352 
THR HB   H  N N 353 
THR HG1  H  N N 354 
THR HG21 H  N N 355 
THR HG22 H  N N 356 
THR HG23 H  N N 357 
THR HXT  H  N N 358 
TRP N    N  N N 359 
TRP CA   C  N S 360 
TRP C    C  N N 361 
TRP O    O  N N 362 
TRP CB   C  N N 363 
TRP CG   C  Y N 364 
TRP CD1  C  Y N 365 
TRP CD2  C  Y N 366 
TRP NE1  N  Y N 367 
TRP CE2  C  Y N 368 
TRP CE3  C  Y N 369 
TRP CZ2  C  Y N 370 
TRP CZ3  C  Y N 371 
TRP CH2  C  Y N 372 
TRP OXT  O  N N 373 
TRP H    H  N N 374 
TRP H2   H  N N 375 
TRP HA   H  N N 376 
TRP HB2  H  N N 377 
TRP HB3  H  N N 378 
TRP HD1  H  N N 379 
TRP HE1  H  N N 380 
TRP HE3  H  N N 381 
TRP HZ2  H  N N 382 
TRP HZ3  H  N N 383 
TRP HH2  H  N N 384 
TRP HXT  H  N N 385 
TYR N    N  N N 386 
TYR CA   C  N S 387 
TYR C    C  N N 388 
TYR O    O  N N 389 
TYR CB   C  N N 390 
TYR CG   C  Y N 391 
TYR CD1  C  Y N 392 
TYR CD2  C  Y N 393 
TYR CE1  C  Y N 394 
TYR CE2  C  Y N 395 
TYR CZ   C  Y N 396 
TYR OH   O  N N 397 
TYR OXT  O  N N 398 
TYR H    H  N N 399 
TYR H2   H  N N 400 
TYR HA   H  N N 401 
TYR HB2  H  N N 402 
TYR HB3  H  N N 403 
TYR HD1  H  N N 404 
TYR HD2  H  N N 405 
TYR HE1  H  N N 406 
TYR HE2  H  N N 407 
TYR HH   H  N N 408 
TYR HXT  H  N N 409 
VAL N    N  N N 410 
VAL CA   C  N S 411 
VAL C    C  N N 412 
VAL O    O  N N 413 
VAL CB   C  N N 414 
VAL CG1  C  N N 415 
VAL CG2  C  N N 416 
VAL OXT  O  N N 417 
VAL H    H  N N 418 
VAL H2   H  N N 419 
VAL HA   H  N N 420 
VAL HB   H  N N 421 
VAL HG11 H  N N 422 
VAL HG12 H  N N 423 
VAL HG13 H  N N 424 
VAL HG21 H  N N 425 
VAL HG22 H  N N 426 
VAL HG23 H  N N 427 
VAL HXT  H  N N 428 
# 
loop_
_chem_comp_bond.comp_id 
_chem_comp_bond.atom_id_1 
_chem_comp_bond.atom_id_2 
_chem_comp_bond.value_order 
_chem_comp_bond.pdbx_aromatic_flag 
_chem_comp_bond.pdbx_stereo_config 
_chem_comp_bond.pdbx_ordinal 
ALA N   CA   sing N N 1   
ALA N   H    sing N N 2   
ALA N   H2   sing N N 3   
ALA CA  C    sing N N 4   
ALA CA  CB   sing N N 5   
ALA CA  HA   sing N N 6   
ALA C   O    doub N N 7   
ALA C   OXT  sing N N 8   
ALA CB  HB1  sing N N 9   
ALA CB  HB2  sing N N 10  
ALA CB  HB3  sing N N 11  
ALA OXT HXT  sing N N 12  
ARG N   CA   sing N N 13  
ARG N   H    sing N N 14  
ARG N   H2   sing N N 15  
ARG CA  C    sing N N 16  
ARG CA  CB   sing N N 17  
ARG CA  HA   sing N N 18  
ARG C   O    doub N N 19  
ARG C   OXT  sing N N 20  
ARG CB  CG   sing N N 21  
ARG CB  HB2  sing N N 22  
ARG CB  HB3  sing N N 23  
ARG CG  CD   sing N N 24  
ARG CG  HG2  sing N N 25  
ARG CG  HG3  sing N N 26  
ARG CD  NE   sing N N 27  
ARG CD  HD2  sing N N 28  
ARG CD  HD3  sing N N 29  
ARG NE  CZ   sing N N 30  
ARG NE  HE   sing N N 31  
ARG CZ  NH1  sing N N 32  
ARG CZ  NH2  doub N N 33  
ARG NH1 HH11 sing N N 34  
ARG NH1 HH12 sing N N 35  
ARG NH2 HH21 sing N N 36  
ARG NH2 HH22 sing N N 37  
ARG OXT HXT  sing N N 38  
ASN N   CA   sing N N 39  
ASN N   H    sing N N 40  
ASN N   H2   sing N N 41  
ASN CA  C    sing N N 42  
ASN CA  CB   sing N N 43  
ASN CA  HA   sing N N 44  
ASN C   O    doub N N 45  
ASN C   OXT  sing N N 46  
ASN CB  CG   sing N N 47  
ASN CB  HB2  sing N N 48  
ASN CB  HB3  sing N N 49  
ASN CG  OD1  doub N N 50  
ASN CG  ND2  sing N N 51  
ASN ND2 HD21 sing N N 52  
ASN ND2 HD22 sing N N 53  
ASN OXT HXT  sing N N 54  
ASP N   CA   sing N N 55  
ASP N   H    sing N N 56  
ASP N   H2   sing N N 57  
ASP CA  C    sing N N 58  
ASP CA  CB   sing N N 59  
ASP CA  HA   sing N N 60  
ASP C   O    doub N N 61  
ASP C   OXT  sing N N 62  
ASP CB  CG   sing N N 63  
ASP CB  HB2  sing N N 64  
ASP CB  HB3  sing N N 65  
ASP CG  OD1  doub N N 66  
ASP CG  OD2  sing N N 67  
ASP OD2 HD2  sing N N 68  
ASP OXT HXT  sing N N 69  
CYS N   CA   sing N N 70  
CYS N   H    sing N N 71  
CYS N   H2   sing N N 72  
CYS CA  C    sing N N 73  
CYS CA  CB   sing N N 74  
CYS CA  HA   sing N N 75  
CYS C   O    doub N N 76  
CYS C   OXT  sing N N 77  
CYS CB  SG   sing N N 78  
CYS CB  HB2  sing N N 79  
CYS CB  HB3  sing N N 80  
CYS SG  HG   sing N N 81  
CYS OXT HXT  sing N N 82  
GLN N   CA   sing N N 83  
GLN N   H    sing N N 84  
GLN N   H2   sing N N 85  
GLN CA  C    sing N N 86  
GLN CA  CB   sing N N 87  
GLN CA  HA   sing N N 88  
GLN C   O    doub N N 89  
GLN C   OXT  sing N N 90  
GLN CB  CG   sing N N 91  
GLN CB  HB2  sing N N 92  
GLN CB  HB3  sing N N 93  
GLN CG  CD   sing N N 94  
GLN CG  HG2  sing N N 95  
GLN CG  HG3  sing N N 96  
GLN CD  OE1  doub N N 97  
GLN CD  NE2  sing N N 98  
GLN NE2 HE21 sing N N 99  
GLN NE2 HE22 sing N N 100 
GLN OXT HXT  sing N N 101 
GLU N   CA   sing N N 102 
GLU N   H    sing N N 103 
GLU N   H2   sing N N 104 
GLU CA  C    sing N N 105 
GLU CA  CB   sing N N 106 
GLU CA  HA   sing N N 107 
GLU C   O    doub N N 108 
GLU C   OXT  sing N N 109 
GLU CB  CG   sing N N 110 
GLU CB  HB2  sing N N 111 
GLU CB  HB3  sing N N 112 
GLU CG  CD   sing N N 113 
GLU CG  HG2  sing N N 114 
GLU CG  HG3  sing N N 115 
GLU CD  OE1  doub N N 116 
GLU CD  OE2  sing N N 117 
GLU OE2 HE2  sing N N 118 
GLU OXT HXT  sing N N 119 
GLY N   CA   sing N N 120 
GLY N   H    sing N N 121 
GLY N   H2   sing N N 122 
GLY CA  C    sing N N 123 
GLY CA  HA2  sing N N 124 
GLY CA  HA3  sing N N 125 
GLY C   O    doub N N 126 
GLY C   OXT  sing N N 127 
GLY OXT HXT  sing N N 128 
HIS N   CA   sing N N 129 
HIS N   H    sing N N 130 
HIS N   H2   sing N N 131 
HIS CA  C    sing N N 132 
HIS CA  CB   sing N N 133 
HIS CA  HA   sing N N 134 
HIS C   O    doub N N 135 
HIS C   OXT  sing N N 136 
HIS CB  CG   sing N N 137 
HIS CB  HB2  sing N N 138 
HIS CB  HB3  sing N N 139 
HIS CG  ND1  sing Y N 140 
HIS CG  CD2  doub Y N 141 
HIS ND1 CE1  doub Y N 142 
HIS ND1 HD1  sing N N 143 
HIS CD2 NE2  sing Y N 144 
HIS CD2 HD2  sing N N 145 
HIS CE1 NE2  sing Y N 146 
HIS CE1 HE1  sing N N 147 
HIS NE2 HE2  sing N N 148 
HIS OXT HXT  sing N N 149 
HOH O   H1   sing N N 150 
HOH O   H2   sing N N 151 
ILE N   CA   sing N N 152 
ILE N   H    sing N N 153 
ILE N   H2   sing N N 154 
ILE CA  C    sing N N 155 
ILE CA  CB   sing N N 156 
ILE CA  HA   sing N N 157 
ILE C   O    doub N N 158 
ILE C   OXT  sing N N 159 
ILE CB  CG1  sing N N 160 
ILE CB  CG2  sing N N 161 
ILE CB  HB   sing N N 162 
ILE CG1 CD1  sing N N 163 
ILE CG1 HG12 sing N N 164 
ILE CG1 HG13 sing N N 165 
ILE CG2 HG21 sing N N 166 
ILE CG2 HG22 sing N N 167 
ILE CG2 HG23 sing N N 168 
ILE CD1 HD11 sing N N 169 
ILE CD1 HD12 sing N N 170 
ILE CD1 HD13 sing N N 171 
ILE OXT HXT  sing N N 172 
J3X C1  C2   doub Y N 173 
J3X C1  C4   sing Y N 174 
J3X C2  C5   sing N N 175 
J3X C2  O1   sing Y N 176 
J3X C3  C4   doub Y N 177 
J3X C3  O1   sing Y N 178 
J3X C3  BR1  sing N N 179 
J3X C5  N1   sing N N 180 
J3X C6  N1   sing N N 181 
J3X C6  C7   sing N N 182 
J3X C6  O2   doub N N 183 
J3X N1  C8   sing N N 184 
J3X S1  C7   sing N N 185 
J3X S1  C8   sing N N 186 
J3X C8  C9   sing N N 187 
J3X C8  C12  sing N N 188 
J3X C9  C10  sing N N 189 
J3X C10 N2   sing N N 190 
J3X C11 C12  sing N N 191 
J3X C11 N2   sing N N 192 
J3X C13 C14  sing N N 193 
J3X C13 O3   doub N N 194 
J3X C13 N2   sing N N 195 
J3X C1  H1   sing N N 196 
J3X C4  H2   sing N N 197 
J3X C5  H3   sing N N 198 
J3X C5  H4   sing N N 199 
J3X C7  H5   sing N N 200 
J3X C7  H6   sing N N 201 
J3X C9  H7   sing N N 202 
J3X C10 H8   sing N N 203 
J3X C10 H9   sing N N 204 
J3X C11 H10  sing N N 205 
J3X C11 H11  sing N N 206 
J3X C12 H12  sing N N 207 
J3X C12 H13  sing N N 208 
J3X C14 H14  sing N N 209 
J3X C14 H15  sing N N 210 
J3X C14 CL1  sing N N 211 
J3X C9  H17  sing N N 212 
LEU N   CA   sing N N 213 
LEU N   H    sing N N 214 
LEU N   H2   sing N N 215 
LEU CA  C    sing N N 216 
LEU CA  CB   sing N N 217 
LEU CA  HA   sing N N 218 
LEU C   O    doub N N 219 
LEU C   OXT  sing N N 220 
LEU CB  CG   sing N N 221 
LEU CB  HB2  sing N N 222 
LEU CB  HB3  sing N N 223 
LEU CG  CD1  sing N N 224 
LEU CG  CD2  sing N N 225 
LEU CG  HG   sing N N 226 
LEU CD1 HD11 sing N N 227 
LEU CD1 HD12 sing N N 228 
LEU CD1 HD13 sing N N 229 
LEU CD2 HD21 sing N N 230 
LEU CD2 HD22 sing N N 231 
LEU CD2 HD23 sing N N 232 
LEU OXT HXT  sing N N 233 
LYS N   CA   sing N N 234 
LYS N   H    sing N N 235 
LYS N   H2   sing N N 236 
LYS CA  C    sing N N 237 
LYS CA  CB   sing N N 238 
LYS CA  HA   sing N N 239 
LYS C   O    doub N N 240 
LYS C   OXT  sing N N 241 
LYS CB  CG   sing N N 242 
LYS CB  HB2  sing N N 243 
LYS CB  HB3  sing N N 244 
LYS CG  CD   sing N N 245 
LYS CG  HG2  sing N N 246 
LYS CG  HG3  sing N N 247 
LYS CD  CE   sing N N 248 
LYS CD  HD2  sing N N 249 
LYS CD  HD3  sing N N 250 
LYS CE  NZ   sing N N 251 
LYS CE  HE2  sing N N 252 
LYS CE  HE3  sing N N 253 
LYS NZ  HZ1  sing N N 254 
LYS NZ  HZ2  sing N N 255 
LYS NZ  HZ3  sing N N 256 
LYS OXT HXT  sing N N 257 
MET N   CA   sing N N 258 
MET N   H    sing N N 259 
MET N   H2   sing N N 260 
MET CA  C    sing N N 261 
MET CA  CB   sing N N 262 
MET CA  HA   sing N N 263 
MET C   O    doub N N 264 
MET C   OXT  sing N N 265 
MET CB  CG   sing N N 266 
MET CB  HB2  sing N N 267 
MET CB  HB3  sing N N 268 
MET CG  SD   sing N N 269 
MET CG  HG2  sing N N 270 
MET CG  HG3  sing N N 271 
MET SD  CE   sing N N 272 
MET CE  HE1  sing N N 273 
MET CE  HE2  sing N N 274 
MET CE  HE3  sing N N 275 
MET OXT HXT  sing N N 276 
PHE N   CA   sing N N 277 
PHE N   H    sing N N 278 
PHE N   H2   sing N N 279 
PHE CA  C    sing N N 280 
PHE CA  CB   sing N N 281 
PHE CA  HA   sing N N 282 
PHE C   O    doub N N 283 
PHE C   OXT  sing N N 284 
PHE CB  CG   sing N N 285 
PHE CB  HB2  sing N N 286 
PHE CB  HB3  sing N N 287 
PHE CG  CD1  doub Y N 288 
PHE CG  CD2  sing Y N 289 
PHE CD1 CE1  sing Y N 290 
PHE CD1 HD1  sing N N 291 
PHE CD2 CE2  doub Y N 292 
PHE CD2 HD2  sing N N 293 
PHE CE1 CZ   doub Y N 294 
PHE CE1 HE1  sing N N 295 
PHE CE2 CZ   sing Y N 296 
PHE CE2 HE2  sing N N 297 
PHE CZ  HZ   sing N N 298 
PHE OXT HXT  sing N N 299 
PRO N   CA   sing N N 300 
PRO N   CD   sing N N 301 
PRO N   H    sing N N 302 
PRO CA  C    sing N N 303 
PRO CA  CB   sing N N 304 
PRO CA  HA   sing N N 305 
PRO C   O    doub N N 306 
PRO C   OXT  sing N N 307 
PRO CB  CG   sing N N 308 
PRO CB  HB2  sing N N 309 
PRO CB  HB3  sing N N 310 
PRO CG  CD   sing N N 311 
PRO CG  HG2  sing N N 312 
PRO CG  HG3  sing N N 313 
PRO CD  HD2  sing N N 314 
PRO CD  HD3  sing N N 315 
PRO OXT HXT  sing N N 316 
SER N   CA   sing N N 317 
SER N   H    sing N N 318 
SER N   H2   sing N N 319 
SER CA  C    sing N N 320 
SER CA  CB   sing N N 321 
SER CA  HA   sing N N 322 
SER C   O    doub N N 323 
SER C   OXT  sing N N 324 
SER CB  OG   sing N N 325 
SER CB  HB2  sing N N 326 
SER CB  HB3  sing N N 327 
SER OG  HG   sing N N 328 
SER OXT HXT  sing N N 329 
THR N   CA   sing N N 330 
THR N   H    sing N N 331 
THR N   H2   sing N N 332 
THR CA  C    sing N N 333 
THR CA  CB   sing N N 334 
THR CA  HA   sing N N 335 
THR C   O    doub N N 336 
THR C   OXT  sing N N 337 
THR CB  OG1  sing N N 338 
THR CB  CG2  sing N N 339 
THR CB  HB   sing N N 340 
THR OG1 HG1  sing N N 341 
THR CG2 HG21 sing N N 342 
THR CG2 HG22 sing N N 343 
THR CG2 HG23 sing N N 344 
THR OXT HXT  sing N N 345 
TRP N   CA   sing N N 346 
TRP N   H    sing N N 347 
TRP N   H2   sing N N 348 
TRP CA  C    sing N N 349 
TRP CA  CB   sing N N 350 
TRP CA  HA   sing N N 351 
TRP C   O    doub N N 352 
TRP C   OXT  sing N N 353 
TRP CB  CG   sing N N 354 
TRP CB  HB2  sing N N 355 
TRP CB  HB3  sing N N 356 
TRP CG  CD1  doub Y N 357 
TRP CG  CD2  sing Y N 358 
TRP CD1 NE1  sing Y N 359 
TRP CD1 HD1  sing N N 360 
TRP CD2 CE2  doub Y N 361 
TRP CD2 CE3  sing Y N 362 
TRP NE1 CE2  sing Y N 363 
TRP NE1 HE1  sing N N 364 
TRP CE2 CZ2  sing Y N 365 
TRP CE3 CZ3  doub Y N 366 
TRP CE3 HE3  sing N N 367 
TRP CZ2 CH2  doub Y N 368 
TRP CZ2 HZ2  sing N N 369 
TRP CZ3 CH2  sing Y N 370 
TRP CZ3 HZ3  sing N N 371 
TRP CH2 HH2  sing N N 372 
TRP OXT HXT  sing N N 373 
TYR N   CA   sing N N 374 
TYR N   H    sing N N 375 
TYR N   H2   sing N N 376 
TYR CA  C    sing N N 377 
TYR CA  CB   sing N N 378 
TYR CA  HA   sing N N 379 
TYR C   O    doub N N 380 
TYR C   OXT  sing N N 381 
TYR CB  CG   sing N N 382 
TYR CB  HB2  sing N N 383 
TYR CB  HB3  sing N N 384 
TYR CG  CD1  doub Y N 385 
TYR CG  CD2  sing Y N 386 
TYR CD1 CE1  sing Y N 387 
TYR CD1 HD1  sing N N 388 
TYR CD2 CE2  doub Y N 389 
TYR CD2 HD2  sing N N 390 
TYR CE1 CZ   doub Y N 391 
TYR CE1 HE1  sing N N 392 
TYR CE2 CZ   sing Y N 393 
TYR CE2 HE2  sing N N 394 
TYR CZ  OH   sing N N 395 
TYR OH  HH   sing N N 396 
TYR OXT HXT  sing N N 397 
VAL N   CA   sing N N 398 
VAL N   H    sing N N 399 
VAL N   H2   sing N N 400 
VAL CA  C    sing N N 401 
VAL CA  CB   sing N N 402 
VAL CA  HA   sing N N 403 
VAL C   O    doub N N 404 
VAL C   OXT  sing N N 405 
VAL CB  CG1  sing N N 406 
VAL CB  CG2  sing N N 407 
VAL CB  HB   sing N N 408 
VAL CG1 HG11 sing N N 409 
VAL CG1 HG12 sing N N 410 
VAL CG1 HG13 sing N N 411 
VAL CG2 HG21 sing N N 412 
VAL CG2 HG22 sing N N 413 
VAL CG2 HG23 sing N N 414 
VAL OXT HXT  sing N N 415 
# 
_pdbx_initial_refinement_model.id               1 
_pdbx_initial_refinement_model.entity_id_list   ? 
_pdbx_initial_refinement_model.type             'experimental model' 
_pdbx_initial_refinement_model.source_name      PDB 
_pdbx_initial_refinement_model.accession_code   3NTP 
_pdbx_initial_refinement_model.details          ? 
# 
_atom_sites.entry_id                    7EFX 
_atom_sites.Cartn_transf_matrix[1][1]   ? 
_atom_sites.Cartn_transf_matrix[1][2]   ? 
_atom_sites.Cartn_transf_matrix[1][3]   ? 
_atom_sites.Cartn_transf_matrix[2][1]   ? 
_atom_sites.Cartn_transf_matrix[2][2]   ? 
_atom_sites.Cartn_transf_matrix[2][3]   ? 
_atom_sites.Cartn_transf_matrix[3][1]   ? 
_atom_sites.Cartn_transf_matrix[3][2]   ? 
_atom_sites.Cartn_transf_matrix[3][3]   ? 
_atom_sites.Cartn_transf_vector[1]      ? 
_atom_sites.Cartn_transf_vector[2]      ? 
_atom_sites.Cartn_transf_vector[3]      ? 
_atom_sites.fract_transf_matrix[1][1]   0.00624014 
_atom_sites.fract_transf_matrix[1][2]   -0.00980614 
_atom_sites.fract_transf_matrix[1][3]   -0.01232087 
_atom_sites.fract_transf_matrix[2][1]   -0.00959198 
_atom_sites.fract_transf_matrix[2][2]   -0.00388353 
_atom_sites.fract_transf_matrix[2][3]   -0.01341051 
_atom_sites.fract_transf_matrix[3][1]   0.00423539 
_atom_sites.fract_transf_matrix[3][2]   0.01022006 
_atom_sites.fract_transf_matrix[3][3]   -0.00598901 
_atom_sites.fract_transf_vector[1]      0.363014 
_atom_sites.fract_transf_vector[2]      0.604345 
_atom_sites.fract_transf_vector[3]      0.982495 
_atom_sites.solution_primary            ? 
_atom_sites.solution_secondary          ? 
_atom_sites.solution_hydrogens          ? 
_atom_sites.special_details             ? 
# 
loop_
_atom_type.symbol 
BR 
C  
N  
O  
S  
# 
loop_
_atom_site.group_PDB 
_atom_site.id 
_atom_site.type_symbol 
_atom_site.label_atom_id 
_atom_site.label_alt_id 
_atom_site.label_comp_id 
_atom_site.label_asym_id 
_atom_site.label_entity_id 
_atom_site.label_seq_id 
_atom_site.pdbx_PDB_ins_code 
_atom_site.Cartn_x 
_atom_site.Cartn_y 
_atom_site.Cartn_z 
_atom_site.occupancy 
_atom_site.B_iso_or_equiv 
_atom_site.pdbx_formal_charge 
_atom_site.auth_seq_id 
_atom_site.auth_comp_id 
_atom_site.auth_asym_id 
_atom_site.auth_atom_id 
_atom_site.pdbx_PDB_model_num 
ATOM   1    N  N   . LYS A 1 26  ? 10.421  -2.740  22.949  1.00 59.31  ?  6   LYS A N   1 
ATOM   2    C  CA  . LYS A 1 26  ? 10.737  -1.759  21.867  1.00 70.34  ?  6   LYS A CA  1 
ATOM   3    C  C   . LYS A 1 26  ? 9.596   -1.746  20.848  1.00 68.80  ?  6   LYS A C   1 
ATOM   4    O  O   . LYS A 1 26  ? 8.479   -2.146  21.178  1.00 79.48  ?  6   LYS A O   1 
ATOM   5    C  CB  . LYS A 1 26  ? 12.105  -2.112  21.270  1.00 76.67  ?  6   LYS A CB  1 
ATOM   6    C  CG  . LYS A 1 26  ? 13.264  -1.291  21.820  1.00 84.09  ?  6   LYS A CG  1 
ATOM   7    C  CD  . LYS A 1 26  ? 14.505  -2.083  22.177  1.00 82.25  ?  6   LYS A CD  1 
ATOM   8    C  CE  . LYS A 1 26  ? 15.647  -1.169  22.574  1.00 80.56  ?  6   LYS A CE  1 
ATOM   9    N  NZ  . LYS A 1 26  ? 16.558  -1.824  23.540  1.00 75.16  1  6   LYS A NZ  1 
ATOM   10   N  N   . LEU A 1 27  ? 9.945   -1.425  19.597  1.00 62.54  ?  7   LEU A N   1 
ATOM   11   C  CA  . LEU A 1 27  ? 9.035   -1.523  18.421  1.00 51.65  ?  7   LEU A CA  1 
ATOM   12   C  C   . LEU A 1 27  ? 7.934   -0.456  18.389  1.00 47.53  ?  7   LEU A C   1 
ATOM   13   O  O   . LEU A 1 27  ? 7.164   -0.348  19.364  1.00 46.97  ?  7   LEU A O   1 
ATOM   14   C  CB  . LEU A 1 27  ? 8.428   -2.930  18.387  1.00 48.29  ?  7   LEU A CB  1 
ATOM   15   C  CG  . LEU A 1 27  ? 9.214   -3.964  17.581  1.00 45.84  ?  7   LEU A CG  1 
ATOM   16   C  CD1 . LEU A 1 27  ? 10.712  -3.745  17.734  1.00 39.17  ?  7   LEU A CD1 1 
ATOM   17   C  CD2 . LEU A 1 27  ? 8.836   -5.377  17.998  1.00 44.59  ?  7   LEU A CD2 1 
ATOM   18   N  N   . PRO A 1 28  ? 7.848   0.327   17.291  1.00 44.79  ?  8   PRO A N   1 
ATOM   19   C  CA  . PRO A 1 28  ? 6.776   1.307   17.091  1.00 41.63  ?  8   PRO A CA  1 
ATOM   20   C  C   . PRO A 1 28  ? 5.399   0.706   16.794  1.00 42.50  ?  8   PRO A C   1 
ATOM   21   O  O   . PRO A 1 28  ? 5.272   -0.500  16.561  1.00 36.56  ?  8   PRO A O   1 
ATOM   22   C  CB  . PRO A 1 28  ? 7.258   2.071   15.841  1.00 44.42  ?  8   PRO A CB  1 
ATOM   23   C  CG  . PRO A 1 28  ? 8.746   1.817   15.801  1.00 44.46  ?  8   PRO A CG  1 
ATOM   24   C  CD  . PRO A 1 28  ? 8.855   0.368   16.220  1.00 44.68  ?  8   PRO A CD  1 
ATOM   25   N  N   . PRO A 1 29  ? 4.322   1.533   16.776  1.00 39.36  ?  9   PRO A N   1 
ATOM   26   C  CA  . PRO A 1 29  ? 2.955   1.025   16.599  1.00 37.99  ?  9   PRO A CA  1 
ATOM   27   C  C   . PRO A 1 29  ? 2.793   0.015   15.458  1.00 36.89  ?  9   PRO A C   1 
ATOM   28   O  O   . PRO A 1 29  ? 3.164   0.284   14.312  1.00 34.50  ?  9   PRO A O   1 
ATOM   29   C  CB  . PRO A 1 29  ? 2.104   2.290   16.333  1.00 38.48  ?  9   PRO A CB  1 
ATOM   30   C  CG  . PRO A 1 29  ? 2.909   3.446   16.944  1.00 38.75  ?  9   PRO A CG  1 
ATOM   31   C  CD  . PRO A 1 29  ? 4.367   2.997   16.960  1.00 36.50  ?  9   PRO A CD  1 
ATOM   32   N  N   . GLY A 1 30  ? 2.243   -1.160  15.790  1.00 33.94  ?  10  GLY A N   1 
ATOM   33   C  CA  . GLY A 1 30  ? 1.914   -2.154  14.782  1.00 33.37  ?  10  GLY A CA  1 
ATOM   34   C  C   . GLY A 1 30  ? 3.025   -3.169  14.497  1.00 32.41  ?  10  GLY A C   1 
ATOM   35   O  O   . GLY A 1 30  ? 2.735   -4.218  13.912  1.00 31.54  ?  10  GLY A O   1 
ATOM   36   N  N   . TRP A 1 31  ? 4.284   -2.844  14.872  1.00 31.83  ?  11  TRP A N   1 
ATOM   37   C  CA  . TRP A 1 31  ? 5.449   -3.675  14.545  1.00 32.05  ?  11  TRP A CA  1 
ATOM   38   C  C   . TRP A 1 31  ? 5.566   -4.817  15.550  1.00 32.42  ?  11  TRP A C   1 
ATOM   39   O  O   . TRP A 1 31  ? 5.465   -4.609  16.760  1.00 39.72  ?  11  TRP A O   1 
ATOM   40   C  CB  . TRP A 1 31  ? 6.763   -2.877  14.436  1.00 25.77  ?  11  TRP A CB  1 
ATOM   41   C  CG  . TRP A 1 31  ? 6.905   -2.052  13.191  1.00 25.71  ?  11  TRP A CG  1 
ATOM   42   C  CD1 . TRP A 1 31  ? 6.696   -0.707  13.061  1.00 28.04  ?  11  TRP A CD1 1 
ATOM   43   C  CD2 . TRP A 1 31  ? 7.303   -2.509  11.880  1.00 25.36  ?  11  TRP A CD2 1 
ATOM   44   N  NE1 . TRP A 1 31  ? 6.933   -0.293  11.774  1.00 25.28  ?  11  TRP A NE1 1 
ATOM   45   C  CE2 . TRP A 1 31  ? 7.305   -1.379  11.024  1.00 24.87  ?  11  TRP A CE2 1 
ATOM   46   C  CE3 . TRP A 1 31  ? 7.658   -3.758  11.347  1.00 23.31  ?  11  TRP A CE3 1 
ATOM   47   C  CZ2 . TRP A 1 31  ? 7.643   -1.461  9.669   1.00 23.44  ?  11  TRP A CZ2 1 
ATOM   48   C  CZ3 . TRP A 1 31  ? 7.987   -3.839  10.009  1.00 25.03  ?  11  TRP A CZ3 1 
ATOM   49   C  CH2 . TRP A 1 31  ? 7.971   -2.706  9.180   1.00 25.04  ?  11  TRP A CH2 1 
ATOM   50   N  N   . GLU A 1 32  ? 5.722   -6.032  15.031  1.00 30.60  ?  12  GLU A N   1 
ATOM   51   C  CA  . GLU A 1 32  ? 5.935   -7.209  15.854  1.00 32.34  ?  12  GLU A CA  1 
ATOM   52   C  C   . GLU A 1 32  ? 7.029   -8.039  15.178  1.00 33.40  ?  12  GLU A C   1 
ATOM   53   O  O   . GLU A 1 32  ? 7.348   -7.820  14.007  1.00 32.44  ?  12  GLU A O   1 
ATOM   54   C  CB  . GLU A 1 32  ? 4.649   -8.034  16.037  1.00 35.02  ?  12  GLU A CB  1 
ATOM   55   C  CG  . GLU A 1 32  ? 3.379   -7.242  16.354  1.00 44.28  ?  12  GLU A CG  1 
ATOM   56   C  CD  . GLU A 1 32  ? 3.123   -6.740  17.777  1.00 53.43  ?  12  GLU A CD  1 
ATOM   57   O  OE1 . GLU A 1 32  ? 2.073   -6.039  17.991  1.00 56.34  ?  12  GLU A OE1 1 
ATOM   58   O  OE2 . GLU A 1 32  ? 3.955   -7.039  18.673  1.00 50.68  -1 12  GLU A OE2 1 
ATOM   59   N  N   . LYS A 1 33  ? 7.609   -8.969  15.943  1.00 37.54  ?  13  LYS A N   1 
ATOM   60   C  CA  . LYS A 1 33  ? 8.602   -9.924  15.481  1.00 40.62  ?  13  LYS A CA  1 
ATOM   61   C  C   . LYS A 1 33  ? 7.874   -11.206 15.093  1.00 42.41  ?  13  LYS A C   1 
ATOM   62   O  O   . LYS A 1 33  ? 6.841   -11.533 15.679  1.00 42.31  ?  13  LYS A O   1 
ATOM   63   C  CB  . LYS A 1 33  ? 9.496   -10.297 16.660  1.00 45.25  ?  13  LYS A CB  1 
ATOM   64   C  CG  . LYS A 1 33  ? 10.995  -10.177 16.458  1.00 51.27  ?  13  LYS A CG  1 
ATOM   65   C  CD  . LYS A 1 33  ? 11.689  -10.429 17.783  1.00 55.08  ?  13  LYS A CD  1 
ATOM   66   C  CE  . LYS A 1 33  ? 13.199  -10.462 17.701  1.00 66.26  ?  13  LYS A CE  1 
ATOM   67   N  NZ  . LYS A 1 33  ? 13.769  -9.110  17.479  1.00 73.18  1  13  LYS A NZ  1 
ATOM   68   N  N   . ALA A 1 34  ? 8.414   -11.908 14.089  1.00 39.82  ?  14  ALA A N   1 
ATOM   69   C  CA  . ALA A 1 34  ? 7.935   -13.234 13.733  1.00 35.74  ?  14  ALA A CA  1 
ATOM   70   C  C   . ALA A 1 34  ? 9.082   -14.091 13.176  1.00 35.97  ?  14  ALA A C   1 
ATOM   71   O  O   . ALA A 1 34  ? 10.210  -13.621 13.002  1.00 35.81  ?  14  ALA A O   1 
ATOM   72   C  CB  . ALA A 1 34  ? 6.786   -13.096 12.770  1.00 32.66  ?  14  ALA A CB  1 
ATOM   73   N  N   . MET A 1 35  ? 8.780   -15.357 12.878  1.00 35.98  ?  15  MET A N   1 
ATOM   74   C  CA  . MET A 1 35  ? 9.790   -16.282 12.382  1.00 38.98  ?  15  MET A CA  1 
ATOM   75   C  C   . MET A 1 35  ? 9.573   -16.526 10.885  1.00 38.59  ?  15  MET A C   1 
ATOM   76   O  O   . MET A 1 35  ? 8.454   -16.789 10.461  1.00 36.66  ?  15  MET A O   1 
ATOM   77   C  CB  . MET A 1 35  ? 9.701   -17.602 13.158  1.00 42.67  ?  15  MET A CB  1 
ATOM   78   C  CG  . MET A 1 35  ? 10.710  -18.669 12.751  1.00 48.04  ?  15  MET A CG  1 
ATOM   79   S  SD  . MET A 1 35  ? 12.429  -18.118 12.880  1.00 65.47  ?  15  MET A SD  1 
ATOM   80   C  CE  . MET A 1 35  ? 12.568  -17.737 14.631  1.00 54.37  ?  15  MET A CE  1 
ATOM   81   N  N   . SER A 1 36  ? 10.641  -16.429 10.079  1.00 36.28  ?  16  SER A N   1 
ATOM   82   C  CA  . SER A 1 36  ? 10.522  -16.781 8.676   1.00 41.06  ?  16  SER A CA  1 
ATOM   83   C  C   . SER A 1 36  ? 10.527  -18.300 8.472   1.00 38.73  ?  16  SER A C   1 
ATOM   84   O  O   . SER A 1 36  ? 11.526  -18.965 8.723   1.00 41.35  ?  16  SER A O   1 
ATOM   85   C  CB  . SER A 1 36  ? 11.580  -16.124 7.848   1.00 44.87  ?  16  SER A CB  1 
ATOM   86   O  OG  . SER A 1 36  ? 11.490  -16.611 6.514   1.00 50.73  ?  16  SER A OG  1 
ATOM   87   N  N   . ARG A 1 37  ? 9.408   -18.819 7.956   1.00 40.95  ?  17  ARG A N   1 
ATOM   88   C  CA  . ARG A 1 37  ? 9.266   -20.272 7.675   1.00 47.45  ?  17  ARG A CA  1 
ATOM   89   C  C   . ARG A 1 37  ? 10.213  -20.659 6.533   1.00 48.79  ?  17  ARG A C   1 
ATOM   90   O  O   . ARG A 1 37  ? 10.680  -21.815 6.521   1.00 48.75  ?  17  ARG A O   1 
ATOM   91   C  CB  . ARG A 1 37  ? 7.812   -20.608 7.324   1.00 45.77  ?  17  ARG A CB  1 
ATOM   92   C  CG  . ARG A 1 37  ? 7.661   -21.756 6.336   1.00 56.72  ?  17  ARG A CG  1 
ATOM   93   C  CD  . ARG A 1 37  ? 6.417   -21.617 5.478   1.00 59.29  ?  17  ARG A CD  1 
ATOM   94   N  NE  . ARG A 1 37  ? 5.198   -21.916 6.215   1.00 62.57  ?  17  ARG A NE  1 
ATOM   95   C  CZ  . ARG A 1 37  ? 4.479   -21.018 6.877   1.00 62.63  ?  17  ARG A CZ  1 
ATOM   96   N  NH1 . ARG A 1 37  ? 5.061   -20.223 7.760   1.00 47.84  1  17  ARG A NH1 1 
ATOM   97   N  NH2 . ARG A 1 37  ? 3.182   -20.915 6.654   1.00 57.76  ?  17  ARG A NH2 1 
ATOM   98   N  N   . SER A 1 38  ? 10.481  -19.725 5.612   1.00 50.31  ?  18  SER A N   1 
ATOM   99   C  CA  . SER A 1 38  ? 11.365  -19.988 4.493   1.00 48.03  ?  18  SER A CA  1 
ATOM   100  C  C   . SER A 1 38  ? 12.805  -20.181 4.967   1.00 44.58  ?  18  SER A C   1 
ATOM   101  O  O   . SER A 1 38  ? 13.445  -21.154 4.581   1.00 42.58  ?  18  SER A O   1 
ATOM   102  C  CB  . SER A 1 38  ? 11.265  -18.864 3.506   1.00 48.25  ?  18  SER A CB  1 
ATOM   103  O  OG  . SER A 1 38  ? 11.520  -19.346 2.203   1.00 59.45  ?  18  SER A OG  1 
ATOM   104  N  N   . SER A 1 39  ? 13.281  -19.273 5.835   1.00 44.24  ?  19  SER A N   1 
ATOM   105  C  CA  . SER A 1 39  ? 14.704  -19.098 6.091   1.00 43.80  ?  19  SER A CA  1 
ATOM   106  C  C   . SER A 1 39  ? 15.085  -19.436 7.532   1.00 40.85  ?  19  SER A C   1 
ATOM   107  O  O   . SER A 1 39  ? 16.244  -19.722 7.801   1.00 36.82  ?  19  SER A O   1 
ATOM   108  C  CB  . SER A 1 39  ? 15.160  -17.702 5.710   1.00 45.42  ?  19  SER A CB  1 
ATOM   109  O  OG  . SER A 1 39  ? 14.425  -16.715 6.416   1.00 50.39  ?  19  SER A OG  1 
ATOM   110  N  N   . GLY A 1 40  ? 14.112  -19.377 8.453   1.00 46.88  ?  20  GLY A N   1 
ATOM   111  C  CA  . GLY A 1 40  ? 14.365  -19.557 9.879   1.00 45.60  ?  20  GLY A CA  1 
ATOM   112  C  C   . GLY A 1 40  ? 15.176  -18.415 10.517  1.00 45.66  ?  20  GLY A C   1 
ATOM   113  O  O   . GLY A 1 40  ? 15.751  -18.581 11.587  1.00 43.26  ?  20  GLY A O   1 
ATOM   114  N  N   . ARG A 1 41  ? 15.242  -17.254 9.853   1.00 41.45  ?  21  ARG A N   1 
ATOM   115  C  CA  . ARG A 1 41  ? 15.636  -16.021 10.516  1.00 37.67  ?  21  ARG A CA  1 
ATOM   116  C  C   . ARG A 1 41  ? 14.367  -15.287 10.935  1.00 35.85  ?  21  ARG A C   1 
ATOM   117  O  O   . ARG A 1 41  ? 13.301  -15.444 10.331  1.00 38.74  ?  21  ARG A O   1 
ATOM   118  C  CB  . ARG A 1 41  ? 16.322  -15.051 9.553   1.00 40.20  ?  21  ARG A CB  1 
ATOM   119  C  CG  . ARG A 1 41  ? 17.799  -15.302 9.301   1.00 45.08  ?  21  ARG A CG  1 
ATOM   120  C  CD  . ARG A 1 41  ? 18.414  -14.180 8.466   1.00 42.35  ?  21  ARG A CD  1 
ATOM   121  N  NE  . ARG A 1 41  ? 18.301  -14.502 7.059   1.00 40.47  ?  21  ARG A NE  1 
ATOM   122  C  CZ  . ARG A 1 41  ? 17.812  -13.712 6.102   1.00 44.18  ?  21  ARG A CZ  1 
ATOM   123  N  NH1 . ARG A 1 41  ? 17.738  -12.398 6.278   1.00 35.97  1  21  ARG A NH1 1 
ATOM   124  N  NH2 . ARG A 1 41  ? 17.389  -14.266 4.970   1.00 41.30  ?  21  ARG A NH2 1 
ATOM   125  N  N   . VAL A 1 42  ? 14.531  -14.468 11.968  1.00 33.36  ?  22  VAL A N   1 
ATOM   126  C  CA  . VAL A 1 42  ? 13.565  -13.510 12.467  1.00 33.29  ?  22  VAL A CA  1 
ATOM   127  C  C   . VAL A 1 42  ? 13.360  -12.393 11.431  1.00 33.75  ?  22  VAL A C   1 
ATOM   128  O  O   . VAL A 1 42  ? 14.316  -11.934 10.799  1.00 32.03  ?  22  VAL A O   1 
ATOM   129  C  CB  . VAL A 1 42  ? 14.141  -13.011 13.802  1.00 31.58  ?  22  VAL A CB  1 
ATOM   130  C  CG1 . VAL A 1 42  ? 13.987  -11.529 14.054  1.00 33.87  ?  22  VAL A CG1 1 
ATOM   131  C  CG2 . VAL A 1 42  ? 13.660  -13.860 14.968  1.00 33.27  ?  22  VAL A CG2 1 
ATOM   132  N  N   . TYR A 1 43  ? 12.099  -11.982 11.231  1.00 28.14  ?  23  TYR A N   1 
ATOM   133  C  CA  . TYR A 1 43  ? 11.796  -10.777 10.472  1.00 27.56  ?  23  TYR A CA  1 
ATOM   134  C  C   . TYR A 1 43  ? 10.862  -9.901  11.302  1.00 28.39  ?  23  TYR A C   1 
ATOM   135  O  O   . TYR A 1 43  ? 10.493  -10.289 12.406  1.00 30.02  ?  23  TYR A O   1 
ATOM   136  C  CB  . TYR A 1 43  ? 11.259  -11.103 9.072   1.00 25.88  ?  23  TYR A CB  1 
ATOM   137  C  CG  . TYR A 1 43  ? 9.858   -11.662 9.014   1.00 26.28  ?  23  TYR A CG  1 
ATOM   138  C  CD1 . TYR A 1 43  ? 9.578   -12.965 9.417   1.00 25.38  ?  23  TYR A CD1 1 
ATOM   139  C  CD2 . TYR A 1 43  ? 8.802   -10.881 8.557   1.00 27.25  ?  23  TYR A CD2 1 
ATOM   140  C  CE1 . TYR A 1 43  ? 8.289   -13.482 9.379   1.00 24.63  ?  23  TYR A CE1 1 
ATOM   141  C  CE2 . TYR A 1 43  ? 7.510   -11.378 8.481   1.00 26.18  ?  23  TYR A CE2 1 
ATOM   142  C  CZ  . TYR A 1 43  ? 7.257   -12.686 8.891   1.00 31.20  ?  23  TYR A CZ  1 
ATOM   143  O  OH  . TYR A 1 43  ? 5.976   -13.180 8.825   1.00 30.93  ?  23  TYR A OH  1 
ATOM   144  N  N   . TYR A 1 44  ? 10.513  -8.720  10.774  1.00 27.77  ?  24  TYR A N   1 
ATOM   145  C  CA  . TYR A 1 44  ? 9.616   -7.779  11.429  1.00 26.83  ?  24  TYR A CA  1 
ATOM   146  C  C   . TYR A 1 44  ? 8.441   -7.514  10.496  1.00 26.96  ?  24  TYR A C   1 
ATOM   147  O  O   . TYR A 1 44  ? 8.632   -7.355  9.301   1.00 30.10  ?  24  TYR A O   1 
ATOM   148  C  CB  . TYR A 1 44  ? 10.348  -6.479  11.774  1.00 26.08  ?  24  TYR A CB  1 
ATOM   149  C  CG  . TYR A 1 44  ? 11.505  -6.692  12.721  1.00 30.78  ?  24  TYR A CG  1 
ATOM   150  C  CD1 . TYR A 1 44  ? 12.754  -7.102  12.258  1.00 30.44  ?  24  TYR A CD1 1 
ATOM   151  C  CD2 . TYR A 1 44  ? 11.342  -6.508  14.090  1.00 31.92  ?  24  TYR A CD2 1 
ATOM   152  C  CE1 . TYR A 1 44  ? 13.813  -7.308  13.130  1.00 33.92  ?  24  TYR A CE1 1 
ATOM   153  C  CE2 . TYR A 1 44  ? 12.379  -6.716  14.979  1.00 32.32  ?  24  TYR A CE2 1 
ATOM   154  C  CZ  . TYR A 1 44  ? 13.612  -7.125  14.492  1.00 38.01  ?  24  TYR A CZ  1 
ATOM   155  O  OH  . TYR A 1 44  ? 14.630  -7.327  15.368  1.00 42.14  ?  24  TYR A OH  1 
ATOM   156  N  N   . PHE A 1 45  ? 7.222   -7.522  11.037  1.00 29.25  ?  25  PHE A N   1 
ATOM   157  C  CA  . PHE A 1 45  ? 6.035   -7.252  10.236  1.00 31.30  ?  25  PHE A CA  1 
ATOM   158  C  C   . PHE A 1 45  ? 5.195   -6.209  10.972  1.00 29.54  ?  25  PHE A C   1 
ATOM   159  O  O   . PHE A 1 45  ? 5.308   -6.028  12.189  1.00 30.65  ?  25  PHE A O   1 
ATOM   160  C  CB  . PHE A 1 45  ? 5.255   -8.536  9.910   1.00 31.93  ?  25  PHE A CB  1 
ATOM   161  C  CG  . PHE A 1 45  ? 4.426   -9.062  11.056  1.00 35.90  ?  25  PHE A CG  1 
ATOM   162  C  CD1 . PHE A 1 45  ? 5.018   -9.780  12.099  1.00 38.62  ?  25  PHE A CD1 1 
ATOM   163  C  CD2 . PHE A 1 45  ? 3.053   -8.820  11.120  1.00 35.82  ?  25  PHE A CD2 1 
ATOM   164  C  CE1 . PHE A 1 45  ? 4.269   -10.258 13.177  1.00 39.48  ?  25  PHE A CE1 1 
ATOM   165  C  CE2 . PHE A 1 45  ? 2.310   -9.298  12.200  1.00 42.20  ?  25  PHE A CE2 1 
ATOM   166  C  CZ  . PHE A 1 45  ? 2.913   -10.009 13.232  1.00 37.74  ?  25  PHE A CZ  1 
ATOM   167  N  N   . ASN A 1 46  ? 4.365   -5.513  10.211  1.00 28.66  ?  26  ASN A N   1 
ATOM   168  C  CA  . ASN A 1 46  ? 3.469   -4.545  10.817  1.00 29.31  ?  26  ASN A CA  1 
ATOM   169  C  C   . ASN A 1 46  ? 2.037   -4.964  10.474  1.00 28.57  ?  26  ASN A C   1 
ATOM   170  O  O   . ASN A 1 46  ? 1.649   -4.971  9.308   1.00 29.16  ?  26  ASN A O   1 
ATOM   171  C  CB  . ASN A 1 46  ? 3.860   -3.123  10.411  1.00 26.86  ?  26  ASN A CB  1 
ATOM   172  C  CG  . ASN A 1 46  ? 3.054   -2.050  11.120  1.00 30.49  ?  26  ASN A CG  1 
ATOM   173  O  OD1 . ASN A 1 46  ? 1.823   -2.035  11.050  1.00 27.97  ?  26  ASN A OD1 1 
ATOM   174  N  ND2 . ASN A 1 46  ? 3.738   -1.127  11.783  1.00 28.02  ?  26  ASN A ND2 1 
ATOM   175  N  N   . HIS A 1 47  ? 1.268   -5.356  11.494  1.00 28.80  ?  27  HIS A N   1 
ATOM   176  C  CA  . HIS A 1 47  ? -0.096  -5.813  11.274  1.00 26.19  ?  27  HIS A CA  1 
ATOM   177  C  C   . HIS A 1 47  ? -1.001  -4.656  10.845  1.00 24.21  ?  27  HIS A C   1 
ATOM   178  O  O   . HIS A 1 47  ? -2.109  -4.893  10.388  1.00 23.16  ?  27  HIS A O   1 
ATOM   179  C  CB  . HIS A 1 47  ? -0.643  -6.590  12.480  1.00 25.66  ?  27  HIS A CB  1 
ATOM   180  C  CG  . HIS A 1 47  ? -0.825  -5.751  13.701  1.00 29.77  ?  27  HIS A CG  1 
ATOM   181  N  ND1 . HIS A 1 47  ? 0.096   -5.742  14.736  1.00 33.02  ?  27  HIS A ND1 1 
ATOM   182  C  CD2 . HIS A 1 47  ? -1.806  -4.894  14.060  1.00 28.94  ?  27  HIS A CD2 1 
ATOM   183  C  CE1 . HIS A 1 47  ? -0.303  -4.922  15.689  1.00 32.65  ?  27  HIS A CE1 1 
ATOM   184  N  NE2 . HIS A 1 47  ? -1.471  -4.383  15.290  1.00 34.36  ?  27  HIS A NE2 1 
ATOM   185  N  N   . ILE A 1 48  ? -0.539  -3.408  10.966  1.00 23.73  ?  28  ILE A N   1 
ATOM   186  C  CA  . ILE A 1 48  ? -1.392  -2.309  10.543  1.00 24.62  ?  28  ILE A CA  1 
ATOM   187  C  C   . ILE A 1 48  ? -1.157  -1.989  9.069   1.00 24.70  ?  28  ILE A C   1 
ATOM   188  O  O   . ILE A 1 48  ? -2.125  -1.676  8.383   1.00 25.61  ?  28  ILE A O   1 
ATOM   189  C  CB  . ILE A 1 48  ? -1.284  -1.043  11.419  1.00 24.13  ?  28  ILE A CB  1 
ATOM   190  C  CG1 . ILE A 1 48  ? -1.500  -1.324  12.906  1.00 23.57  ?  28  ILE A CG1 1 
ATOM   191  C  CG2 . ILE A 1 48  ? -2.278  0.011   10.939  1.00 26.19  ?  28  ILE A CG2 1 
ATOM   192  C  CD1 . ILE A 1 48  ? -1.294  -0.095  13.773  1.00 21.83  ?  28  ILE A CD1 1 
ATOM   193  N  N   . THR A 1 49  ? 0.095   -2.069  8.578   1.00 23.32  ?  29  THR A N   1 
ATOM   194  C  CA  . THR A 1 49  ? 0.380   -1.603  7.218   1.00 23.08  ?  29  THR A CA  1 
ATOM   195  C  C   . THR A 1 49  ? 0.692   -2.759  6.268   1.00 22.22  ?  29  THR A C   1 
ATOM   196  O  O   . THR A 1 49  ? 0.806   -2.557  5.055   1.00 20.48  ?  29  THR A O   1 
ATOM   197  C  CB  . THR A 1 49  ? 1.652   -0.754  7.141   1.00 21.56  ?  29  THR A CB  1 
ATOM   198  O  OG1 . THR A 1 49  ? 2.680   -1.700  7.466   1.00 23.08  ?  29  THR A OG1 1 
ATOM   199  C  CG2 . THR A 1 49  ? 1.651   0.457   8.051   1.00 20.52  ?  29  THR A CG2 1 
ATOM   200  N  N   . ASN A 1 50  ? 0.927   -3.940  6.852   1.00 23.09  ?  30  ASN A N   1 
ATOM   201  C  CA  . ASN A 1 50  ? 1.302   -5.144  6.127   1.00 22.31  ?  30  ASN A CA  1 
ATOM   202  C  C   . ASN A 1 50  ? 2.712   -5.044  5.542   1.00 22.50  ?  30  ASN A C   1 
ATOM   203  O  O   . ASN A 1 50  ? 3.047   -5.800  4.637   1.00 25.76  ?  30  ASN A O   1 
ATOM   204  C  CB  . ASN A 1 50  ? 0.260   -5.511  5.074   1.00 20.33  ?  30  ASN A CB  1 
ATOM   205  C  CG  . ASN A 1 50  ? -0.942  -6.176  5.690   1.00 19.60  ?  30  ASN A CG  1 
ATOM   206  O  OD1 . ASN A 1 50  ? -0.825  -6.838  6.719   1.00 23.37  ?  30  ASN A OD1 1 
ATOM   207  N  ND2 . ASN A 1 50  ? -2.081  -6.058  5.042   1.00 17.58  ?  30  ASN A ND2 1 
ATOM   208  N  N   . ALA A 1 51  ? 3.539   -4.131  6.054   1.00 23.41  ?  31  ALA A N   1 
ATOM   209  C  CA  . ALA A 1 51  ? 4.961   -4.122  5.723   1.00 23.68  ?  31  ALA A CA  1 
ATOM   210  C  C   . ALA A 1 51  ? 5.643   -5.330  6.364   1.00 24.84  ?  31  ALA A C   1 
ATOM   211  O  O   . ALA A 1 51  ? 5.211   -5.811  7.428   1.00 25.13  ?  31  ALA A O   1 
ATOM   212  C  CB  . ALA A 1 51  ? 5.623   -2.839  6.189   1.00 22.25  ?  31  ALA A CB  1 
ATOM   213  N  N   . SER A 1 52  ? 6.695   -5.823  5.693   1.00 23.00  ?  32  SER A N   1 
ATOM   214  C  CA  . SER A 1 52  ? 7.573   -6.805  6.296   1.00 25.29  ?  32  SER A CA  1 
ATOM   215  C  C   . SER A 1 52  ? 8.993   -6.570  5.806   1.00 28.57  ?  32  SER A C   1 
ATOM   216  O  O   . SER A 1 52  ? 9.190   -6.104  4.693   1.00 28.61  ?  32  SER A O   1 
ATOM   217  C  CB  . SER A 1 52  ? 7.110   -8.216  6.066   1.00 24.16  ?  32  SER A CB  1 
ATOM   218  O  OG  . SER A 1 52  ? 6.577   -8.363  4.771   1.00 25.28  ?  32  SER A OG  1 
ATOM   219  N  N   . GLN A 1 53  ? 9.965   -6.873  6.669   1.00 28.24  ?  33  GLN A N   1 
ATOM   220  C  CA  . GLN A 1 53  ? 11.363  -6.578  6.417   1.00 25.47  ?  33  GLN A CA  1 
ATOM   221  C  C   . GLN A 1 53  ? 12.208  -7.378  7.410   1.00 25.51  ?  33  GLN A C   1 
ATOM   222  O  O   . GLN A 1 53  ? 11.762  -7.698  8.515   1.00 28.27  ?  33  GLN A O   1 
ATOM   223  C  CB  . GLN A 1 53  ? 11.619  -5.064  6.537   1.00 21.65  ?  33  GLN A CB  1 
ATOM   224  C  CG  . GLN A 1 53  ? 11.537  -4.510  7.963   1.00 23.41  ?  33  GLN A CG  1 
ATOM   225  C  CD  . GLN A 1 53  ? 11.438  -2.996  8.074   1.00 25.95  ?  33  GLN A CD  1 
ATOM   226  O  OE1 . GLN A 1 53  ? 10.706  -2.342  7.329   1.00 22.83  ?  33  GLN A OE1 1 
ATOM   227  N  NE2 . GLN A 1 53  ? 12.201  -2.409  8.996   1.00 24.38  ?  33  GLN A NE2 1 
ATOM   228  N  N   . TRP A 1 54  ? 13.471  -7.590  7.040   1.00 23.89  ?  34  TRP A N   1 
ATOM   229  C  CA  . TRP A 1 54  ? 14.480  -8.254  7.852   1.00 23.47  ?  34  TRP A CA  1 
ATOM   230  C  C   . TRP A 1 54  ? 14.936  -7.354  9.000   1.00 25.62  ?  34  TRP A C   1 
ATOM   231  O  O   . TRP A 1 54  ? 15.163  -7.850  10.108  1.00 24.35  ?  34  TRP A O   1 
ATOM   232  C  CB  . TRP A 1 54  ? 15.658  -8.719  6.975   1.00 20.28  ?  34  TRP A CB  1 
ATOM   233  C  CG  . TRP A 1 54  ? 15.277  -9.723  5.918   1.00 19.86  ?  34  TRP A CG  1 
ATOM   234  C  CD1 . TRP A 1 54  ? 15.424  -9.573  4.568   1.00 19.11  ?  34  TRP A CD1 1 
ATOM   235  C  CD2 . TRP A 1 54  ? 14.733  -11.051 6.111   1.00 18.16  ?  34  TRP A CD2 1 
ATOM   236  N  NE1 . TRP A 1 54  ? 14.999  -10.704 3.919   1.00 19.72  ?  34  TRP A NE1 1 
ATOM   237  C  CE2 . TRP A 1 54  ? 14.578  -11.629 4.837   1.00 17.48  ?  34  TRP A CE2 1 
ATOM   238  C  CE3 . TRP A 1 54  ? 14.387  -11.807 7.240   1.00 19.66  ?  34  TRP A CE3 1 
ATOM   239  C  CZ2 . TRP A 1 54  ? 14.064  -12.910 4.639   1.00 18.08  ?  34  TRP A CZ2 1 
ATOM   240  C  CZ3 . TRP A 1 54  ? 13.881  -13.076 7.061   1.00 19.55  ?  34  TRP A CZ3 1 
ATOM   241  C  CH2 . TRP A 1 54  ? 13.706  -13.608 5.774   1.00 20.29  ?  34  TRP A CH2 1 
ATOM   242  N  N   . GLU A 1 55  ? 15.059  -6.045  8.717   1.00 25.65  ?  35  GLU A N   1 
ATOM   243  C  CA  . GLU A 1 55  ? 15.668  -5.059  9.604   1.00 25.39  ?  35  GLU A CA  1 
ATOM   244  C  C   . GLU A 1 55  ? 14.690  -4.647  10.701  1.00 27.56  ?  35  GLU A C   1 
ATOM   245  O  O   . GLU A 1 55  ? 13.482  -4.548  10.462  1.00 26.56  ?  35  GLU A O   1 
ATOM   246  C  CB  . GLU A 1 55  ? 15.994  -3.772  8.833   1.00 27.19  ?  35  GLU A CB  1 
ATOM   247  C  CG  . GLU A 1 55  ? 16.955  -3.941  7.659   1.00 29.58  ?  35  GLU A CG  1 
ATOM   248  C  CD  . GLU A 1 55  ? 16.376  -4.598  6.408   1.00 33.73  ?  35  GLU A CD  1 
ATOM   249  O  OE1 . GLU A 1 55  ? 15.133  -4.633  6.266   1.00 35.10  ?  35  GLU A OE1 1 
ATOM   250  O  OE2 . GLU A 1 55  ? 17.169  -5.124  5.590   1.00 36.81  -1 35  GLU A OE2 1 
ATOM   251  N  N   . ARG A 1 56  ? 15.243  -4.329  11.876  1.00 28.81  ?  36  ARG A N   1 
ATOM   252  C  CA  . ARG A 1 56  ? 14.471  -3.844  12.998  1.00 36.58  ?  36  ARG A CA  1 
ATOM   253  C  C   . ARG A 1 56  ? 14.090  -2.396  12.711  1.00 39.47  ?  36  ARG A C   1 
ATOM   254  O  O   . ARG A 1 56  ? 14.964  -1.573  12.436  1.00 40.68  ?  36  ARG A O   1 
ATOM   255  C  CB  . ARG A 1 56  ? 15.202  -4.036  14.336  1.00 37.82  ?  36  ARG A CB  1 
ATOM   256  C  CG  . ARG A 1 56  ? 14.592  -3.219  15.470  1.00 41.73  ?  36  ARG A CG  1 
ATOM   257  C  CD  . ARG A 1 56  ? 15.105  -3.513  16.874  1.00 48.88  ?  36  ARG A CD  1 
ATOM   258  N  NE  . ARG A 1 56  ? 14.859  -4.889  17.310  1.00 54.26  ?  36  ARG A NE  1 
ATOM   259  C  CZ  . ARG A 1 56  ? 14.415  -5.269  18.510  1.00 54.28  ?  36  ARG A CZ  1 
ATOM   260  N  NH1 . ARG A 1 56  ? 14.085  -4.372  19.428  1.00 54.00  1  36  ARG A NH1 1 
ATOM   261  N  NH2 . ARG A 1 56  ? 14.296  -6.561  18.778  1.00 50.44  ?  36  ARG A NH2 1 
ATOM   262  N  N   . PRO A 1 57  ? 12.778  -2.063  12.746  1.00 39.74  ?  37  PRO A N   1 
ATOM   263  C  CA  . PRO A 1 57  ? 12.281  -0.749  12.333  1.00 46.14  ?  37  PRO A CA  1 
ATOM   264  C  C   . PRO A 1 57  ? 12.810  0.489   13.057  1.00 51.56  ?  37  PRO A C   1 
ATOM   265  O  O   . PRO A 1 57  ? 13.178  1.466   12.400  1.00 53.86  ?  37  PRO A O   1 
ATOM   266  C  CB  . PRO A 1 57  ? 10.753  -0.861  12.482  1.00 41.95  ?  37  PRO A CB  1 
ATOM   267  C  CG  . PRO A 1 57  ? 10.559  -2.003  13.454  1.00 40.68  ?  37  PRO A CG  1 
ATOM   268  C  CD  . PRO A 1 57  ? 11.689  -2.963  13.144  1.00 40.39  ?  37  PRO A CD  1 
ATOM   269  N  N   . SER A 1 58  ? 12.842  0.432   14.393  1.00 61.64  ?  38  SER A N   1 
ATOM   270  C  CA  . SER A 1 58  ? 13.332  1.564   15.221  1.00 82.06  ?  38  SER A CA  1 
ATOM   271  C  C   . SER A 1 58  ? 13.022  1.301   16.699  1.00 88.40  ?  38  SER A C   1 
ATOM   272  O  O   . SER A 1 58  ? 12.443  2.207   17.330  1.00 94.19  ?  38  SER A O   1 
ATOM   273  C  CB  . SER A 1 58  ? 12.737  2.870   14.760  1.00 66.71  ?  38  SER A CB  1 
ATOM   274  O  OG  . SER A 1 58  ? 13.587  3.506   13.815  1.00 62.90  ?  38  SER A OG  1 
ATOM   275  N  N   . GLY A 1 70  ? 4.529   10.117  19.232  1.00 66.33  ?  50  GLY A N   1 
ATOM   276  C  CA  . GLY A 1 70  ? 3.479   11.044  18.800  1.00 74.97  ?  50  GLY A CA  1 
ATOM   277  C  C   . GLY A 1 70  ? 2.829   10.615  17.483  1.00 74.14  ?  50  GLY A C   1 
ATOM   278  O  O   . GLY A 1 70  ? 3.205   9.601   16.894  1.00 74.32  ?  50  GLY A O   1 
ATOM   279  N  N   . GLU A 1 71  ? 1.838   11.398  17.042  1.00 62.80  ?  51  GLU A N   1 
ATOM   280  C  CA  . GLU A 1 71  ? 1.156   11.167  15.779  1.00 62.72  ?  51  GLU A CA  1 
ATOM   281  C  C   . GLU A 1 71  ? 0.719   12.521  15.223  1.00 62.35  ?  51  GLU A C   1 
ATOM   282  O  O   . GLU A 1 71  ? 0.038   13.282  15.906  1.00 58.31  ?  51  GLU A O   1 
ATOM   283  C  CB  . GLU A 1 71  ? -0.001  10.172  15.950  1.00 57.02  ?  51  GLU A CB  1 
ATOM   284  C  CG  . GLU A 1 71  ? -0.940  10.118  14.753  1.00 55.06  ?  51  GLU A CG  1 
ATOM   285  C  CD  . GLU A 1 71  ? -2.160  9.205   14.822  1.00 48.08  ?  51  GLU A CD  1 
ATOM   286  O  OE1 . GLU A 1 71  ? -1.993  7.990   15.067  1.00 39.59  ?  51  GLU A OE1 1 
ATOM   287  O  OE2 . GLU A 1 71  ? -3.276  9.707   14.583  1.00 44.03  -1 51  GLU A OE2 1 
ATOM   288  N  N   . PRO A 1 72  ? 1.139   12.889  13.987  1.00 63.91  ?  52  PRO A N   1 
ATOM   289  C  CA  . PRO A 1 72  ? 0.862   14.229  13.455  1.00 54.30  ?  52  PRO A CA  1 
ATOM   290  C  C   . PRO A 1 72  ? -0.596  14.344  13.028  1.00 48.09  ?  52  PRO A C   1 
ATOM   291  O  O   . PRO A 1 72  ? -1.233  13.335  12.760  1.00 51.63  ?  52  PRO A O   1 
ATOM   292  C  CB  . PRO A 1 72  ? 1.806   14.336  12.244  1.00 54.92  ?  52  PRO A CB  1 
ATOM   293  C  CG  . PRO A 1 72  ? 2.055   12.895  11.812  1.00 55.24  ?  52  PRO A CG  1 
ATOM   294  C  CD  . PRO A 1 72  ? 1.928   12.048  13.064  1.00 57.57  ?  52  PRO A CD  1 
ATOM   295  N  N   . ALA A 1 73  ? -1.106  15.579  12.949  1.00 44.16  ?  53  ALA A N   1 
ATOM   296  C  CA  . ALA A 1 73  ? -2.492  15.823  12.581  1.00 42.06  ?  53  ALA A CA  1 
ATOM   297  C  C   . ALA A 1 73  ? -2.720  15.438  11.124  1.00 40.08  ?  53  ALA A C   1 
ATOM   298  O  O   . ALA A 1 73  ? -3.833  15.083  10.735  1.00 34.96  ?  53  ALA A O   1 
ATOM   299  C  CB  . ALA A 1 73  ? -2.851  17.276  12.805  1.00 42.25  ?  53  ALA A CB  1 
ATOM   300  N  N   . ARG A 1 74  ? -1.664  15.557  10.311  1.00 37.12  ?  54  ARG A N   1 
ATOM   301  C  CA  . ARG A 1 74  ? -1.814  15.316  8.889   1.00 36.31  ?  54  ARG A CA  1 
ATOM   302  C  C   . ARG A 1 74  ? -0.662  14.450  8.383   1.00 34.95  ?  54  ARG A C   1 
ATOM   303  O  O   . ARG A 1 74  ? 0.431   14.446  8.956   1.00 29.93  ?  54  ARG A O   1 
ATOM   304  C  CB  . ARG A 1 74  ? -2.037  16.646  8.162   1.00 39.42  ?  54  ARG A CB  1 
ATOM   305  C  CG  . ARG A 1 74  ? -3.506  17.043  8.041   1.00 45.99  ?  54  ARG A CG  1 
ATOM   306  C  CD  . ARG A 1 74  ? -3.853  18.489  7.728   1.00 49.43  ?  54  ARG A CD  1 
ATOM   307  N  NE  . ARG A 1 74  ? -3.663  18.941  6.347   1.00 55.83  ?  54  ARG A NE  1 
ATOM   308  C  CZ  . ARG A 1 74  ? -2.707  19.786  5.939   1.00 58.94  ?  54  ARG A CZ  1 
ATOM   309  N  NH1 . ARG A 1 74  ? -1.697  20.089  6.738   1.00 66.80  1  54  ARG A NH1 1 
ATOM   310  N  NH2 . ARG A 1 74  ? -2.763  20.335  4.736   1.00 55.95  ?  54  ARG A NH2 1 
ATOM   311  N  N   . VAL A 1 75  ? -0.943  13.665  7.331   1.00 33.26  ?  55  VAL A N   1 
ATOM   312  C  CA  . VAL A 1 75  ? 0.126   12.996  6.593   1.00 31.23  ?  55  VAL A CA  1 
ATOM   313  C  C   . VAL A 1 75  ? -0.139  13.175  5.107   1.00 30.92  ?  55  VAL A C   1 
ATOM   314  O  O   . VAL A 1 75  ? -1.255  13.514  4.718   1.00 31.52  ?  55  VAL A O   1 
ATOM   315  C  CB  . VAL A 1 75  ? 0.269   11.495  6.933   1.00 31.25  ?  55  VAL A CB  1 
ATOM   316  C  CG1 . VAL A 1 75  ? 0.739   11.244  8.359   1.00 30.17  ?  55  VAL A CG1 1 
ATOM   317  C  CG2 . VAL A 1 75  ? -0.994  10.696  6.614   1.00 32.21  ?  55  VAL A CG2 1 
ATOM   318  N  N   . ARG A 1 76  ? 0.889   12.900  4.293   1.00 28.72  ?  56  ARG A N   1 
ATOM   319  C  CA  . ARG A 1 76  ? 0.735   12.908  2.851   1.00 27.37  ?  56  ARG A CA  1 
ATOM   320  C  C   . ARG A 1 76  ? 1.190   11.575  2.264   1.00 24.95  ?  56  ARG A C   1 
ATOM   321  O  O   . ARG A 1 76  ? 2.251   11.079  2.617   1.00 24.01  ?  56  ARG A O   1 
ATOM   322  C  CB  . ARG A 1 76  ? 1.572   14.050  2.275   1.00 29.83  ?  56  ARG A CB  1 
ATOM   323  C  CG  . ARG A 1 76  ? 1.338   14.243  0.789   1.00 30.65  ?  56  ARG A CG  1 
ATOM   324  C  CD  . ARG A 1 76  ? 2.178   15.331  0.185   1.00 32.01  ?  56  ARG A CD  1 
ATOM   325  N  NE  . ARG A 1 76  ? 1.833   15.386  -1.230  1.00 33.33  ?  56  ARG A NE  1 
ATOM   326  C  CZ  . ARG A 1 76  ? 2.497   16.103  -2.115  1.00 31.27  ?  56  ARG A CZ  1 
ATOM   327  N  NH1 . ARG A 1 76  ? 3.702   16.565  -1.823  1.00 32.30  1  56  ARG A NH1 1 
ATOM   328  N  NH2 . ARG A 1 76  ? 1.948   16.364  -3.279  1.00 27.27  ?  56  ARG A NH2 1 
ATOM   329  N  N   . CYS A 1 77  ? 0.399   11.018  1.343   1.00 23.71  ?  57  CYS A N   1 
ATOM   330  C  CA  . CYS A 1 77  ? 0.681   9.695   0.805   1.00 23.94  ?  57  CYS A CA  1 
ATOM   331  C  C   . CYS A 1 77  ? 0.340   9.640   -0.676  1.00 24.68  ?  57  CYS A C   1 
ATOM   332  O  O   . CYS A 1 77  ? -0.577  10.328  -1.121  1.00 22.42  ?  57  CYS A O   1 
ATOM   333  C  CB  . CYS A 1 77  ? -0.143  8.609   1.488   1.00 22.66  ?  57  CYS A CB  1 
ATOM   334  S  SG  . CYS A 1 77  ? 0.248   8.477   3.256   1.00 26.52  ?  57  CYS A SG  1 
ATOM   335  N  N   . SER A 1 78  ? 1.091   8.803   -1.408  1.00 22.39  ?  58  SER A N   1 
ATOM   336  C  CA  . SER A 1 78  ? 0.670   8.347   -2.714  1.00 19.50  ?  58  SER A CA  1 
ATOM   337  C  C   . SER A 1 78  ? 0.229   6.900   -2.581  1.00 21.67  ?  58  SER A C   1 
ATOM   338  O  O   . SER A 1 78  ? 0.540   6.255   -1.571  1.00 21.43  ?  58  SER A O   1 
ATOM   339  C  CB  . SER A 1 78  ? 1.781   8.448   -3.673  1.00 20.16  ?  58  SER A CB  1 
ATOM   340  O  OG  . SER A 1 78  ? 2.269   9.773   -3.718  1.00 22.76  ?  58  SER A OG  1 
ATOM   341  N  N   . HIS A 1 79  ? -0.487  6.385   -3.585  1.00 22.56  ?  59  HIS A N   1 
ATOM   342  C  CA  . HIS A 1 79  ? -0.962  4.977   -3.505  1.00 22.51  ?  59  HIS A CA  1 
ATOM   343  C  C   . HIS A 1 79  ? -1.322  4.431   -4.891  1.00 21.75  ?  59  HIS A C   1 
ATOM   344  O  O   . HIS A 1 79  ? -1.849  5.200   -5.720  1.00 21.86  ?  59  HIS A O   1 
ATOM   345  C  CB  . HIS A 1 79  ? -2.136  4.865   -2.522  1.00 22.39  ?  59  HIS A CB  1 
ATOM   346  C  CG  . HIS A 1 79  ? -3.460  5.186   -3.131  1.00 23.10  ?  59  HIS A CG  1 
ATOM   347  N  ND1 . HIS A 1 79  ? -4.511  4.287   -3.127  1.00 24.25  ?  59  HIS A ND1 1 
ATOM   348  C  CD2 . HIS A 1 79  ? -3.911  6.293   -3.759  1.00 24.53  ?  59  HIS A CD2 1 
ATOM   349  C  CE1 . HIS A 1 79  ? -5.551  4.830   -3.727  1.00 23.86  ?  59  HIS A CE1 1 
ATOM   350  N  NE2 . HIS A 1 79  ? -5.209  6.060   -4.124  1.00 26.05  ?  59  HIS A NE2 1 
ATOM   351  N  N   . LEU A 1 80  ? -1.039  3.143   -5.109  1.00 21.22  ?  60  LEU A N   1 
ATOM   352  C  CA  . LEU A 1 80  ? -1.341  2.447   -6.337  1.00 23.78  ?  60  LEU A CA  1 
ATOM   353  C  C   . LEU A 1 80  ? -2.484  1.494   -5.994  1.00 25.42  ?  60  LEU A C   1 
ATOM   354  O  O   . LEU A 1 80  ? -2.439  0.773   -4.998  1.00 26.74  ?  60  LEU A O   1 
ATOM   355  C  CB  . LEU A 1 80  ? -0.057  1.730   -6.768  1.00 20.12  ?  60  LEU A CB  1 
ATOM   356  C  CG  . LEU A 1 80  ? -0.031  1.097   -8.164  1.00 21.83  ?  60  LEU A CG  1 
ATOM   357  C  CD1 . LEU A 1 80  ? 1.394   0.661   -8.511  1.00 19.07  ?  60  LEU A CD1 1 
ATOM   358  C  CD2 . LEU A 1 80  ? -0.967  -0.109  -8.243  1.00 21.20  ?  60  LEU A CD2 1 
ATOM   359  N  N   . LEU A 1 81  ? -3.540  1.561   -6.794  1.00 26.46  ?  61  LEU A N   1 
ATOM   360  C  CA  . LEU A 1 81  ? -4.745  0.798   -6.546  1.00 25.06  ?  61  LEU A CA  1 
ATOM   361  C  C   . LEU A 1 81  ? -4.945  -0.194  -7.692  1.00 25.61  ?  61  LEU A C   1 
ATOM   362  O  O   . LEU A 1 81  ? -4.970  0.198   -8.857  1.00 25.80  ?  61  LEU A O   1 
ATOM   363  C  CB  . LEU A 1 81  ? -5.922  1.784   -6.453  1.00 22.02  ?  61  LEU A CB  1 
ATOM   364  C  CG  . LEU A 1 81  ? -7.309  1.140   -6.488  1.00 22.27  ?  61  LEU A CG  1 
ATOM   365  C  CD1 . LEU A 1 81  ? -7.490  0.218   -5.287  1.00 22.61  ?  61  LEU A CD1 1 
ATOM   366  C  CD2 . LEU A 1 81  ? -8.424  2.191   -6.531  1.00 21.24  ?  61  LEU A CD2 1 
ATOM   367  N  N   . VAL A 1 82  ? -5.100  -1.478  -7.338  1.00 23.54  ?  62  VAL A N   1 
ATOM   368  C  CA  . VAL A 1 82  ? -5.534  -2.494  -8.280  1.00 22.51  ?  62  VAL A CA  1 
ATOM   369  C  C   . VAL A 1 82  ? -6.943  -2.903  -7.877  1.00 24.14  ?  62  VAL A C   1 
ATOM   370  O  O   . VAL A 1 82  ? -7.150  -3.428  -6.781  1.00 27.50  ?  62  VAL A O   1 
ATOM   371  C  CB  . VAL A 1 82  ? -4.585  -3.707  -8.239  1.00 22.61  ?  62  VAL A CB  1 
ATOM   372  C  CG1 . VAL A 1 82  ? -4.960  -4.763  -9.278  1.00 19.69  ?  62  VAL A CG1 1 
ATOM   373  C  CG2 . VAL A 1 82  ? -3.134  -3.258  -8.399  1.00 22.38  ?  62  VAL A CG2 1 
ATOM   374  N  N   . LYS A 1 83  ? -7.917  -2.590  -8.729  1.00 25.36  ?  63  LYS A N   1 
ATOM   375  C  CA  . LYS A 1 83  ? -9.298  -2.965  -8.458  1.00 25.01  ?  63  LYS A CA  1 
ATOM   376  C  C   . LYS A 1 83  ? -9.515  -4.412  -8.898  1.00 24.47  ?  63  LYS A C   1 
ATOM   377  O  O   . LYS A 1 83  ? -8.688  -4.992  -9.614  1.00 21.83  ?  63  LYS A O   1 
ATOM   378  C  CB  . LYS A 1 83  ? -10.224 -2.019  -9.223  1.00 25.78  ?  63  LYS A CB  1 
ATOM   379  C  CG  . LYS A 1 83  ? -10.435 -0.657  -8.579  1.00 26.82  ?  63  LYS A CG  1 
ATOM   380  C  CD  . LYS A 1 83  ? -11.257 0.298   -9.440  1.00 27.34  ?  63  LYS A CD  1 
ATOM   381  C  CE  . LYS A 1 83  ? -11.672 1.562   -8.703  1.00 27.69  ?  63  LYS A CE  1 
ATOM   382  N  NZ  . LYS A 1 83  ? -12.893 2.152   -9.294  1.00 29.81  1  63  LYS A NZ  1 
ATOM   383  N  N   . HIS A 1 84  ? -10.626 -5.000  -8.440  1.00 26.84  ?  64  HIS A N   1 
ATOM   384  C  CA  . HIS A 1 84  ? -11.053 -6.332  -8.860  1.00 26.49  ?  64  HIS A CA  1 
ATOM   385  C  C   . HIS A 1 84  ? -12.574 -6.352  -9.007  1.00 27.95  ?  64  HIS A C   1 
ATOM   386  O  O   . HIS A 1 84  ? -13.245 -5.379  -8.650  1.00 26.28  ?  64  HIS A O   1 
ATOM   387  C  CB  . HIS A 1 84  ? -10.591 -7.389  -7.848  1.00 25.40  ?  64  HIS A CB  1 
ATOM   388  C  CG  . HIS A 1 84  ? -10.888 -7.031  -6.430  1.00 26.10  ?  64  HIS A CG  1 
ATOM   389  N  ND1 . HIS A 1 84  ? -12.164 -7.051  -5.914  1.00 27.30  ?  64  HIS A ND1 1 
ATOM   390  C  CD2 . HIS A 1 84  ? -10.083 -6.624  -5.420  1.00 25.18  ?  64  HIS A CD2 1 
ATOM   391  C  CE1 . HIS A 1 84  ? -12.140 -6.654  -4.652  1.00 26.05  ?  64  HIS A CE1 1 
ATOM   392  N  NE2 . HIS A 1 84  ? -10.873 -6.384  -4.327  1.00 25.36  ?  64  HIS A NE2 1 
ATOM   393  N  N   . SER A 1 85  ? -13.111 -7.490  -9.474  1.00 29.51  ?  65  SER A N   1 
ATOM   394  C  CA  . SER A 1 85  ? -14.542 -7.684  -9.716  1.00 33.46  ?  65  SER A CA  1 
ATOM   395  C  C   . SER A 1 85  ? -15.405 -7.408  -8.475  1.00 36.18  ?  65  SER A C   1 
ATOM   396  O  O   . SER A 1 85  ? -16.584 -7.095  -8.603  1.00 41.00  ?  65  SER A O   1 
ATOM   397  C  CB  . SER A 1 85  ? -14.826 -9.057  -10.294 1.00 30.44  ?  65  SER A CB  1 
ATOM   398  O  OG  . SER A 1 85  ? -14.594 -10.059 -9.307  1.00 30.05  ?  65  SER A OG  1 
ATOM   399  N  N   . GLN A 1 86  ? -14.826 -7.476  -7.271  1.00 37.62  ?  66  GLN A N   1 
ATOM   400  C  CA  . GLN A 1 86  ? -15.598 -7.205  -6.066  1.00 37.39  ?  66  GLN A CA  1 
ATOM   401  C  C   . GLN A 1 86  ? -15.408 -5.762  -5.586  1.00 35.78  ?  66  GLN A C   1 
ATOM   402  O  O   . GLN A 1 86  ? -15.921 -5.396  -4.523  1.00 32.87  ?  66  GLN A O   1 
ATOM   403  C  CB  . GLN A 1 86  ? -15.263 -8.217  -4.961  1.00 36.98  ?  66  GLN A CB  1 
ATOM   404  C  CG  . GLN A 1 86  ? -15.993 -9.558  -5.070  1.00 39.54  ?  66  GLN A CG  1 
ATOM   405  C  CD  . GLN A 1 86  ? -15.954 -10.406 -3.811  1.00 43.71  ?  66  GLN A CD  1 
ATOM   406  O  OE1 . GLN A 1 86  ? -16.001 -11.631 -3.874  1.00 52.08  ?  66  GLN A OE1 1 
ATOM   407  N  NE2 . GLN A 1 86  ? -15.878 -9.783  -2.644  1.00 37.47  ?  66  GLN A NE2 1 
ATOM   408  N  N   . SER A 1 87  ? -14.701 -4.928  -6.367  1.00 34.81  ?  67  SER A N   1 
ATOM   409  C  CA  . SER A 1 87  ? -14.566 -3.515  -6.007  1.00 37.03  ?  67  SER A CA  1 
ATOM   410  C  C   . SER A 1 87  ? -15.937 -2.834  -5.926  1.00 35.66  ?  67  SER A C   1 
ATOM   411  O  O   . SER A 1 87  ? -16.893 -3.283  -6.562  1.00 37.49  ?  67  SER A O   1 
ATOM   412  C  CB  . SER A 1 87  ? -13.606 -2.770  -6.933  1.00 32.23  ?  67  SER A CB  1 
ATOM   413  O  OG  . SER A 1 87  ? -12.258 -3.112  -6.642  1.00 31.34  ?  67  SER A OG  1 
ATOM   414  N  N   . ARG A 1 88  ? -16.013 -1.748  -5.146  1.00 36.92  ?  68  ARG A N   1 
ATOM   415  C  CA  . ARG A 1 88  ? -17.179 -0.883  -5.061  1.00 39.18  ?  68  ARG A CA  1 
ATOM   416  C  C   . ARG A 1 88  ? -17.609 -0.514  -6.475  1.00 42.14  ?  68  ARG A C   1 
ATOM   417  O  O   . ARG A 1 88  ? -18.706 -0.887  -6.893  1.00 43.22  ?  68  ARG A O   1 
ATOM   418  C  CB  . ARG A 1 88  ? -16.873 0.344   -4.198  1.00 46.17  ?  68  ARG A CB  1 
ATOM   419  C  CG  . ARG A 1 88  ? -18.094 1.158   -3.794  1.00 54.32  ?  68  ARG A CG  1 
ATOM   420  C  CD  . ARG A 1 88  ? -17.862 2.097   -2.612  1.00 65.77  ?  68  ARG A CD  1 
ATOM   421  N  NE  . ARG A 1 88  ? -16.789 3.095   -2.691  1.00 74.24  ?  68  ARG A NE  1 
ATOM   422  C  CZ  . ARG A 1 88  ? -16.439 3.947   -1.713  1.00 77.43  ?  68  ARG A CZ  1 
ATOM   423  N  NH1 . ARG A 1 88  ? -17.077 3.941   -0.553  1.00 75.74  1  68  ARG A NH1 1 
ATOM   424  N  NH2 . ARG A 1 88  ? -15.454 4.812   -1.900  1.00 74.00  ?  68  ARG A NH2 1 
ATOM   425  N  N   . ARG A 1 89  ? -16.716 0.153   -7.213  1.00 41.55  ?  69  ARG A N   1 
ATOM   426  C  CA  . ARG A 1 89  ? -16.970 0.516   -8.634  1.00 43.04  ?  69  ARG A CA  1 
ATOM   427  C  C   . ARG A 1 89  ? -15.978 -0.280  -9.492  1.00 42.36  ?  69  ARG A C   1 
ATOM   428  O  O   . ARG A 1 89  ? -14.831 0.185   -9.641  1.00 46.06  ?  69  ARG A O   1 
ATOM   429  C  CB  . ARG A 1 89  ? -16.799 2.024   -8.841  1.00 47.15  ?  69  ARG A CB  1 
ATOM   430  C  CG  . ARG A 1 89  ? -15.423 2.551   -8.464  1.00 52.38  ?  69  ARG A CG  1 
ATOM   431  C  CD  . ARG A 1 89  ? -15.342 4.064   -8.543  1.00 62.77  ?  69  ARG A CD  1 
ATOM   432  N  NE  . ARG A 1 89  ? -13.987 4.536   -8.787  1.00 64.93  ?  69  ARG A NE  1 
ATOM   433  C  CZ  . ARG A 1 89  ? -13.318 5.354   -7.983  1.00 45.48  ?  69  ARG A CZ  1 
ATOM   434  N  NH1 . ARG A 1 89  ? -13.427 5.227   -6.672  1.00 41.39  1  69  ARG A NH1 1 
ATOM   435  N  NH2 . ARG A 1 89  ? -12.542 6.295   -8.491  1.00 48.85  ?  69  ARG A NH2 1 
ATOM   436  N  N   . PRO A 1 90  ? -16.356 -1.447  -10.063 1.00 39.36  ?  70  PRO A N   1 
ATOM   437  C  CA  . PRO A 1 90  ? -15.415 -2.263  -10.833 1.00 38.29  ?  70  PRO A CA  1 
ATOM   438  C  C   . PRO A 1 90  ? -15.059 -1.716  -12.221 1.00 38.41  ?  70  PRO A C   1 
ATOM   439  O  O   . PRO A 1 90  ? -15.159 -2.418  -13.243 1.00 35.04  ?  70  PRO A O   1 
ATOM   440  C  CB  . PRO A 1 90  ? -16.114 -3.627  -10.951 1.00 39.53  ?  70  PRO A CB  1 
ATOM   441  C  CG  . PRO A 1 90  ? -17.385 -3.519  -10.121 1.00 39.73  ?  70  PRO A CG  1 
ATOM   442  C  CD  . PRO A 1 90  ? -17.700 -2.044  -10.010 1.00 38.44  ?  70  PRO A CD  1 
ATOM   443  N  N   . SER A 1 91  ? -14.639 -0.446  -12.241 1.00 35.64  ?  71  SER A N   1 
ATOM   444  C  CA  . SER A 1 91  ? -14.258 0.243   -13.503 1.00 37.38  ?  71  SER A CA  1 
ATOM   445  C  C   . SER A 1 91  ? -13.217 1.333   -13.221 1.00 36.67  ?  71  SER A C   1 
ATOM   446  O  O   . SER A 1 91  ? -13.234 1.903   -12.111 1.00 37.54  ?  71  SER A O   1 
ATOM   447  C  CB  . SER A 1 91  ? -15.472 0.809   -14.196 1.00 39.44  ?  71  SER A CB  1 
ATOM   448  O  OG  . SER A 1 91  ? -15.613 2.194   -13.916 1.00 43.26  ?  71  SER A OG  1 
ATOM   449  N  N   . SER A 1 92  ? -12.351 1.598   -14.203 1.00 33.62  ?  72  SER A N   1 
ATOM   450  C  CA  . SER A 1 92  ? -11.303 2.603   -14.118 1.00 33.94  ?  72  SER A CA  1 
ATOM   451  C  C   . SER A 1 92  ? -10.902 3.106   -15.513 1.00 36.32  ?  72  SER A C   1 
ATOM   452  O  O   . SER A 1 92  ? -11.227 2.503   -16.561 1.00 33.79  ?  72  SER A O   1 
ATOM   453  C  CB  . SER A 1 92  ? -10.096 2.026   -13.420 1.00 30.04  ?  72  SER A CB  1 
ATOM   454  O  OG  . SER A 1 92  ? -9.329  1.254   -14.340 1.00 27.34  ?  72  SER A OG  1 
ATOM   455  N  N   . TRP A 1 93  ? -10.112 4.189   -15.495 1.00 32.66  ?  73  TRP A N   1 
ATOM   456  C  CA  . TRP A 1 93  ? -9.561  4.769   -16.708 1.00 33.53  ?  73  TRP A CA  1 
ATOM   457  C  C   . TRP A 1 93  ? -8.859  3.716   -17.564 1.00 32.80  ?  73  TRP A C   1 
ATOM   458  O  O   . TRP A 1 93  ? -8.851  3.831   -18.777 1.00 40.80  ?  73  TRP A O   1 
ATOM   459  C  CB  . TRP A 1 93  ? -8.673  5.976   -16.375 1.00 34.95  ?  73  TRP A CB  1 
ATOM   460  C  CG  . TRP A 1 93  ? -7.328  5.641   -15.798 1.00 36.94  ?  73  TRP A CG  1 
ATOM   461  C  CD1 . TRP A 1 93  ? -6.979  5.612   -14.478 1.00 34.37  ?  73  TRP A CD1 1 
ATOM   462  C  CD2 . TRP A 1 93  ? -6.118  5.354   -16.536 1.00 35.15  ?  73  TRP A CD2 1 
ATOM   463  N  NE1 . TRP A 1 93  ? -5.648  5.302   -14.344 1.00 35.26  ?  73  TRP A NE1 1 
ATOM   464  C  CE2 . TRP A 1 93  ? -5.094  5.134   -15.586 1.00 33.97  ?  73  TRP A CE2 1 
ATOM   465  C  CE3 . TRP A 1 93  ? -5.805  5.242   -17.899 1.00 34.37  ?  73  TRP A CE3 1 
ATOM   466  C  CZ2 . TRP A 1 93  ? -3.789  4.817   -15.961 1.00 33.50  ?  73  TRP A CZ2 1 
ATOM   467  C  CZ3 . TRP A 1 93  ? -4.518  4.904   -18.271 1.00 34.58  ?  73  TRP A CZ3 1 
ATOM   468  C  CH2 . TRP A 1 93  ? -3.522  4.701   -17.308 1.00 33.57  ?  73  TRP A CH2 1 
ATOM   469  N  N   . ARG A 1 94  ? -8.294  2.666   -16.963 1.00 35.77  ?  74  ARG A N   1 
ATOM   470  C  CA  . ARG A 1 94  ? -7.538  1.693   -17.746 1.00 34.17  ?  74  ARG A CA  1 
ATOM   471  C  C   . ARG A 1 94  ? -8.484  0.668   -18.356 1.00 33.34  ?  74  ARG A C   1 
ATOM   472  O  O   . ARG A 1 94  ? -8.114  -0.048  -19.285 1.00 29.44  ?  74  ARG A O   1 
ATOM   473  C  CB  . ARG A 1 94  ? -6.574  0.862   -16.876 1.00 35.75  ?  74  ARG A CB  1 
ATOM   474  C  CG  . ARG A 1 94  ? -5.757  1.636   -15.849 1.00 34.99  ?  74  ARG A CG  1 
ATOM   475  C  CD  . ARG A 1 94  ? -4.612  0.852   -15.216 1.00 35.32  ?  74  ARG A CD  1 
ATOM   476  N  NE  . ARG A 1 94  ? -3.746  0.192   -16.183 1.00 35.00  ?  74  ARG A NE  1 
ATOM   477  C  CZ  . ARG A 1 94  ? -3.497  -1.110  -16.228 1.00 34.13  ?  74  ARG A CZ  1 
ATOM   478  N  NH1 . ARG A 1 94  ? -3.848  -1.892  -15.220 1.00 35.28  1  74  ARG A NH1 1 
ATOM   479  N  NH2 . ARG A 1 94  ? -2.876  -1.616  -17.274 1.00 29.34  ?  74  ARG A NH2 1 
ATOM   480  N  N   . GLN A 1 95  ? -9.671  0.520   -17.759 1.00 35.32  ?  75  GLN A N   1 
ATOM   481  C  CA  . GLN A 1 95  ? -10.442 -0.689  -18.006 1.00 36.95  ?  75  GLN A CA  1 
ATOM   482  C  C   . GLN A 1 95  ? -11.853 -0.487  -17.482 1.00 38.49  ?  75  GLN A C   1 
ATOM   483  O  O   . GLN A 1 95  ? -12.059 -0.341  -16.266 1.00 32.43  ?  75  GLN A O   1 
ATOM   484  C  CB  . GLN A 1 95  ? -9.738  -1.883  -17.361 1.00 39.69  ?  75  GLN A CB  1 
ATOM   485  C  CG  . GLN A 1 95  ? -10.401 -3.226  -17.611 1.00 42.44  ?  75  GLN A CG  1 
ATOM   486  C  CD  . GLN A 1 95  ? -9.493  -4.337  -17.137 1.00 42.41  ?  75  GLN A CD  1 
ATOM   487  O  OE1 . GLN A 1 95  ? -9.000  -5.141  -17.923 1.00 45.88  ?  75  GLN A OE1 1 
ATOM   488  N  NE2 . GLN A 1 95  ? -9.244  -4.379  -15.842 1.00 38.37  ?  75  GLN A NE2 1 
ATOM   489  N  N   . GLU A 1 96  ? -12.794 -0.444  -18.444 1.00 40.02  ?  76  GLU A N   1 
ATOM   490  C  CA  . GLU A 1 96  ? -14.168 -0.036  -18.189 1.00 38.12  ?  76  GLU A CA  1 
ATOM   491  C  C   . GLU A 1 96  ? -14.888 -1.074  -17.325 1.00 34.59  ?  76  GLU A C   1 
ATOM   492  O  O   . GLU A 1 96  ? -15.615 -0.703  -16.408 1.00 34.75  ?  76  GLU A O   1 
ATOM   493  C  CB  . GLU A 1 96  ? -14.921 0.279   -19.487 1.00 40.40  ?  76  GLU A CB  1 
ATOM   494  C  CG  . GLU A 1 96  ? -16.201 1.078   -19.238 1.00 38.65  ?  76  GLU A CG  1 
ATOM   495  C  CD  . GLU A 1 96  ? -17.045 1.516   -20.437 1.00 42.51  ?  76  GLU A CD  1 
ATOM   496  O  OE1 . GLU A 1 96  ? -16.670 1.187   -21.604 1.00 35.15  ?  76  GLU A OE1 1 
ATOM   497  O  OE2 . GLU A 1 96  ? -18.109 2.176   -20.195 1.00 40.55  -1 76  GLU A OE2 1 
ATOM   498  N  N   . LYS A 1 97  ? -14.705 -2.352  -17.651 1.00 32.37  ?  77  LYS A N   1 
ATOM   499  C  CA  . LYS A 1 97  ? -15.170 -3.458  -16.829 1.00 36.82  ?  77  LYS A CA  1 
ATOM   500  C  C   . LYS A 1 97  ? -13.952 -4.262  -16.361 1.00 38.15  ?  77  LYS A C   1 
ATOM   501  O  O   . LYS A 1 97  ? -13.311 -4.965  -17.157 1.00 36.28  ?  77  LYS A O   1 
ATOM   502  C  CB  . LYS A 1 97  ? -16.100 -4.378  -17.633 1.00 38.72  ?  77  LYS A CB  1 
ATOM   503  C  CG  . LYS A 1 97  ? -16.590 -5.626  -16.898 1.00 39.26  ?  77  LYS A CG  1 
ATOM   504  C  CD  . LYS A 1 97  ? -17.174 -6.728  -17.808 1.00 43.27  ?  77  LYS A CD  1 
ATOM   505  C  CE  . LYS A 1 97  ? -18.020 -7.772  -17.085 1.00 36.91  ?  77  LYS A CE  1 
ATOM   506  N  NZ  . LYS A 1 97  ? -18.860 -7.164  -16.019 1.00 36.03  1  77  LYS A NZ  1 
ATOM   507  N  N   . ILE A 1 98  ? -13.655 -4.149  -15.060 1.00 34.72  ?  78  ILE A N   1 
ATOM   508  C  CA  . ILE A 1 98  ? -12.599 -4.924  -14.425 1.00 34.97  ?  78  ILE A CA  1 
ATOM   509  C  C   . ILE A 1 98  ? -13.178 -6.270  -13.992 1.00 35.21  ?  78  ILE A C   1 
ATOM   510  O  O   . ILE A 1 98  ? -14.176 -6.298  -13.278 1.00 35.74  ?  78  ILE A O   1 
ATOM   511  C  CB  . ILE A 1 98  ? -11.989 -4.124  -13.250 1.00 34.37  ?  78  ILE A CB  1 
ATOM   512  C  CG1 . ILE A 1 98  ? -11.353 -2.832  -13.782 1.00 30.46  ?  78  ILE A CG1 1 
ATOM   513  C  CG2 . ILE A 1 98  ? -10.977 -4.988  -12.498 1.00 32.36  ?  78  ILE A CG2 1 
ATOM   514  C  CD1 . ILE A 1 98  ? -11.035 -1.811  -12.752 1.00 26.78  ?  78  ILE A CD1 1 
ATOM   515  N  N   . THR A 1 99  ? -12.529 -7.368  -14.414 1.00 34.21  ?  79  THR A N   1 
ATOM   516  C  CA  . THR A 1 99  ? -13.070 -8.716  -14.297 1.00 33.47  ?  79  THR A CA  1 
ATOM   517  C  C   . THR A 1 99  ? -12.164 -9.607  -13.439 1.00 36.10  ?  79  THR A C   1 
ATOM   518  O  O   . THR A 1 99  ? -12.560 -10.705 -13.042 1.00 38.82  ?  79  THR A O   1 
ATOM   519  C  CB  . THR A 1 99  ? -13.231 -9.356  -15.686 1.00 35.91  ?  79  THR A CB  1 
ATOM   520  O  OG1 . THR A 1 99  ? -11.997 -9.238  -16.405 1.00 35.88  ?  79  THR A OG1 1 
ATOM   521  C  CG2 . THR A 1 99  ? -14.342 -8.738  -16.505 1.00 32.91  ?  79  THR A CG2 1 
ATOM   522  N  N   . ARG A 1 100 ? -10.937 -9.149  -13.160 1.00 33.34  ?  80  ARG A N   1 
ATOM   523  C  CA  . ARG A 1 100 ? -9.983  -9.961  -12.413 1.00 30.12  ?  80  ARG A CA  1 
ATOM   524  C  C   . ARG A 1 100 ? -10.529 -10.251 -11.011 1.00 26.54  ?  80  ARG A C   1 
ATOM   525  O  O   . ARG A 1 100 ? -11.218 -9.423  -10.418 1.00 25.41  ?  80  ARG A O   1 
ATOM   526  C  CB  . ARG A 1 100 ? -8.589  -9.309  -12.431 1.00 28.46  ?  80  ARG A CB  1 
ATOM   527  C  CG  . ARG A 1 100 ? -8.476  -7.966  -11.717 1.00 29.26  ?  80  ARG A CG  1 
ATOM   528  C  CD  . ARG A 1 100 ? -7.037  -7.458  -11.591 1.00 27.32  ?  80  ARG A CD  1 
ATOM   529  N  NE  . ARG A 1 100 ? -6.490  -6.749  -12.756 1.00 24.73  ?  80  ARG A NE  1 
ATOM   530  C  CZ  . ARG A 1 100 ? -6.649  -5.449  -12.953 1.00 24.24  ?  80  ARG A CZ  1 
ATOM   531  N  NH1 . ARG A 1 100 ? -7.360  -4.746  -12.091 1.00 28.70  1  80  ARG A NH1 1 
ATOM   532  N  NH2 . ARG A 1 100 ? -6.091  -4.834  -13.981 1.00 23.57  ?  80  ARG A NH2 1 
ATOM   533  N  N   . THR A 1 101 ? -10.231 -11.440 -10.484 1.00 24.28  ?  81  THR A N   1 
ATOM   534  C  CA  . THR A 1 101 ? -10.610 -11.765 -9.122  1.00 27.55  ?  81  THR A CA  1 
ATOM   535  C  C   . THR A 1 101 ? -9.760  -10.985 -8.108  1.00 29.40  ?  81  THR A C   1 
ATOM   536  O  O   . THR A 1 101 ? -8.636  -10.579 -8.420  1.00 28.50  ?  81  THR A O   1 
ATOM   537  C  CB  . THR A 1 101 ? -10.420 -13.272 -8.910  1.00 30.78  ?  81  THR A CB  1 
ATOM   538  O  OG1 . THR A 1 101 ? -9.013  -13.508 -8.854  1.00 31.57  ?  81  THR A OG1 1 
ATOM   539  C  CG2 . THR A 1 101 ? -11.044 -14.115 -10.007 1.00 30.24  ?  81  THR A CG2 1 
ATOM   540  N  N   . LYS A 1 102 ? -10.238 -10.980 -6.862  1.00 29.29  ?  82  LYS A N   1 
ATOM   541  C  CA  . LYS A 1 102 ? -9.486  -10.368 -5.740  1.00 29.84  ?  82  LYS A CA  1 
ATOM   542  C  C   . LYS A 1 102 ? -8.166  -11.134 -5.583  1.00 29.89  ?  82  LYS A C   1 
ATOM   543  O  O   . LYS A 1 102 ? -7.199  -10.525 -5.082  1.00 32.26  ?  82  LYS A O   1 
ATOM   544  C  CB  . LYS A 1 102 ? -10.313 -10.417 -4.451  1.00 34.39  ?  82  LYS A CB  1 
ATOM   545  C  CG  . LYS A 1 102 ? -11.063 -11.720 -4.207  1.00 44.41  ?  82  LYS A CG  1 
ATOM   546  C  CD  . LYS A 1 102 ? -11.887 -11.709 -2.938  1.00 48.33  ?  82  LYS A CD  1 
ATOM   547  C  CE  . LYS A 1 102 ? -12.637 -13.003 -2.705  1.00 54.29  ?  82  LYS A CE  1 
ATOM   548  N  NZ  . LYS A 1 102 ? -12.305 -13.602 -1.391  1.00 58.19  1  82  LYS A NZ  1 
ATOM   549  N  N   . GLU A 1 103 ? -8.119  -12.413 -5.990  1.00 27.89  ?  83  GLU A N   1 
ATOM   550  C  CA  . GLU A 1 103 ? -6.868  -13.143 -5.867  1.00 30.89  ?  83  GLU A CA  1 
ATOM   551  C  C   . GLU A 1 103 ? -5.866  -12.637 -6.908  1.00 30.73  ?  83  GLU A C   1 
ATOM   552  O  O   . GLU A 1 103 ? -4.667  -12.556 -6.628  1.00 30.21  ?  83  GLU A O   1 
ATOM   553  C  CB  . GLU A 1 103 ? -7.095  -14.661 -5.910  1.00 32.74  ?  83  GLU A CB  1 
ATOM   554  C  CG  . GLU A 1 103 ? -7.943  -15.185 -4.747  1.00 39.36  ?  83  GLU A CG  1 
ATOM   555  C  CD  . GLU A 1 103 ? -9.467  -14.968 -4.729  1.00 41.79  ?  83  GLU A CD  1 
ATOM   556  O  OE1 . GLU A 1 103 ? -10.039 -14.551 -5.759  1.00 41.60  ?  83  GLU A OE1 1 
ATOM   557  O  OE2 . GLU A 1 103 ? -10.099 -15.226 -3.670  1.00 46.08  -1 83  GLU A OE2 1 
ATOM   558  N  N   . GLU A 1 104 ? -6.362  -12.301 -8.103  1.00 31.16  ?  84  GLU A N   1 
ATOM   559  C  CA  . GLU A 1 104 ? -5.514  -11.875 -9.211  1.00 32.98  ?  84  GLU A CA  1 
ATOM   560  C  C   . GLU A 1 104 ? -4.969  -10.480 -8.923  1.00 28.82  ?  84  GLU A C   1 
ATOM   561  O  O   . GLU A 1 104 ? -3.789  -10.226 -9.137  1.00 28.57  ?  84  GLU A O   1 
ATOM   562  C  CB  . GLU A 1 104 ? -6.271  -11.927 -10.539 1.00 34.08  ?  84  GLU A CB  1 
ATOM   563  C  CG  . GLU A 1 104 ? -6.471  -13.348 -11.034 1.00 38.92  ?  84  GLU A CG  1 
ATOM   564  C  CD  . GLU A 1 104 ? -7.532  -13.537 -12.109 1.00 38.23  ?  84  GLU A CD  1 
ATOM   565  O  OE1 . GLU A 1 104 ? -8.475  -12.745 -12.165 1.00 39.90  ?  84  GLU A OE1 1 
ATOM   566  O  OE2 . GLU A 1 104 ? -7.391  -14.469 -12.898 1.00 42.25  -1 84  GLU A OE2 1 
ATOM   567  N  N   . ALA A 1 105 ? -5.845  -9.628  -8.383  1.00 25.93  ?  85  ALA A N   1 
ATOM   568  C  CA  . ALA A 1 105 ? -5.532  -8.289  -7.915  1.00 26.26  ?  85  ALA A CA  1 
ATOM   569  C  C   . ALA A 1 105 ? -4.390  -8.356  -6.913  1.00 26.22  ?  85  ALA A C   1 
ATOM   570  O  O   . ALA A 1 105 ? -3.453  -7.566  -7.008  1.00 21.94  ?  85  ALA A O   1 
ATOM   571  C  CB  . ALA A 1 105 ? -6.747  -7.671  -7.262  1.00 24.23  ?  85  ALA A CB  1 
ATOM   572  N  N   . LEU A 1 106 ? -4.496  -9.309  -5.967  1.00 26.35  ?  86  LEU A N   1 
ATOM   573  C  CA  . LEU A 1 106 ? -3.486  -9.468  -4.932  1.00 27.46  ?  86  LEU A CA  1 
ATOM   574  C  C   . LEU A 1 106 ? -2.141  -9.923  -5.524  1.00 29.78  ?  86  LEU A C   1 
ATOM   575  O  O   . LEU A 1 106 ? -1.098  -9.420  -5.089  1.00 31.12  ?  86  LEU A O   1 
ATOM   576  C  CB  . LEU A 1 106 ? -3.995  -10.377 -3.809  1.00 22.36  ?  86  LEU A CB  1 
ATOM   577  C  CG  . LEU A 1 106 ? -3.004  -10.618 -2.671  1.00 23.70  ?  86  LEU A CG  1 
ATOM   578  C  CD1 . LEU A 1 106 ? -2.466  -9.311  -2.104  1.00 22.46  ?  86  LEU A CD1 1 
ATOM   579  C  CD2 . LEU A 1 106 ? -3.611  -11.478 -1.562  1.00 23.37  ?  86  LEU A CD2 1 
ATOM   580  N  N   . GLU A 1 107 ? -2.163  -10.789 -6.553  1.00 28.27  ?  87  GLU A N   1 
ATOM   581  C  CA  . GLU A 1 107 ? -0.921  -11.202 -7.201  1.00 31.29  ?  87  GLU A CA  1 
ATOM   582  C  C   . GLU A 1 107 ? -0.259  -10.027 -7.917  1.00 30.37  ?  87  GLU A C   1 
ATOM   583  O  O   . GLU A 1 107 ? 0.969   -9.901  -7.869  1.00 27.55  ?  87  GLU A O   1 
ATOM   584  C  CB  . GLU A 1 107 ? -1.047  -12.424 -8.117  1.00 33.83  ?  87  GLU A CB  1 
ATOM   585  C  CG  . GLU A 1 107 ? -0.643  -13.715 -7.410  1.00 50.56  ?  87  GLU A CG  1 
ATOM   586  C  CD  . GLU A 1 107 ? 0.611   -13.718 -6.519  1.00 61.93  ?  87  GLU A CD  1 
ATOM   587  O  OE1 . GLU A 1 107 ? 1.719   -13.441 -7.038  1.00 59.72  ?  87  GLU A OE1 1 
ATOM   588  O  OE2 . GLU A 1 107 ? 0.487   -14.003 -5.287  1.00 65.69  -1 87  GLU A OE2 1 
ATOM   589  N  N   . LEU A 1 108 ? -1.078  -9.176  -8.558  1.00 25.05  ?  88  LEU A N   1 
ATOM   590  C  CA  . LEU A 1 108 ? -0.548  -7.996  -9.213  1.00 23.67  ?  88  LEU A CA  1 
ATOM   591  C  C   . LEU A 1 108 ? 0.133   -7.091  -8.187  1.00 21.26  ?  88  LEU A C   1 
ATOM   592  O  O   . LEU A 1 108 ? 1.239   -6.610  -8.428  1.00 21.72  ?  88  LEU A O   1 
ATOM   593  C  CB  . LEU A 1 108 ? -1.641  -7.278  -10.021 1.00 22.94  ?  88  LEU A CB  1 
ATOM   594  C  CG  . LEU A 1 108 ? -1.965  -7.922  -11.377 1.00 26.61  ?  88  LEU A CG  1 
ATOM   595  C  CD1 . LEU A 1 108 ? -3.169  -7.249  -12.083 1.00 26.05  ?  88  LEU A CD1 1 
ATOM   596  C  CD2 . LEU A 1 108 ? -0.738  -7.927  -12.288 1.00 21.83  ?  88  LEU A CD2 1 
ATOM   597  N  N   . ILE A 1 109 ? -0.524  -6.885  -7.042  1.00 19.68  ?  89  ILE A N   1 
ATOM   598  C  CA  . ILE A 1 109 ? -0.007  -6.024  -5.991  1.00 18.36  ?  89  ILE A CA  1 
ATOM   599  C  C   . ILE A 1 109 ? 1.343   -6.566  -5.541  1.00 20.14  ?  89  ILE A C   1 
ATOM   600  O  O   . ILE A 1 109 ? 2.319   -5.816  -5.501  1.00 20.29  ?  89  ILE A O   1 
ATOM   601  C  CB  . ILE A 1 109 ? -1.010  -5.904  -4.833  1.00 17.65  ?  89  ILE A CB  1 
ATOM   602  C  CG1 . ILE A 1 109 ? -2.203  -5.035  -5.229  1.00 16.32  ?  89  ILE A CG1 1 
ATOM   603  C  CG2 . ILE A 1 109 ? -0.331  -5.373  -3.579  1.00 16.93  ?  89  ILE A CG2 1 
ATOM   604  C  CD1 . ILE A 1 109 ? -1.898  -3.534  -5.196  1.00 17.57  ?  89  ILE A CD1 1 
ATOM   605  N  N   . ASN A 1 110 ? 1.411   -7.889  -5.316  1.00 21.70  ?  90  ASN A N   1 
ATOM   606  C  CA  . ASN A 1 110 ? 2.615   -8.524  -4.811  1.00 23.07  ?  90  ASN A CA  1 
ATOM   607  C  C   . ASN A 1 110 ? 3.765   -8.334  -5.798  1.00 25.55  ?  90  ASN A C   1 
ATOM   608  O  O   . ASN A 1 110 ? 4.893   -8.032  -5.386  1.00 26.49  ?  90  ASN A O   1 
ATOM   609  C  CB  . ASN A 1 110 ? 2.407   -10.007 -4.499  1.00 25.16  ?  90  ASN A CB  1 
ATOM   610  C  CG  . ASN A 1 110 ? 1.537   -10.248 -3.284  1.00 24.91  ?  90  ASN A CG  1 
ATOM   611  O  OD1 . ASN A 1 110 ? 1.423   -9.400  -2.400  1.00 27.78  ?  90  ASN A OD1 1 
ATOM   612  N  ND2 . ASN A 1 110 ? 0.916   -11.408 -3.246  1.00 24.13  ?  90  ASN A ND2 1 
ATOM   613  N  N   . GLY A 1 111 ? 3.471   -8.531  -7.086  1.00 24.50  ?  91  GLY A N   1 
ATOM   614  C  CA  . GLY A 1 111 ? 4.419   -8.279  -8.165  1.00 25.49  ?  91  GLY A CA  1 
ATOM   615  C  C   . GLY A 1 111 ? 4.969   -6.848  -8.122  1.00 26.90  ?  91  GLY A C   1 
ATOM   616  O  O   . GLY A 1 111 ? 6.184   -6.657  -8.144  1.00 27.07  ?  91  GLY A O   1 
ATOM   617  N  N   . TYR A 1 112 ? 4.077   -5.845  -8.024  1.00 23.89  ?  92  TYR A N   1 
ATOM   618  C  CA  . TYR A 1 112 ? 4.517   -4.453  -8.022  1.00 23.76  ?  92  TYR A CA  1 
ATOM   619  C  C   . TYR A 1 112 ? 5.439   -4.179  -6.835  1.00 21.77  ?  92  TYR A C   1 
ATOM   620  O  O   . TYR A 1 112 ? 6.446   -3.507  -6.984  1.00 23.08  ?  92  TYR A O   1 
ATOM   621  C  CB  . TYR A 1 112 ? 3.325   -3.486  -8.053  1.00 22.43  ?  92  TYR A CB  1 
ATOM   622  C  CG  . TYR A 1 112 ? 2.477   -3.573  -9.306  1.00 24.79  ?  92  TYR A CG  1 
ATOM   623  C  CD1 . TYR A 1 112 ? 3.066   -3.718  -10.563 1.00 23.81  ?  92  TYR A CD1 1 
ATOM   624  C  CD2 . TYR A 1 112 ? 1.088   -3.489  -9.252  1.00 21.67  ?  92  TYR A CD2 1 
ATOM   625  C  CE1 . TYR A 1 112 ? 2.302   -3.806  -11.721 1.00 23.65  ?  92  TYR A CE1 1 
ATOM   626  C  CE2 . TYR A 1 112 ? 0.311   -3.566  -10.403 1.00 21.69  ?  92  TYR A CE2 1 
ATOM   627  C  CZ  . TYR A 1 112 ? 0.922   -3.747  -11.636 1.00 23.63  ?  92  TYR A CZ  1 
ATOM   628  O  OH  . TYR A 1 112 ? 0.185   -3.846  -12.775 1.00 22.98  ?  92  TYR A OH  1 
ATOM   629  N  N   . ILE A 1 113 ? 5.070   -4.680  -5.651  1.00 23.06  ?  93  ILE A N   1 
ATOM   630  C  CA  . ILE A 1 113 ? 5.832   -4.505  -4.421  1.00 20.34  ?  93  ILE A CA  1 
ATOM   631  C  C   . ILE A 1 113 ? 7.201   -5.162  -4.635  1.00 20.98  ?  93  ILE A C   1 
ATOM   632  O  O   . ILE A 1 113 ? 8.242   -4.626  -4.244  1.00 21.65  ?  93  ILE A O   1 
ATOM   633  C  CB  . ILE A 1 113 ? 5.043   -5.126  -3.257  1.00 19.69  ?  93  ILE A CB  1 
ATOM   634  C  CG1 . ILE A 1 113 ? 3.846   -4.271  -2.823  1.00 19.99  ?  93  ILE A CG1 1 
ATOM   635  C  CG2 . ILE A 1 113 ? 5.953   -5.478  -2.091  1.00 19.43  ?  93  ILE A CG2 1 
ATOM   636  C  CD1 . ILE A 1 113 ? 3.069   -4.888  -1.679  1.00 18.81  ?  93  ILE A CD1 1 
ATOM   637  N  N   . GLN A 1 114 ? 7.215   -6.302  -5.330  1.00 21.47  ?  94  GLN A N   1 
ATOM   638  C  CA  . GLN A 1 114 ? 8.490   -6.947  -5.626  1.00 24.15  ?  94  GLN A CA  1 
ATOM   639  C  C   . GLN A 1 114 ? 9.360   -6.033  -6.489  1.00 26.25  ?  94  GLN A C   1 
ATOM   640  O  O   . GLN A 1 114 ? 10.543  -5.864  -6.206  1.00 26.82  ?  94  GLN A O   1 
ATOM   641  C  CB  . GLN A 1 114 ? 8.273   -8.296  -6.300  1.00 25.09  ?  94  GLN A CB  1 
ATOM   642  C  CG  . GLN A 1 114 ? 7.882   -9.376  -5.303  1.00 27.92  ?  94  GLN A CG  1 
ATOM   643  C  CD  . GLN A 1 114 ? 7.859   -10.739 -5.942  1.00 36.02  ?  94  GLN A CD  1 
ATOM   644  O  OE1 . GLN A 1 114 ? 7.466   -10.895 -7.093  1.00 44.49  ?  94  GLN A OE1 1 
ATOM   645  N  NE2 . GLN A 1 114 ? 8.308   -11.743 -5.208  1.00 42.16  ?  94  GLN A NE2 1 
ATOM   646  N  N   . LYS A 1 115 ? 8.766   -5.426  -7.524  1.00 26.60  ?  95  LYS A N   1 
ATOM   647  C  CA  . LYS A 1 115 ? 9.506   -4.597  -8.465  1.00 27.58  ?  95  LYS A CA  1 
ATOM   648  C  C   . LYS A 1 115 ? 9.938   -3.300  -7.794  1.00 23.27  ?  95  LYS A C   1 
ATOM   649  O  O   . LYS A 1 115 ? 11.030  -2.840  -8.025  1.00 22.87  ?  95  LYS A O   1 
ATOM   650  C  CB  . LYS A 1 115 ? 8.756   -4.436  -9.797  1.00 34.49  ?  95  LYS A CB  1 
ATOM   651  C  CG  . LYS A 1 115 ? 8.914   -5.607  -10.770 1.00 41.76  ?  95  LYS A CG  1 
ATOM   652  C  CD  . LYS A 1 115 ? 7.822   -5.736  -11.851 1.00 52.47  ?  95  LYS A CD  1 
ATOM   653  C  CE  . LYS A 1 115 ? 6.404   -5.856  -11.296 1.00 62.14  ?  95  LYS A CE  1 
ATOM   654  N  NZ  . LYS A 1 115 ? 5.390   -6.468  -12.202 1.00 48.11  1  95  LYS A NZ  1 
ATOM   655  N  N   . ILE A 1 116 ? 9.112   -2.734  -6.917  1.00 22.79  ?  96  ILE A N   1 
ATOM   656  C  CA  . ILE A 1 116 ? 9.507   -1.534  -6.197  1.00 22.64  ?  96  ILE A CA  1 
ATOM   657  C  C   . ILE A 1 116 ? 10.648  -1.856  -5.236  1.00 24.07  ?  96  ILE A C   1 
ATOM   658  O  O   . ILE A 1 116 ? 11.614  -1.110  -5.123  1.00 28.05  ?  96  ILE A O   1 
ATOM   659  C  CB  . ILE A 1 116 ? 8.290   -0.897  -5.471  1.00 22.48  ?  96  ILE A CB  1 
ATOM   660  C  CG1 . ILE A 1 116 ? 7.188   -0.503  -6.472  1.00 20.54  ?  96  ILE A CG1 1 
ATOM   661  C  CG2 . ILE A 1 116 ? 8.729   0.257   -4.573  1.00 17.59  ?  96  ILE A CG2 1 
ATOM   662  C  CD1 . ILE A 1 116 ? 5.853   -0.151  -5.866  1.00 19.68  ?  96  ILE A CD1 1 
ATOM   663  N  N   . LYS A 1 117 ? 10.534  -2.969  -4.518  1.00 25.98  ?  97  LYS A N   1 
ATOM   664  C  CA  . LYS A 1 117 ? 11.509  -3.259  -3.479  1.00 27.46  ?  97  LYS A CA  1 
ATOM   665  C  C   . LYS A 1 117 ? 12.857  -3.672  -4.066  1.00 27.83  ?  97  LYS A C   1 
ATOM   666  O  O   . LYS A 1 117 ? 13.896  -3.423  -3.452  1.00 32.81  ?  97  LYS A O   1 
ATOM   667  C  CB  . LYS A 1 117 ? 10.961  -4.302  -2.511  1.00 29.11  ?  97  LYS A CB  1 
ATOM   668  C  CG  . LYS A 1 117 ? 10.112  -3.714  -1.401  1.00 27.64  ?  97  LYS A CG  1 
ATOM   669  C  CD  . LYS A 1 117 ? 9.594   -4.827  -0.499  1.00 31.18  ?  97  LYS A CD  1 
ATOM   670  C  CE  . LYS A 1 117 ? 9.451   -4.405  0.950   1.00 27.33  ?  97  LYS A CE  1 
ATOM   671  N  NZ  . LYS A 1 117 ? 9.181   -5.562  1.836   1.00 22.49  1  97  LYS A NZ  1 
ATOM   672  N  N   . SER A 1 118 ? 12.845  -4.243  -5.272  1.00 24.41  ?  98  SER A N   1 
ATOM   673  C  CA  . SER A 1 118 ? 14.072  -4.636  -5.932  1.00 23.83  ?  98  SER A CA  1 
ATOM   674  C  C   . SER A 1 118 ? 14.754  -3.439  -6.598  1.00 25.50  ?  98  SER A C   1 
ATOM   675  O  O   . SER A 1 118 ? 15.888  -3.564  -7.047  1.00 22.65  ?  98  SER A O   1 
ATOM   676  C  CB  . SER A 1 118 ? 13.767  -5.677  -6.951  1.00 24.10  ?  98  SER A CB  1 
ATOM   677  O  OG  . SER A 1 118 ? 13.137  -5.079  -8.077  1.00 27.03  ?  98  SER A OG  1 
ATOM   678  N  N   . GLY A 1 119 ? 14.033  -2.313  -6.765  1.00 26.61  ?  99  GLY A N   1 
ATOM   679  C  CA  . GLY A 1 119 ? 14.568  -1.167  -7.488  1.00 24.06  ?  99  GLY A CA  1 
ATOM   680  C  C   . GLY A 1 119 ? 14.497  -1.315  -9.015  1.00 26.45  ?  99  GLY A C   1 
ATOM   681  O  O   . GLY A 1 119 ? 14.981  -0.442  -9.733  1.00 24.34  ?  99  GLY A O   1 
ATOM   682  N  N   . GLU A 1 120 ? 13.885  -2.396  -9.523  1.00 27.68  ?  100 GLU A N   1 
ATOM   683  C  CA  . GLU A 1 120 ? 13.653  -2.514  -10.958 1.00 33.78  ?  100 GLU A CA  1 
ATOM   684  C  C   . GLU A 1 120 ? 12.711  -1.424  -11.469 1.00 34.49  ?  100 GLU A C   1 
ATOM   685  O  O   . GLU A 1 120 ? 12.774  -1.051  -12.630 1.00 36.28  ?  100 GLU A O   1 
ATOM   686  C  CB  . GLU A 1 120 ? 12.997  -3.844  -11.325 1.00 38.73  ?  100 GLU A CB  1 
ATOM   687  C  CG  . GLU A 1 120 ? 13.965  -5.006  -11.418 1.00 48.88  ?  100 GLU A CG  1 
ATOM   688  C  CD  . GLU A 1 120 ? 13.245  -6.335  -11.604 1.00 58.62  ?  100 GLU A CD  1 
ATOM   689  O  OE1 . GLU A 1 120 ? 13.273  -7.174  -10.664 1.00 59.57  ?  100 GLU A OE1 1 
ATOM   690  O  OE2 . GLU A 1 120 ? 12.633  -6.515  -12.682 1.00 64.12  -1 100 GLU A OE2 1 
ATOM   691  N  N   . GLU A 1 121 ? 11.795  -0.950  -10.622 1.00 36.18  ?  101 GLU A N   1 
ATOM   692  C  CA  . GLU A 1 121 ? 10.891  0.135   -10.977 1.00 38.29  ?  101 GLU A CA  1 
ATOM   693  C  C   . GLU A 1 121 ? 10.680  0.970   -9.723  1.00 35.19  ?  101 GLU A C   1 
ATOM   694  O  O   . GLU A 1 121 ? 10.741  0.423   -8.622  1.00 37.41  ?  101 GLU A O   1 
ATOM   695  C  CB  . GLU A 1 121 ? 9.499   -0.404  -11.322 1.00 44.04  ?  101 GLU A CB  1 
ATOM   696  C  CG  . GLU A 1 121 ? 9.436   -1.228  -12.590 1.00 46.35  ?  101 GLU A CG  1 
ATOM   697  C  CD  . GLU A 1 121 ? 9.669   -0.365  -13.807 1.00 47.89  ?  101 GLU A CD  1 
ATOM   698  O  OE1 . GLU A 1 121 ? 9.436   0.869   -13.717 1.00 48.77  ?  101 GLU A OE1 1 
ATOM   699  O  OE2 . GLU A 1 121 ? 10.125  -0.917  -14.807 1.00 53.09  -1 101 GLU A OE2 1 
ATOM   700  N  N   . ASP A 1 122 ? 10.384  2.256   -9.887  1.00 25.66  ?  102 ASP A N   1 
ATOM   701  C  CA  . ASP A 1 122 ? 10.000  2.997   -8.700  1.00 30.19  ?  102 ASP A CA  1 
ATOM   702  C  C   . ASP A 1 122 ? 8.478   3.133   -8.590  1.00 25.89  ?  102 ASP A C   1 
ATOM   703  O  O   . ASP A 1 122 ? 7.713   2.925   -9.536  1.00 20.45  ?  102 ASP A O   1 
ATOM   704  C  CB  . ASP A 1 122 ? 10.812  4.287   -8.479  1.00 36.73  ?  102 ASP A CB  1 
ATOM   705  C  CG  . ASP A 1 122 ? 10.605  5.319   -9.564  1.00 43.19  ?  102 ASP A CG  1 
ATOM   706  O  OD1 . ASP A 1 122 ? 9.537   5.273   -10.197 1.00 43.78  ?  102 ASP A OD1 1 
ATOM   707  O  OD2 . ASP A 1 122 ? 11.530  6.140   -9.786  1.00 53.26  -1 102 ASP A OD2 1 
ATOM   708  N  N   . PHE A 1 123 ? 8.073   3.513   -7.387  1.00 23.02  ?  103 PHE A N   1 
ATOM   709  C  CA  . PHE A 1 123 ? 6.678   3.629   -7.030  1.00 24.56  ?  103 PHE A CA  1 
ATOM   710  C  C   . PHE A 1 123 ? 5.918   4.463   -8.067  1.00 23.87  ?  103 PHE A C   1 
ATOM   711  O  O   . PHE A 1 123 ? 4.950   3.985   -8.660  1.00 21.75  ?  103 PHE A O   1 
ATOM   712  C  CB  . PHE A 1 123 ? 6.553   4.153   -5.594  1.00 24.17  ?  103 PHE A CB  1 
ATOM   713  C  CG  . PHE A 1 123 ? 5.120   4.204   -5.119  1.00 24.94  ?  103 PHE A CG  1 
ATOM   714  C  CD1 . PHE A 1 123 ? 4.298   5.272   -5.474  1.00 21.96  ?  103 PHE A CD1 1 
ATOM   715  C  CD2 . PHE A 1 123 ? 4.581   3.149   -4.382  1.00 24.47  ?  103 PHE A CD2 1 
ATOM   716  C  CE1 . PHE A 1 123 ? 2.966   5.296   -5.085  1.00 22.88  ?  103 PHE A CE1 1 
ATOM   717  C  CE2 . PHE A 1 123 ? 3.253   3.185   -3.976  1.00 23.58  ?  103 PHE A CE2 1 
ATOM   718  C  CZ  . PHE A 1 123 ? 2.456   4.263   -4.323  1.00 23.04  ?  103 PHE A CZ  1 
ATOM   719  N  N   . GLU A 1 124 ? 6.378   5.698   -8.279  1.00 23.39  ?  104 GLU A N   1 
ATOM   720  C  CA  . GLU A 1 124 ? 5.655   6.695   -9.052  1.00 27.35  ?  104 GLU A CA  1 
ATOM   721  C  C   . GLU A 1 124 ? 5.388   6.183   -10.461 1.00 27.92  ?  104 GLU A C   1 
ATOM   722  O  O   . GLU A 1 124 ? 4.330   6.442   -11.037 1.00 26.22  ?  104 GLU A O   1 
ATOM   723  C  CB  . GLU A 1 124 ? 6.471   7.983   -9.139  1.00 28.84  ?  104 GLU A CB  1 
ATOM   724  C  CG  . GLU A 1 124 ? 6.628   8.655   -7.789  1.00 30.58  ?  104 GLU A CG  1 
ATOM   725  C  CD  . GLU A 1 124 ? 7.884   8.278   -7.020  1.00 32.44  ?  104 GLU A CD  1 
ATOM   726  O  OE1 . GLU A 1 124 ? 8.537   7.231   -7.335  1.00 31.05  ?  104 GLU A OE1 1 
ATOM   727  O  OE2 . GLU A 1 124 ? 8.202   9.030   -6.101  1.00 34.94  -1 104 GLU A OE2 1 
ATOM   728  N  N   . SER A 1 125 ? 6.359   5.436   -10.987 1.00 26.75  ?  105 SER A N   1 
ATOM   729  C  CA  . SER A 1 125 ? 6.327   4.950   -12.360 1.00 25.91  ?  105 SER A CA  1 
ATOM   730  C  C   . SER A 1 125 ? 5.234   3.897   -12.537 1.00 25.08  ?  105 SER A C   1 
ATOM   731  O  O   . SER A 1 125 ? 4.505   3.900   -13.525 1.00 26.87  ?  105 SER A O   1 
ATOM   732  C  CB  . SER A 1 125 ? 7.721   4.473   -12.728 1.00 27.57  ?  105 SER A CB  1 
ATOM   733  O  OG  . SER A 1 125 ? 7.770   3.760   -13.938 1.00 28.45  ?  105 SER A OG  1 
ATOM   734  N  N   . LEU A 1 126 ? 5.076   3.019   -11.540 1.00 26.94  ?  106 LEU A N   1 
ATOM   735  C  CA  . LEU A 1 126 ? 4.075   1.963   -11.576 1.00 23.49  ?  106 LEU A CA  1 
ATOM   736  C  C   . LEU A 1 126 ? 2.683   2.542   -11.284 1.00 22.37  ?  106 LEU A C   1 
ATOM   737  O  O   . LEU A 1 126 ? 1.694   2.071   -11.823 1.00 20.56  ?  106 LEU A O   1 
ATOM   738  C  CB  . LEU A 1 126 ? 4.443   0.844   -10.589 1.00 22.80  ?  106 LEU A CB  1 
ATOM   739  C  CG  . LEU A 1 126 ? 5.670   -0.028  -10.901 1.00 23.18  ?  106 LEU A CG  1 
ATOM   740  C  CD1 . LEU A 1 126 ? 5.814   -1.144  -9.881  1.00 20.46  ?  106 LEU A CD1 1 
ATOM   741  C  CD2 . LEU A 1 126 ? 5.632   -0.634  -12.299 1.00 21.18  ?  106 LEU A CD2 1 
ATOM   742  N  N   . ALA A 1 127 ? 2.578   3.548   -10.414 1.00 23.34  ?  107 ALA A N   1 
ATOM   743  C  CA  . ALA A 1 127 ? 1.258   4.121   -10.146 1.00 24.86  ?  107 ALA A CA  1 
ATOM   744  C  C   . ALA A 1 127 ? 0.737   4.807   -11.411 1.00 26.76  ?  107 ALA A C   1 
ATOM   745  O  O   . ALA A 1 127 ? -0.417  4.642   -11.813 1.00 26.71  ?  107 ALA A O   1 
ATOM   746  C  CB  . ALA A 1 127 ? 1.310   5.073   -8.976  1.00 21.16  ?  107 ALA A CB  1 
ATOM   747  N  N   . SER A 1 128 ? 1.636   5.568   -12.043 1.00 27.10  ?  108 SER A N   1 
ATOM   748  C  CA  . SER A 1 128 ? 1.316   6.339   -13.221 1.00 28.23  ?  108 SER A CA  1 
ATOM   749  C  C   . SER A 1 128 ? 0.750   5.415   -14.288 1.00 28.51  ?  108 SER A C   1 
ATOM   750  O  O   . SER A 1 128 ? -0.135  5.805   -15.033 1.00 28.99  ?  108 SER A O   1 
ATOM   751  C  CB  . SER A 1 128 ? 2.550   7.045   -13.732 1.00 28.81  ?  108 SER A CB  1 
ATOM   752  O  OG  . SER A 1 128 ? 2.827   8.182   -12.950 1.00 27.12  ?  108 SER A OG  1 
ATOM   753  N  N   . GLN A 1 129 ? 1.295   4.203   -14.353 1.00 26.99  ?  109 GLN A N   1 
ATOM   754  C  CA  . GLN A 1 129 ? 1.042   3.313   -15.473 1.00 28.09  ?  109 GLN A CA  1 
ATOM   755  C  C   . GLN A 1 129 ? -0.120  2.372   -15.171 1.00 28.87  ?  109 GLN A C   1 
ATOM   756  O  O   . GLN A 1 129 ? -0.868  2.051   -16.092 1.00 32.53  ?  109 GLN A O   1 
ATOM   757  C  CB  . GLN A 1 129 ? 2.294   2.481   -15.790 1.00 28.67  ?  109 GLN A CB  1 
ATOM   758  C  CG  . GLN A 1 129 ? 3.226   3.111   -16.814 1.00 28.19  ?  109 GLN A CG  1 
ATOM   759  C  CD  . GLN A 1 129 ? 4.366   2.181   -17.164 1.00 32.63  ?  109 GLN A CD  1 
ATOM   760  O  OE1 . GLN A 1 129 ? 5.359   2.080   -16.442 1.00 32.66  ?  109 GLN A OE1 1 
ATOM   761  N  NE2 . GLN A 1 129 ? 4.231   1.494   -18.287 1.00 31.62  ?  109 GLN A NE2 1 
ATOM   762  N  N   . PHE A 1 130 ? -0.260  1.917   -13.906 1.00 25.51  ?  110 PHE A N   1 
ATOM   763  C  CA  . PHE A 1 130 ? -1.074  0.741   -13.624 1.00 21.95  ?  110 PHE A CA  1 
ATOM   764  C  C   . PHE A 1 130 ? -2.128  0.967   -12.531 1.00 21.64  ?  110 PHE A C   1 
ATOM   765  O  O   . PHE A 1 130 ? -2.970  0.103   -12.325 1.00 22.11  ?  110 PHE A O   1 
ATOM   766  C  CB  . PHE A 1 130 ? -0.183  -0.472  -13.338 1.00 23.11  ?  110 PHE A CB  1 
ATOM   767  C  CG  . PHE A 1 130 ? 0.785   -0.842  -14.437 1.00 22.78  ?  110 PHE A CG  1 
ATOM   768  C  CD1 . PHE A 1 130 ? 0.341   -1.062  -15.743 1.00 25.24  ?  110 PHE A CD1 1 
ATOM   769  C  CD2 . PHE A 1 130 ? 2.140   -0.972  -14.181 1.00 21.52  ?  110 PHE A CD2 1 
ATOM   770  C  CE1 . PHE A 1 130 ? 1.221   -1.388  -16.775 1.00 24.59  ?  110 PHE A CE1 1 
ATOM   771  C  CE2 . PHE A 1 130 ? 3.021   -1.308  -15.208 1.00 23.17  ?  110 PHE A CE2 1 
ATOM   772  C  CZ  . PHE A 1 130 ? 2.568   -1.520  -16.506 1.00 23.08  ?  110 PHE A CZ  1 
ATOM   773  N  N   . SER A 1 131 ? -2.137  2.108   -11.835 1.00 21.17  ?  111 SER A N   1 
ATOM   774  C  CA  . SER A 1 131 ? -3.141  2.313   -10.790 1.00 23.38  ?  111 SER A CA  1 
ATOM   775  C  C   . SER A 1 131 ? -4.560  2.484   -11.361 1.00 26.94  ?  111 SER A C   1 
ATOM   776  O  O   . SER A 1 131 ? -4.769  3.212   -12.336 1.00 30.82  ?  111 SER A O   1 
ATOM   777  C  CB  . SER A 1 131 ? -2.762  3.467   -9.935  1.00 22.52  ?  111 SER A CB  1 
ATOM   778  O  OG  . SER A 1 131 ? -3.674  3.615   -8.871  1.00 23.31  ?  111 SER A OG  1 
ATOM   779  N  N   . ASP A 1 132 ? -5.551  1.812   -10.748 1.00 28.52  ?  112 ASP A N   1 
ATOM   780  C  CA  . ASP A 1 132 ? -6.935  1.825   -11.216 1.00 29.36  ?  112 ASP A CA  1 
ATOM   781  C  C   . ASP A 1 132 ? -7.687  3.010   -10.605 1.00 30.57  ?  112 ASP A C   1 
ATOM   782  O  O   . ASP A 1 132 ? -8.886  2.944   -10.362 1.00 38.78  ?  112 ASP A O   1 
ATOM   783  C  CB  . ASP A 1 132 ? -7.656  0.494   -10.946 1.00 24.10  ?  112 ASP A CB  1 
ATOM   784  C  CG  . ASP A 1 132 ? -7.370  -0.602  -11.959 1.00 24.29  ?  112 ASP A CG  1 
ATOM   785  O  OD1 . ASP A 1 132 ? -7.420  -0.293  -13.168 1.00 21.24  ?  112 ASP A OD1 1 
ATOM   786  O  OD2 . ASP A 1 132 ? -7.092  -1.790  -11.531 1.00 24.79  -1 112 ASP A OD2 1 
ATOM   787  N  N   . CYS A 1 133 ? -6.966  4.100   -10.364 1.00 33.08  ?  113 CYS A N   1 
ATOM   788  C  CA  . CYS A 1 133 ? -7.491  5.351   -9.849  1.00 29.69  ?  113 CYS A CA  1 
ATOM   789  C  C   . CYS A 1 133 ? -6.936  6.472   -10.727 1.00 32.57  ?  113 CYS A C   1 
ATOM   790  O  O   . CYS A 1 133 ? -5.872  6.328   -11.347 1.00 28.54  ?  113 CYS A O   1 
ATOM   791  C  CB  . CYS A 1 133 ? -6.983  5.535   -8.427  1.00 32.10  ?  113 CYS A CB  1 
ATOM   792  S  SG  . CYS A 1 133 ? -7.507  7.067   -7.619  1.00 40.37  ?  113 CYS A SG  1 
ATOM   793  N  N   . SER A 1 134 ? -7.658  7.600   -10.768 1.00 31.82  ?  114 SER A N   1 
ATOM   794  C  CA  . SER A 1 134 ? -7.249  8.714   -11.604 1.00 31.30  ?  114 SER A CA  1 
ATOM   795  C  C   . SER A 1 134 ? -6.121  9.490   -10.932 1.00 31.21  ?  114 SER A C   1 
ATOM   796  O  O   . SER A 1 134 ? -5.434  10.261  -11.606 1.00 35.19  ?  114 SER A O   1 
ATOM   797  C  CB  . SER A 1 134 ? -8.402  9.608   -11.956 1.00 32.45  ?  114 SER A CB  1 
ATOM   798  O  OG  . SER A 1 134 ? -8.974  10.156  -10.768 1.00 33.59  ?  114 SER A OG  1 
ATOM   799  N  N   . SER A 1 135 ? -5.912  9.254   -9.625  1.00 26.85  ?  115 SER A N   1 
ATOM   800  C  CA  . SER A 1 135 ? -4.678  9.663   -8.955  1.00 25.54  ?  115 SER A CA  1 
ATOM   801  C  C   . SER A 1 135 ? -3.397  9.167   -9.652  1.00 25.83  ?  115 SER A C   1 
ATOM   802  O  O   . SER A 1 135 ? -2.325  9.721   -9.427  1.00 27.67  ?  115 SER A O   1 
ATOM   803  C  CB  . SER A 1 135 ? -4.688  9.235   -7.526  1.00 24.94  ?  115 SER A CB  1 
ATOM   804  O  OG  . SER A 1 135 ? -4.491  7.835   -7.444  1.00 29.23  ?  115 SER A OG  1 
ATOM   805  N  N   . ALA A 1 136 ? -3.481  8.126   -10.495 1.00 26.32  ?  116 ALA A N   1 
ATOM   806  C  CA  . ALA A 1 136 ? -2.377  7.746   -11.366 1.00 26.36  ?  116 ALA A CA  1 
ATOM   807  C  C   . ALA A 1 136 ? -1.778  8.971   -12.063 1.00 26.81  ?  116 ALA A C   1 
ATOM   808  O  O   . ALA A 1 136 ? -0.563  9.053   -12.237 1.00 25.36  ?  116 ALA A O   1 
ATOM   809  C  CB  . ALA A 1 136 ? -2.830  6.721   -12.385 1.00 24.48  ?  116 ALA A CB  1 
ATOM   810  N  N   . LYS A 1 137 ? -2.634  9.915   -12.481 1.00 27.98  ?  117 LYS A N   1 
ATOM   811  C  CA  . LYS A 1 137 ? -2.165  11.053  -13.258 1.00 29.79  ?  117 LYS A CA  1 
ATOM   812  C  C   . LYS A 1 137 ? -1.192  11.892  -12.427 1.00 27.88  ?  117 LYS A C   1 
ATOM   813  O  O   . LYS A 1 137 ? -0.424  12.675  -12.978 1.00 26.90  ?  117 LYS A O   1 
ATOM   814  C  CB  . LYS A 1 137 ? -3.322  11.912  -13.783 1.00 32.41  ?  117 LYS A CB  1 
ATOM   815  C  CG  . LYS A 1 137 ? -4.243  11.273  -14.818 1.00 43.61  ?  117 LYS A CG  1 
ATOM   816  C  CD  . LYS A 1 137 ? -3.564  10.436  -15.905 1.00 48.77  ?  117 LYS A CD  1 
ATOM   817  C  CE  . LYS A 1 137 ? -4.409  9.272   -16.406 1.00 52.04  ?  117 LYS A CE  1 
ATOM   818  N  NZ  . LYS A 1 137 ? -3.642  8.361   -17.302 1.00 47.73  1  117 LYS A NZ  1 
ATOM   819  N  N   . ALA A 1 138 ? -1.227  11.746  -11.095 1.00 24.85  ?  118 ALA A N   1 
ATOM   820  C  CA  . ALA A 1 138 ? -0.397  12.585  -10.242 1.00 25.36  ?  118 ALA A CA  1 
ATOM   821  C  C   . ALA A 1 138 ? 0.648   11.724  -9.513  1.00 23.17  ?  118 ALA A C   1 
ATOM   822  O  O   . ALA A 1 138 ? 0.970   11.955  -8.343  1.00 21.12  ?  118 ALA A O   1 
ATOM   823  C  CB  . ALA A 1 138 ? -1.270  13.427  -9.332  1.00 22.14  ?  118 ALA A CB  1 
ATOM   824  N  N   . ARG A 1 139 ? 1.162   10.718  -10.232 1.00 23.21  ?  119 ARG A N   1 
ATOM   825  C  CA  . ARG A 1 139 ? 2.105   9.744   -9.686  1.00 28.15  ?  119 ARG A CA  1 
ATOM   826  C  C   . ARG A 1 139 ? 1.520   9.057   -8.448  1.00 28.49  ?  119 ARG A C   1 
ATOM   827  O  O   . ARG A 1 139 ? 2.268   8.603   -7.584  1.00 28.27  ?  119 ARG A O   1 
ATOM   828  C  CB  . ARG A 1 139 ? 3.455   10.401  -9.347  1.00 25.35  ?  119 ARG A CB  1 
ATOM   829  C  CG  . ARG A 1 139 ? 4.239   10.840  -10.572 1.00 24.22  ?  119 ARG A CG  1 
ATOM   830  C  CD  . ARG A 1 139 ? 5.433   11.742  -10.345 1.00 24.41  ?  119 ARG A CD  1 
ATOM   831  N  NE  . ARG A 1 139 ? 6.024   11.785  -11.677 1.00 27.87  ?  119 ARG A NE  1 
ATOM   832  C  CZ  . ARG A 1 139 ? 7.335   11.810  -11.964 1.00 32.76  ?  119 ARG A CZ  1 
ATOM   833  N  NH1 . ARG A 1 139 ? 8.225   11.799  -10.976 1.00 30.41  1  119 ARG A NH1 1 
ATOM   834  N  NH2 . ARG A 1 139 ? 7.737   11.833  -13.238 1.00 26.84  ?  119 ARG A NH2 1 
ATOM   835  N  N   . GLY A 1 140 ? 0.178   9.007   -8.361  1.00 30.64  ?  120 GLY A N   1 
ATOM   836  C  CA  . GLY A 1 140 ? -0.530  8.329   -7.288  1.00 29.02  ?  120 GLY A CA  1 
ATOM   837  C  C   . GLY A 1 140 ? -0.639  9.174   -6.017  1.00 27.24  ?  120 GLY A C   1 
ATOM   838  O  O   . GLY A 1 140 ? -1.215  8.728   -5.032  1.00 26.14  ?  120 GLY A O   1 
ATOM   839  N  N   . ASP A 1 141 ? -0.109  10.401  -6.049  1.00 27.78  ?  121 ASP A N   1 
ATOM   840  C  CA  . ASP A 1 141 ? -0.185  11.291  -4.899  1.00 29.91  ?  121 ASP A CA  1 
ATOM   841  C  C   . ASP A 1 141 ? -1.617  11.759  -4.628  1.00 29.08  ?  121 ASP A C   1 
ATOM   842  O  O   . ASP A 1 141 ? -2.314  12.231  -5.520  1.00 23.67  ?  121 ASP A O   1 
ATOM   843  C  CB  . ASP A 1 141 ? 0.725   12.494  -5.101  1.00 32.47  ?  121 ASP A CB  1 
ATOM   844  C  CG  . ASP A 1 141 ? 0.482   13.583  -4.077  1.00 32.86  ?  121 ASP A CG  1 
ATOM   845  O  OD1 . ASP A 1 141 ? 0.365   13.268  -2.871  1.00 28.92  ?  121 ASP A OD1 1 
ATOM   846  O  OD2 . ASP A 1 141 ? 0.421   14.737  -4.508  1.00 31.52  -1 121 ASP A OD2 1 
ATOM   847  N  N   . LEU A 1 142 ? -2.047  11.646  -3.370  1.00 31.25  ?  122 LEU A N   1 
ATOM   848  C  CA  . LEU A 1 142 ? -3.397  12.057  -3.006  1.00 31.23  ?  122 LEU A CA  1 
ATOM   849  C  C   . LEU A 1 142 ? -3.386  13.352  -2.191  1.00 30.38  ?  122 LEU A C   1 
ATOM   850  O  O   . LEU A 1 142 ? -4.445  13.828  -1.797  1.00 29.71  ?  122 LEU A O   1 
ATOM   851  C  CB  . LEU A 1 142 ? -4.053  10.947  -2.188  1.00 32.69  ?  122 LEU A CB  1 
ATOM   852  C  CG  . LEU A 1 142 ? -4.350  9.662   -2.948  1.00 33.87  ?  122 LEU A CG  1 
ATOM   853  C  CD1 . LEU A 1 142 ? -4.745  8.578   -1.971  1.00 30.05  ?  122 LEU A CD1 1 
ATOM   854  C  CD2 . LEU A 1 142 ? -5.443  9.887   -3.983  1.00 32.62  ?  122 LEU A CD2 1 
ATOM   855  N  N   . GLY A 1 143 ? -2.200  13.909  -1.931  1.00 28.39  ?  123 GLY A N   1 
ATOM   856  C  CA  . GLY A 1 143 ? -2.117  15.115  -1.124  1.00 27.92  ?  123 GLY A CA  1 
ATOM   857  C  C   . GLY A 1 143 ? -2.232  14.812  0.368   1.00 29.39  ?  123 GLY A C   1 
ATOM   858  O  O   . GLY A 1 143 ? -2.256  13.645  0.772   1.00 32.24  ?  123 GLY A O   1 
ATOM   859  N  N   . ALA A 1 144 ? -2.294  15.875  1.179   1.00 26.73  ?  124 ALA A N   1 
ATOM   860  C  CA  . ALA A 1 144 ? -2.248  15.750  2.626   1.00 28.61  ?  124 ALA A CA  1 
ATOM   861  C  C   . ALA A 1 144 ? -3.666  15.578  3.140   1.00 28.72  ?  124 ALA A C   1 
ATOM   862  O  O   . ALA A 1 144 ? -4.576  16.139  2.549   1.00 33.17  ?  124 ALA A O   1 
ATOM   863  C  CB  . ALA A 1 144 ? -1.565  16.945  3.249   1.00 25.02  ?  124 ALA A CB  1 
ATOM   864  N  N   . PHE A 1 145 ? -3.834  14.757  4.188   1.00 30.83  ?  125 PHE A N   1 
ATOM   865  C  CA  . PHE A 1 145 ? -5.126  14.493  4.817   1.00 32.35  ?  125 PHE A CA  1 
ATOM   866  C  C   . PHE A 1 145 ? -4.950  14.210  6.314   1.00 32.43  ?  125 PHE A C   1 
ATOM   867  O  O   . PHE A 1 145 ? -3.855  13.887  6.776   1.00 35.59  ?  125 PHE A O   1 
ATOM   868  C  CB  . PHE A 1 145 ? -5.894  13.378  4.086   1.00 33.35  ?  125 PHE A CB  1 
ATOM   869  C  CG  . PHE A 1 145 ? -5.141  12.072  4.007   1.00 34.77  ?  125 PHE A CG  1 
ATOM   870  C  CD1 . PHE A 1 145 ? -5.200  11.160  5.043   1.00 33.10  ?  125 PHE A CD1 1 
ATOM   871  C  CD2 . PHE A 1 145 ? -4.332  11.784  2.915   1.00 34.19  ?  125 PHE A CD2 1 
ATOM   872  C  CE1 . PHE A 1 145 ? -4.486  9.974   4.979   1.00 34.79  ?  125 PHE A CE1 1 
ATOM   873  C  CE2 . PHE A 1 145 ? -3.624  10.596  2.849   1.00 34.89  ?  125 PHE A CE2 1 
ATOM   874  C  CZ  . PHE A 1 145 ? -3.698  9.695   3.886   1.00 34.58  ?  125 PHE A CZ  1 
ATOM   875  N  N   . SER A 1 146 ? -6.035  14.367  7.081   1.00 31.96  ?  126 SER A N   1 
ATOM   876  C  CA  . SER A 1 146 ? -6.020  14.018  8.493   1.00 35.30  ?  126 SER A CA  1 
ATOM   877  C  C   . SER A 1 146 ? -6.881  12.776  8.692   1.00 33.35  ?  126 SER A C   1 
ATOM   878  O  O   . SER A 1 146 ? -7.478  12.293  7.726   1.00 34.86  ?  126 SER A O   1 
ATOM   879  C  CB  . SER A 1 146 ? -6.550  15.164  9.319   1.00 38.95  ?  126 SER A CB  1 
ATOM   880  O  OG  . SER A 1 146 ? -7.903  15.398  8.969   1.00 38.93  ?  126 SER A OG  1 
ATOM   881  N  N   . ARG A 1 147 ? -6.983  12.300  9.944   1.00 33.29  ?  127 ARG A N   1 
ATOM   882  C  CA  . ARG A 1 147 ? -7.903  11.209  10.251  1.00 34.03  ?  127 ARG A CA  1 
ATOM   883  C  C   . ARG A 1 147 ? -9.337  11.691  10.042  1.00 39.51  ?  127 ARG A C   1 
ATOM   884  O  O   . ARG A 1 147 ? -9.638  12.878  10.170  1.00 42.99  ?  127 ARG A O   1 
ATOM   885  C  CB  . ARG A 1 147 ? -7.721  10.670  11.673  1.00 33.75  ?  127 ARG A CB  1 
ATOM   886  C  CG  . ARG A 1 147 ? -6.347  10.068  11.945  1.00 33.85  ?  127 ARG A CG  1 
ATOM   887  C  CD  . ARG A 1 147 ? -6.460  8.914   12.922  1.00 31.80  ?  127 ARG A CD  1 
ATOM   888  N  NE  . ARG A 1 147 ? -5.194  8.272   13.236  1.00 31.57  ?  127 ARG A NE  1 
ATOM   889  C  CZ  . ARG A 1 147 ? -4.949  6.972   13.062  1.00 29.32  ?  127 ARG A CZ  1 
ATOM   890  N  NH1 . ARG A 1 147 ? -5.791  6.216   12.376  1.00 27.25  1  127 ARG A NH1 1 
ATOM   891  N  NH2 . ARG A 1 147 ? -3.865  6.435   13.589  1.00 27.64  ?  127 ARG A NH2 1 
ATOM   892  N  N   . GLY A 1 148 ? -10.226 10.767  9.686   1.00 39.50  ?  128 GLY A N   1 
ATOM   893  C  CA  . GLY A 1 148 ? -11.614 11.138  9.520   1.00 38.82  ?  128 GLY A CA  1 
ATOM   894  C  C   . GLY A 1 148 ? -11.994 11.412  8.068   1.00 38.38  ?  128 GLY A C   1 
ATOM   895  O  O   . GLY A 1 148 ? -13.166 11.670  7.818   1.00 42.52  ?  128 GLY A O   1 
ATOM   896  N  N   . GLN A 1 149 ? -11.045 11.327  7.120   1.00 37.52  ?  129 GLN A N   1 
ATOM   897  C  CA  . GLN A 1 149 ? -11.303 11.733  5.735   1.00 38.46  ?  129 GLN A CA  1 
ATOM   898  C  C   . GLN A 1 149 ? -11.313 10.546  4.765   1.00 39.23  ?  129 GLN A C   1 
ATOM   899  O  O   . GLN A 1 149 ? -12.109 10.540  3.821   1.00 39.92  ?  129 GLN A O   1 
ATOM   900  C  CB  . GLN A 1 149 ? -10.198 12.643  5.196   1.00 38.83  ?  129 GLN A CB  1 
ATOM   901  C  CG  . GLN A 1 149 ? -10.262 14.101  5.625   1.00 42.73  ?  129 GLN A CG  1 
ATOM   902  C  CD  . GLN A 1 149 ? -9.108  14.896  5.039   1.00 43.68  ?  129 GLN A CD  1 
ATOM   903  O  OE1 . GLN A 1 149 ? -8.230  15.380  5.748   1.00 38.03  ?  129 GLN A OE1 1 
ATOM   904  N  NE2 . GLN A 1 149 ? -9.072  14.996  3.716   1.00 46.91  ?  129 GLN A NE2 1 
ATOM   905  N  N   . MET A 1 150 ? -10.382 9.588   4.964   1.00 33.34  ?  130 MET A N   1 
ATOM   906  C  CA  . MET A 1 150 ? -10.180 8.438   4.084   1.00 34.91  ?  130 MET A CA  1 
ATOM   907  C  C   . MET A 1 150 ? -10.801 7.170   4.688   1.00 29.51  ?  130 MET A C   1 
ATOM   908  O  O   . MET A 1 150 ? -11.032 7.114   5.885   1.00 35.24  ?  130 MET A O   1 
ATOM   909  C  CB  . MET A 1 150 ? -8.677  8.198   3.871   1.00 37.08  ?  130 MET A CB  1 
ATOM   910  C  CG  . MET A 1 150 ? -7.908  9.436   3.407   1.00 38.59  ?  130 MET A CG  1 
ATOM   911  S  SD  . MET A 1 150 ? -8.367  9.957   1.720   1.00 39.41  ?  130 MET A SD  1 
ATOM   912  C  CE  . MET A 1 150 ? -6.777  10.520  1.119   1.00 43.60  ?  130 MET A CE  1 
ATOM   913  N  N   . GLN A 1 151 ? -11.078 6.169   3.851   1.00 28.18  ?  131 GLN A N   1 
ATOM   914  C  CA  . GLN A 1 151 ? -11.441 4.812   4.251   1.00 29.36  ?  131 GLN A CA  1 
ATOM   915  C  C   . GLN A 1 151 ? -10.491 4.333   5.344   1.00 28.31  ?  131 GLN A C   1 
ATOM   916  O  O   . GLN A 1 151 ? -9.273  4.464   5.229   1.00 29.74  ?  131 GLN A O   1 
ATOM   917  C  CB  . GLN A 1 151 ? -11.358 3.860   3.054   1.00 27.23  ?  131 GLN A CB  1 
ATOM   918  C  CG  . GLN A 1 151 ? -12.093 4.363   1.825   1.00 28.39  ?  131 GLN A CG  1 
ATOM   919  C  CD  . GLN A 1 151 ? -11.872 3.543   0.570   1.00 34.00  ?  131 GLN A CD  1 
ATOM   920  O  OE1 . GLN A 1 151 ? -10.749 3.401   0.070   1.00 39.52  ?  131 GLN A OE1 1 
ATOM   921  N  NE2 . GLN A 1 151 ? -12.959 3.038   0.006   1.00 28.92  ?  131 GLN A NE2 1 
ATOM   922  N  N   . LYS A 1 152 ? -11.060 3.772   6.412   1.00 30.69  ?  132 LYS A N   1 
ATOM   923  C  CA  . LYS A 1 152 ? -10.329 3.598   7.659   1.00 29.07  ?  132 LYS A CA  1 
ATOM   924  C  C   . LYS A 1 152 ? -9.067  2.748   7.469   1.00 25.83  ?  132 LYS A C   1 
ATOM   925  O  O   . LYS A 1 152 ? -8.019  3.087   8.021   1.00 25.84  ?  132 LYS A O   1 
ATOM   926  C  CB  . LYS A 1 152 ? -11.248 3.097   8.782   1.00 29.13  ?  132 LYS A CB  1 
ATOM   927  C  CG  . LYS A 1 152 ? -10.785 3.487   10.185  1.00 33.27  ?  132 LYS A CG  1 
ATOM   928  C  CD  . LYS A 1 152 ? -10.857 5.012   10.376  1.00 39.42  ?  132 LYS A CD  1 
ATOM   929  C  CE  . LYS A 1 152 ? -10.566 5.521   11.774  1.00 40.75  ?  132 LYS A CE  1 
ATOM   930  N  NZ  . LYS A 1 152 ? -9.713  4.543   12.508  1.00 44.38  1  132 LYS A NZ  1 
ATOM   931  N  N   . PRO A 1 153 ? -9.095  1.609   6.728   1.00 26.18  ?  133 PRO A N   1 
ATOM   932  C  CA  . PRO A 1 153 ? -7.913  0.749   6.613   1.00 25.03  ?  133 PRO A CA  1 
ATOM   933  C  C   . PRO A 1 153 ? -6.752  1.543   6.018   1.00 25.44  ?  133 PRO A C   1 
ATOM   934  O  O   . PRO A 1 153 ? -5.611  1.451   6.488   1.00 21.62  ?  133 PRO A O   1 
ATOM   935  C  CB  . PRO A 1 153 ? -8.375  -0.322  5.618   1.00 23.92  ?  133 PRO A CB  1 
ATOM   936  C  CG  . PRO A 1 153 ? -9.861  -0.376  5.775   1.00 22.64  ?  133 PRO A CG  1 
ATOM   937  C  CD  . PRO A 1 153 ? -10.240 1.077   5.965   1.00 25.59  ?  133 PRO A CD  1 
ATOM   938  N  N   . PHE A 1 154 ? -7.103  2.367   5.009   1.00 25.58  ?  134 PHE A N   1 
ATOM   939  C  CA  . PHE A 1 154 ? -6.170  3.219   4.295   1.00 23.31  ?  134 PHE A CA  1 
ATOM   940  C  C   . PHE A 1 154 ? -5.601  4.258   5.254   1.00 23.39  ?  134 PHE A C   1 
ATOM   941  O  O   . PHE A 1 154 ? -4.390  4.485   5.319   1.00 22.19  ?  134 PHE A O   1 
ATOM   942  C  CB  . PHE A 1 154 ? -6.837  3.787   3.047   1.00 24.22  ?  134 PHE A CB  1 
ATOM   943  C  CG  . PHE A 1 154 ? -5.904  4.504   2.110   1.00 27.22  ?  134 PHE A CG  1 
ATOM   944  C  CD1 . PHE A 1 154 ? -5.353  5.742   2.458   1.00 27.72  ?  134 PHE A CD1 1 
ATOM   945  C  CD2 . PHE A 1 154 ? -5.544  3.937   0.886   1.00 27.17  ?  134 PHE A CD2 1 
ATOM   946  C  CE1 . PHE A 1 154 ? -4.476  6.390   1.595   1.00 25.63  ?  134 PHE A CE1 1 
ATOM   947  C  CE2 . PHE A 1 154 ? -4.676  4.605   0.024   1.00 25.59  ?  134 PHE A CE2 1 
ATOM   948  C  CZ  . PHE A 1 154 ? -4.143  5.821   0.381   1.00 22.79  ?  134 PHE A CZ  1 
ATOM   949  N  N   . GLU A 1 155 ? -6.483  4.838   6.063   1.00 25.22  ?  135 GLU A N   1 
ATOM   950  C  CA  . GLU A 1 155 ? -6.062  5.833   7.037   1.00 24.73  ?  135 GLU A CA  1 
ATOM   951  C  C   . GLU A 1 155 ? -5.141  5.198   8.075   1.00 25.73  ?  135 GLU A C   1 
ATOM   952  O  O   . GLU A 1 155 ? -4.060  5.718   8.373   1.00 24.72  ?  135 GLU A O   1 
ATOM   953  C  CB  . GLU A 1 155 ? -7.270  6.474   7.717   1.00 24.31  ?  135 GLU A CB  1 
ATOM   954  C  CG  . GLU A 1 155 ? -6.903  7.132   9.024   1.00 28.57  ?  135 GLU A CG  1 
ATOM   955  C  CD  . GLU A 1 155 ? -8.126  7.525   9.829   1.00 32.25  ?  135 GLU A CD  1 
ATOM   956  O  OE1 . GLU A 1 155 ? -9.051  8.097   9.227   1.00 31.24  ?  135 GLU A OE1 1 
ATOM   957  O  OE2 . GLU A 1 155 ? -8.147  7.250   11.035  1.00 31.93  -1 135 GLU A OE2 1 
ATOM   958  N  N   . ASP A 1 156 ? -5.587  4.089   8.666   1.00 25.84  ?  136 ASP A N   1 
ATOM   959  C  CA  . ASP A 1 156 ? -4.782  3.484   9.718   1.00 27.30  ?  136 ASP A CA  1 
ATOM   960  C  C   . ASP A 1 156 ? -3.375  3.176   9.197   1.00 25.88  ?  136 ASP A C   1 
ATOM   961  O  O   . ASP A 1 156 ? -2.384  3.380   9.905   1.00 26.89  ?  136 ASP A O   1 
ATOM   962  C  CB  . ASP A 1 156 ? -5.440  2.209   10.259  1.00 27.44  ?  136 ASP A CB  1 
ATOM   963  C  CG  . ASP A 1 156 ? -6.576  2.473   11.238  1.00 28.38  ?  136 ASP A CG  1 
ATOM   964  O  OD1 . ASP A 1 156 ? -6.525  3.479   11.957  1.00 27.22  ?  136 ASP A OD1 1 
ATOM   965  O  OD2 . ASP A 1 156 ? -7.507  1.666   11.255  1.00 33.22  -1 136 ASP A OD2 1 
ATOM   966  N  N   . ALA A 1 157 ? -3.301  2.624   7.978   1.00 22.33  ?  137 ALA A N   1 
ATOM   967  C  CA  . ALA A 1 157 ? -2.006  2.286   7.411   1.00 24.30  ?  137 ALA A CA  1 
ATOM   968  C  C   . ALA A 1 157 ? -1.181  3.558   7.202   1.00 23.28  ?  137 ALA A C   1 
ATOM   969  O  O   . ALA A 1 157 ? -0.022  3.599   7.594   1.00 25.82  ?  137 ALA A O   1 
ATOM   970  C  CB  . ALA A 1 157 ? -2.171  1.470   6.144   1.00 23.87  ?  137 ALA A CB  1 
ATOM   971  N  N   . SER A 1 158 ? -1.788  4.601   6.611   1.00 23.68  ?  138 SER A N   1 
ATOM   972  C  CA  . SER A 1 158 ? -1.093  5.847   6.313   1.00 23.28  ?  138 SER A CA  1 
ATOM   973  C  C   . SER A 1 158 ? -0.491  6.474   7.566   1.00 25.47  ?  138 SER A C   1 
ATOM   974  O  O   . SER A 1 158 ? 0.568   7.083   7.491   1.00 28.20  ?  138 SER A O   1 
ATOM   975  C  CB  . SER A 1 158 ? -1.992  6.830   5.661   1.00 21.41  ?  138 SER A CB  1 
ATOM   976  O  OG  . SER A 1 158 ? -2.373  6.393   4.370   1.00 21.17  ?  138 SER A OG  1 
ATOM   977  N  N   . PHE A 1 159 ? -1.179  6.350   8.707   1.00 25.94  ?  139 PHE A N   1 
ATOM   978  C  CA  . PHE A 1 159 ? -0.787  7.074   9.911   1.00 26.73  ?  139 PHE A CA  1 
ATOM   979  C  C   . PHE A 1 159 ? 0.245   6.275   10.703  1.00 28.40  ?  139 PHE A C   1 
ATOM   980  O  O   . PHE A 1 159 ? 0.870   6.797   11.615  1.00 29.57  ?  139 PHE A O   1 
ATOM   981  C  CB  . PHE A 1 159 ? -2.028  7.492   10.712  1.00 27.33  ?  139 PHE A CB  1 
ATOM   982  C  CG  . PHE A 1 159 ? -2.555  8.835   10.273  1.00 24.75  ?  139 PHE A CG  1 
ATOM   983  C  CD1 . PHE A 1 159 ? -3.447  8.936   9.218   1.00 23.28  ?  139 PHE A CD1 1 
ATOM   984  C  CD2 . PHE A 1 159 ? -2.081  10.009  10.856  1.00 26.52  ?  139 PHE A CD2 1 
ATOM   985  C  CE1 . PHE A 1 159 ? -3.898  10.178  8.789   1.00 27.34  ?  139 PHE A CE1 1 
ATOM   986  C  CE2 . PHE A 1 159 ? -2.515  11.254  10.406  1.00 27.18  ?  139 PHE A CE2 1 
ATOM   987  C  CZ  . PHE A 1 159 ? -3.444  11.341  9.392   1.00 25.19  ?  139 PHE A CZ  1 
ATOM   988  N  N   . ALA A 1 160 ? 0.404   4.999   10.337  1.00 27.83  ?  140 ALA A N   1 
ATOM   989  C  CA  . ALA A 1 160 ? 1.364   4.100   11.022  1.00 25.05  ?  140 ALA A CA  1 
ATOM   990  C  C   . ALA A 1 160 ? 2.688   4.064   10.250  1.00 24.58  ?  140 ALA A C   1 
ATOM   991  O  O   . ALA A 1 160 ? 3.717   3.709   10.857  1.00 25.44  ?  140 ALA A O   1 
ATOM   992  C  CB  . ALA A 1 160 ? 0.767   2.722   11.160  1.00 23.59  ?  140 ALA A CB  1 
ATOM   993  N  N   . LEU A 1 161 ? 2.652   4.417   8.961   1.00 25.66  ?  141 LEU A N   1 
ATOM   994  C  CA  . LEU A 1 161 ? 3.873   4.417   8.109   1.00 26.18  ?  141 LEU A CA  1 
ATOM   995  C  C   . LEU A 1 161 ? 4.633   5.733   8.311   1.00 27.64  ?  141 LEU A C   1 
ATOM   996  O  O   . LEU A 1 161 ? 4.014   6.803   8.148   1.00 30.17  ?  141 LEU A O   1 
ATOM   997  C  CB  . LEU A 1 161 ? 3.459   4.237   6.646   1.00 23.03  ?  141 LEU A CB  1 
ATOM   998  C  CG  . LEU A 1 161 ? 2.993   2.834   6.261   1.00 24.47  ?  141 LEU A CG  1 
ATOM   999  C  CD1 . LEU A 1 161 ? 2.199   2.863   4.964   1.00 20.57  ?  141 LEU A CD1 1 
ATOM   1000 C  CD2 . LEU A 1 161 ? 4.176   1.885   6.141   1.00 21.09  ?  141 LEU A CD2 1 
ATOM   1001 N  N   . ARG A 1 162 ? 5.923   5.644   8.651   1.00 29.99  ?  142 ARG A N   1 
ATOM   1002 C  CA  . ARG A 1 162 ? 6.769   6.850   8.865   1.00 32.24  ?  142 ARG A CA  1 
ATOM   1003 C  C   . ARG A 1 162 ? 7.127   7.456   7.504   1.00 30.84  ?  142 ARG A C   1 
ATOM   1004 O  O   . ARG A 1 162 ? 7.112   6.710   6.504   1.00 35.02  ?  142 ARG A O   1 
ATOM   1005 C  CB  . ARG A 1 162 ? 8.029   6.484   9.656   1.00 38.85  ?  142 ARG A CB  1 
ATOM   1006 C  CG  . ARG A 1 162 ? 7.870   6.598   11.165  1.00 45.16  ?  142 ARG A CG  1 
ATOM   1007 C  CD  . ARG A 1 162 ? 8.819   5.682   11.916  1.00 46.96  ?  142 ARG A CD  1 
ATOM   1008 N  NE  . ARG A 1 162 ? 8.507   4.275   11.716  1.00 48.30  ?  142 ARG A NE  1 
ATOM   1009 C  CZ  . ARG A 1 162 ? 9.264   3.268   12.139  1.00 51.61  ?  142 ARG A CZ  1 
ATOM   1010 N  NH1 . ARG A 1 162 ? 10.073  3.438   13.172  1.00 49.21  1  142 ARG A NH1 1 
ATOM   1011 N  NH2 . ARG A 1 162 ? 9.212   2.099   11.529  1.00 44.69  ?  142 ARG A NH2 1 
ATOM   1012 N  N   . THR A 1 163 ? 7.441   8.755   7.473   1.00 29.41  ?  143 THR A N   1 
ATOM   1013 C  CA  . THR A 1 163 ? 7.785   9.421   6.227   1.00 28.76  ?  143 THR A CA  1 
ATOM   1014 C  C   . THR A 1 163 ? 8.824   8.572   5.492   1.00 26.70  ?  143 THR A C   1 
ATOM   1015 O  O   . THR A 1 163 ? 9.834   8.234   6.080   1.00 27.23  ?  143 THR A O   1 
ATOM   1016 C  CB  . THR A 1 163 ? 8.409   10.809  6.457   1.00 30.76  ?  143 THR A CB  1 
ATOM   1017 O  OG1 . THR A 1 163 ? 7.410   11.664  6.997   1.00 26.71  ?  143 THR A OG1 1 
ATOM   1018 C  CG2 . THR A 1 163 ? 8.864   11.457  5.159   1.00 30.58  ?  143 THR A CG2 1 
ATOM   1019 N  N   . GLY A 1 164 ? 8.585   8.244   4.219   1.00 23.65  ?  144 GLY A N   1 
ATOM   1020 C  CA  . GLY A 1 164 ? 9.558   7.480   3.456   1.00 24.07  ?  144 GLY A CA  1 
ATOM   1021 C  C   . GLY A 1 164 ? 9.223   5.989   3.394   1.00 24.25  ?  144 GLY A C   1 
ATOM   1022 O  O   . GLY A 1 164 ? 9.736   5.267   2.541   1.00 24.26  ?  144 GLY A O   1 
ATOM   1023 N  N   . GLU A 1 165 ? 8.321   5.536   4.270   1.00 25.72  ?  145 GLU A N   1 
ATOM   1024 C  CA  . GLU A 1 165 ? 7.997   4.114   4.319   1.00 26.02  ?  145 GLU A CA  1 
ATOM   1025 C  C   . GLU A 1 165 ? 6.845   3.762   3.383   1.00 23.55  ?  145 GLU A C   1 
ATOM   1026 O  O   . GLU A 1 165 ? 6.049   4.611   2.979   1.00 21.96  ?  145 GLU A O   1 
ATOM   1027 C  CB  . GLU A 1 165 ? 7.713   3.637   5.741   1.00 28.31  ?  145 GLU A CB  1 
ATOM   1028 C  CG  . GLU A 1 165 ? 8.958   3.470   6.613   1.00 31.99  ?  145 GLU A CG  1 
ATOM   1029 C  CD  . GLU A 1 165 ? 8.599   3.020   8.027   1.00 37.37  ?  145 GLU A CD  1 
ATOM   1030 O  OE1 . GLU A 1 165 ? 7.446   3.285   8.468   1.00 37.87  ?  145 GLU A OE1 1 
ATOM   1031 O  OE2 . GLU A 1 165 ? 9.464   2.392   8.689   1.00 39.43  -1 145 GLU A OE2 1 
ATOM   1032 N  N   . MET A 1 166 ? 6.783   2.472   3.060   1.00 20.75  ?  146 MET A N   1 
ATOM   1033 C  CA  . MET A 1 166 ? 5.819   1.966   2.117   1.00 21.14  ?  146 MET A CA  1 
ATOM   1034 C  C   . MET A 1 166 ? 5.086   0.806   2.783   1.00 22.05  ?  146 MET A C   1 
ATOM   1035 O  O   . MET A 1 166 ? 5.716   0.006   3.461   1.00 19.35  ?  146 MET A O   1 
ATOM   1036 C  CB  . MET A 1 166 ? 6.520   1.473   0.847   1.00 20.36  ?  146 MET A CB  1 
ATOM   1037 C  CG  . MET A 1 166 ? 5.542   1.154   -0.277  1.00 19.45  ?  146 MET A CG  1 
ATOM   1038 S  SD  . MET A 1 166 ? 6.334   0.476   -1.769  1.00 22.34  ?  146 MET A SD  1 
ATOM   1039 C  CE  . MET A 1 166 ? 6.569   -1.235  -1.302  1.00 21.44  ?  146 MET A CE  1 
ATOM   1040 N  N   . SER A 1 167 ? 3.763   0.716   2.561   1.00 20.94  ?  147 SER A N   1 
ATOM   1041 C  CA  . SER A 1 167 ? 2.971   -0.367  3.117   1.00 19.56  ?  147 SER A CA  1 
ATOM   1042 C  C   . SER A 1 167 ? 3.180   -1.679  2.343   1.00 19.98  ?  147 SER A C   1 
ATOM   1043 O  O   . SER A 1 167 ? 3.734   -1.686  1.241   1.00 17.92  ?  147 SER A O   1 
ATOM   1044 C  CB  . SER A 1 167 ? 1.538   0.026   3.077   1.00 18.83  ?  147 SER A CB  1 
ATOM   1045 O  OG  . SER A 1 167 ? 1.055   -0.085  1.735   1.00 21.27  ?  147 SER A OG  1 
ATOM   1046 N  N   . GLY A 1 168 ? 2.640   -2.783  2.894   1.00 18.95  ?  148 GLY A N   1 
ATOM   1047 C  CA  . GLY A 1 168 ? 2.267   -3.934  2.084   1.00 20.76  ?  148 GLY A CA  1 
ATOM   1048 C  C   . GLY A 1 168 ? 0.902   -3.750  1.405   1.00 21.30  ?  148 GLY A C   1 
ATOM   1049 O  O   . GLY A 1 168 ? 0.441   -2.631  1.204   1.00 25.85  ?  148 GLY A O   1 
ATOM   1050 N  N   . PRO A 1 169 ? 0.185   -4.837  1.068   1.00 20.79  ?  149 PRO A N   1 
ATOM   1051 C  CA  . PRO A 1 169 ? -1.194  -4.750  0.572   1.00 20.52  ?  149 PRO A CA  1 
ATOM   1052 C  C   . PRO A 1 169 ? -2.195  -4.231  1.605   1.00 22.45  ?  149 PRO A C   1 
ATOM   1053 O  O   . PRO A 1 169 ? -2.232  -4.714  2.743   1.00 21.47  ?  149 PRO A O   1 
ATOM   1054 C  CB  . PRO A 1 169 ? -1.575  -6.213  0.321   1.00 19.47  ?  149 PRO A CB  1 
ATOM   1055 C  CG  . PRO A 1 169 ? -0.241  -6.922  0.172   1.00 21.57  ?  149 PRO A CG  1 
ATOM   1056 C  CD  . PRO A 1 169 ? 0.684   -6.215  1.136   1.00 20.77  ?  149 PRO A CD  1 
ATOM   1057 N  N   . VAL A 1 170 ? -3.014  -3.244  1.194   1.00 21.04  ?  150 VAL A N   1 
ATOM   1058 C  CA  . VAL A 1 170 ? -3.984  -2.621  2.084   1.00 19.89  ?  150 VAL A CA  1 
ATOM   1059 C  C   . VAL A 1 170 ? -5.356  -2.719  1.429   1.00 19.99  ?  150 VAL A C   1 
ATOM   1060 O  O   . VAL A 1 170 ? -5.522  -2.315  0.282   1.00 21.24  ?  150 VAL A O   1 
ATOM   1061 C  CB  . VAL A 1 170 ? -3.597  -1.166  2.385   1.00 19.52  ?  150 VAL A CB  1 
ATOM   1062 C  CG1 . VAL A 1 170 ? -4.671  -0.446  3.188   1.00 19.37  ?  150 VAL A CG1 1 
ATOM   1063 C  CG2 . VAL A 1 170 ? -2.241  -1.077  3.075   1.00 19.95  ?  150 VAL A CG2 1 
ATOM   1064 N  N   . PHE A 1 171 ? -6.330  -3.265  2.163   1.00 21.03  ?  151 PHE A N   1 
ATOM   1065 C  CA  . PHE A 1 171 ? -7.598  -3.650  1.555   1.00 22.44  ?  151 PHE A CA  1 
ATOM   1066 C  C   . PHE A 1 171 ? -8.677  -2.661  1.969   1.00 23.32  ?  151 PHE A C   1 
ATOM   1067 O  O   . PHE A 1 171 ? -8.823  -2.339  3.147   1.00 20.04  ?  151 PHE A O   1 
ATOM   1068 C  CB  . PHE A 1 171 ? -7.985  -5.068  1.977   1.00 22.48  ?  151 PHE A CB  1 
ATOM   1069 C  CG  . PHE A 1 171 ? -7.000  -6.138  1.575   1.00 22.47  ?  151 PHE A CG  1 
ATOM   1070 C  CD1 . PHE A 1 171 ? -5.821  -6.315  2.299   1.00 21.53  ?  151 PHE A CD1 1 
ATOM   1071 C  CD2 . PHE A 1 171 ? -7.260  -6.963  0.486   1.00 20.92  ?  151 PHE A CD2 1 
ATOM   1072 C  CE1 . PHE A 1 171 ? -4.916  -7.306  1.943   1.00 22.61  ?  151 PHE A CE1 1 
ATOM   1073 C  CE2 . PHE A 1 171 ? -6.357  -7.951  0.124   1.00 22.85  ?  151 PHE A CE2 1 
ATOM   1074 C  CZ  . PHE A 1 171 ? -5.178  -8.114  0.848   1.00 24.42  ?  151 PHE A CZ  1 
ATOM   1075 N  N   . THR A 1 172 ? -9.343  -2.100  0.958   1.00 25.88  ?  152 THR A N   1 
ATOM   1076 C  CA  . THR A 1 172 ? -10.501 -1.253  1.184   1.00 27.06  ?  152 THR A CA  1 
ATOM   1077 C  C   . THR A 1 172 ? -11.566 -1.748  0.212   1.00 27.90  ?  152 THR A C   1 
ATOM   1078 O  O   . THR A 1 172 ? -11.294 -2.677  -0.546  1.00 29.30  ?  152 THR A O   1 
ATOM   1079 C  CB  . THR A 1 172 ? -10.150 0.233   1.022   1.00 27.85  ?  152 THR A CB  1 
ATOM   1080 O  OG1 . THR A 1 172 ? -10.148 0.453   -0.384  1.00 28.68  ?  152 THR A OG1 1 
ATOM   1081 C  CG2 . THR A 1 172 ? -8.824  0.654   1.620   1.00 29.94  ?  152 THR A CG2 1 
ATOM   1082 N  N   . ASP A 1 173 ? -12.738 -1.098  0.181   1.00 31.13  ?  153 ASP A N   1 
ATOM   1083 C  CA  . ASP A 1 173 ? -13.801 -1.467  -0.748  1.00 30.52  ?  153 ASP A CA  1 
ATOM   1084 C  C   . ASP A 1 173 ? -13.489 -1.057  -2.191  1.00 31.03  ?  153 ASP A C   1 
ATOM   1085 O  O   . ASP A 1 173 ? -14.110 -1.571  -3.135  1.00 28.52  ?  153 ASP A O   1 
ATOM   1086 C  CB  . ASP A 1 173 ? -15.141 -0.934  -0.255  1.00 38.47  ?  153 ASP A CB  1 
ATOM   1087 C  CG  . ASP A 1 173 ? -15.648 -1.707  0.951   1.00 44.80  ?  153 ASP A CG  1 
ATOM   1088 O  OD1 . ASP A 1 173 ? -15.046 -2.763  1.279   1.00 48.65  ?  153 ASP A OD1 1 
ATOM   1089 O  OD2 . ASP A 1 173 ? -16.625 -1.252  1.562   1.00 49.70  -1 153 ASP A OD2 1 
ATOM   1090 N  N   . SER A 1 174 ? -12.513 -0.151  -2.364  1.00 26.02  ?  154 SER A N   1 
ATOM   1091 C  CA  . SER A 1 174 ? -12.108 0.250   -3.696  1.00 26.93  ?  154 SER A CA  1 
ATOM   1092 C  C   . SER A 1 174 ? -11.286 -0.859  -4.337  1.00 28.69  ?  154 SER A C   1 
ATOM   1093 O  O   . SER A 1 174 ? -11.343 -1.049  -5.555  1.00 30.52  ?  154 SER A O   1 
ATOM   1094 C  CB  . SER A 1 174 ? -11.349 1.553   -3.679  1.00 26.96  ?  154 SER A CB  1 
ATOM   1095 O  OG  . SER A 1 174 ? -12.105 2.541   -3.006  1.00 29.65  ?  154 SER A OG  1 
ATOM   1096 N  N   . GLY A 1 175 ? -10.514 -1.573  -3.506  1.00 28.38  ?  155 GLY A N   1 
ATOM   1097 C  CA  . GLY A 1 175 ? -9.642  -2.637  -3.987  1.00 26.50  ?  155 GLY A CA  1 
ATOM   1098 C  C   . GLY A 1 175 ? -8.409  -2.757  -3.101  1.00 25.43  ?  155 GLY A C   1 
ATOM   1099 O  O   . GLY A 1 175 ? -8.480  -2.491  -1.905  1.00 24.76  ?  155 GLY A O   1 
ATOM   1100 N  N   . ILE A 1 176 ? -7.277  -3.130  -3.709  1.00 26.50  ?  156 ILE A N   1 
ATOM   1101 C  CA  . ILE A 1 176 ? -6.042  -3.313  -2.957  1.00 24.11  ?  156 ILE A CA  1 
ATOM   1102 C  C   . ILE A 1 176 ? -5.034  -2.202  -3.274  1.00 24.06  ?  156 ILE A C   1 
ATOM   1103 O  O   . ILE A 1 176 ? -4.744  -1.895  -4.444  1.00 23.03  ?  156 ILE A O   1 
ATOM   1104 C  CB  . ILE A 1 176 ? -5.493  -4.734  -3.200  1.00 25.12  ?  156 ILE A CB  1 
ATOM   1105 C  CG1 . ILE A 1 176 ? -6.621  -5.765  -3.206  1.00 22.30  ?  156 ILE A CG1 1 
ATOM   1106 C  CG2 . ILE A 1 176 ? -4.416  -5.089  -2.176  1.00 24.33  ?  156 ILE A CG2 1 
ATOM   1107 C  CD1 . ILE A 1 176 ? -6.185  -7.119  -3.693  1.00 23.34  ?  156 ILE A CD1 1 
ATOM   1108 N  N   . HIS A 1 177 ? -4.492  -1.603  -2.205  1.00 22.74  ?  157 HIS A N   1 
ATOM   1109 C  CA  . HIS A 1 177 ? -3.551  -0.505  -2.371  1.00 22.35  ?  157 HIS A CA  1 
ATOM   1110 C  C   . HIS A 1 177 ? -2.135  -0.872  -1.911  1.00 22.24  ?  157 HIS A C   1 
ATOM   1111 O  O   . HIS A 1 177 ? -1.942  -1.653  -0.979  1.00 20.18  ?  157 HIS A O   1 
ATOM   1112 C  CB  . HIS A 1 177 ? -3.958  0.690   -1.530  1.00 21.95  ?  157 HIS A CB  1 
ATOM   1113 C  CG  . HIS A 1 177 ? -5.347  1.173   -1.726  1.00 27.14  ?  157 HIS A CG  1 
ATOM   1114 N  ND1 . HIS A 1 177 ? -6.446  0.493   -1.238  1.00 29.58  ?  157 HIS A ND1 1 
ATOM   1115 C  CD2 . HIS A 1 177 ? -5.818  2.319   -2.252  1.00 28.24  ?  157 HIS A CD2 1 
ATOM   1116 C  CE1 . HIS A 1 177 ? -7.537  1.183   -1.500  1.00 28.72  ?  157 HIS A CE1 1 
ATOM   1117 N  NE2 . HIS A 1 177 ? -7.176  2.310   -2.110  1.00 30.54  ?  157 HIS A NE2 1 
ATOM   1118 N  N   . ILE A 1 178 ? -1.144  -0.278  -2.584  1.00 20.66  ?  158 ILE A N   1 
ATOM   1119 C  CA  . ILE A 1 178 ? 0.141   -0.017  -1.976  1.00 20.45  ?  158 ILE A CA  1 
ATOM   1120 C  C   . ILE A 1 178 ? 0.204   1.474   -1.645  1.00 19.18  ?  158 ILE A C   1 
ATOM   1121 O  O   . ILE A 1 178 ? -0.070  2.301   -2.505  1.00 19.08  ?  158 ILE A O   1 
ATOM   1122 C  CB  . ILE A 1 178 ? 1.277   -0.419  -2.933  1.00 20.38  ?  158 ILE A CB  1 
ATOM   1123 C  CG1 . ILE A 1 178 ? 1.047   -1.798  -3.551  1.00 22.57  ?  158 ILE A CG1 1 
ATOM   1124 C  CG2 . ILE A 1 178 ? 2.626   -0.355  -2.237  1.00 20.07  ?  158 ILE A CG2 1 
ATOM   1125 C  CD1 . ILE A 1 178 ? 1.675   -1.921  -4.918  1.00 22.11  ?  158 ILE A CD1 1 
ATOM   1126 N  N   . ILE A 1 179 ? 0.654   1.800   -0.432  1.00 18.69  ?  159 ILE A N   1 
ATOM   1127 C  CA  . ILE A 1 179 ? 0.722   3.172   0.056   1.00 21.56  ?  159 ILE A CA  1 
ATOM   1128 C  C   . ILE A 1 179 ? 2.176   3.569   0.343   1.00 21.60  ?  159 ILE A C   1 
ATOM   1129 O  O   . ILE A 1 179 ? 2.892   2.833   1.040   1.00 21.90  ?  159 ILE A O   1 
ATOM   1130 C  CB  . ILE A 1 179 ? -0.173  3.357   1.314   1.00 20.99  ?  159 ILE A CB  1 
ATOM   1131 C  CG1 . ILE A 1 179 ? -1.609  2.877   1.076   1.00 22.09  ?  159 ILE A CG1 1 
ATOM   1132 C  CG2 . ILE A 1 179 ? -0.127  4.794   1.818   1.00 19.05  ?  159 ILE A CG2 1 
ATOM   1133 C  CD1 . ILE A 1 179 ? -2.454  2.708   2.355   1.00 24.90  ?  159 ILE A CD1 1 
ATOM   1134 N  N   . LEU A 1 180 ? 2.557   4.771   -0.142  1.00 20.94  ?  160 LEU A N   1 
ATOM   1135 C  CA  . LEU A 1 180 ? 3.833   5.420   0.140   1.00 21.22  ?  160 LEU A CA  1 
ATOM   1136 C  C   . LEU A 1 180 ? 3.553   6.726   0.893   1.00 23.91  ?  160 LEU A C   1 
ATOM   1137 O  O   . LEU A 1 180 ? 2.790   7.578   0.415   1.00 25.93  ?  160 LEU A O   1 
ATOM   1138 C  CB  . LEU A 1 180 ? 4.539   5.715   -1.186  1.00 21.30  ?  160 LEU A CB  1 
ATOM   1139 C  CG  . LEU A 1 180 ? 5.958   6.300   -1.084  1.00 22.84  ?  160 LEU A CG  1 
ATOM   1140 C  CD1 . LEU A 1 180 ? 6.907   5.303   -0.425  1.00 20.56  ?  160 LEU A CD1 1 
ATOM   1141 C  CD2 . LEU A 1 180 ? 6.501   6.738   -2.454  1.00 19.31  ?  160 LEU A CD2 1 
ATOM   1142 N  N   . ARG A 1 181 ? 4.134   6.855   2.089   1.00 21.49  ?  161 ARG A N   1 
ATOM   1143 C  CA  . ARG A 1 181 ? 3.986   8.072   2.874   1.00 23.70  ?  161 ARG A CA  1 
ATOM   1144 C  C   . ARG A 1 181 ? 5.128   9.008   2.505   1.00 23.62  ?  161 ARG A C   1 
ATOM   1145 O  O   . ARG A 1 181 ? 6.297   8.636   2.652   1.00 24.23  ?  161 ARG A O   1 
ATOM   1146 C  CB  . ARG A 1 181 ? 4.067   7.803   4.381   1.00 24.32  ?  161 ARG A CB  1 
ATOM   1147 C  CG  . ARG A 1 181 ? 4.024   9.086   5.199   1.00 25.35  ?  161 ARG A CG  1 
ATOM   1148 C  CD  . ARG A 1 181 ? 3.681   8.934   6.672   1.00 24.50  ?  161 ARG A CD  1 
ATOM   1149 N  NE  . ARG A 1 181 ? 3.806   10.259  7.235   1.00 26.22  ?  161 ARG A NE  1 
ATOM   1150 C  CZ  . ARG A 1 181 ? 4.124   10.544  8.491   1.00 27.73  ?  161 ARG A CZ  1 
ATOM   1151 N  NH1 . ARG A 1 181 ? 4.262   9.577   9.372   1.00 27.98  1  161 ARG A NH1 1 
ATOM   1152 N  NH2 . ARG A 1 181 ? 4.308   11.797  8.863   1.00 26.68  ?  161 ARG A NH2 1 
ATOM   1153 N  N   . THR A 1 182 ? 4.776   10.187  1.993   1.00 23.02  ?  162 THR A N   1 
ATOM   1154 C  CA  . THR A 1 182 ? 5.781   11.093  1.455   1.00 26.80  ?  162 THR A CA  1 
ATOM   1155 C  C   . THR A 1 182 ? 6.053   12.277  2.389   1.00 31.18  ?  162 THR A C   1 
ATOM   1156 O  O   . THR A 1 182 ? 7.063   12.932  2.188   1.00 35.82  ?  162 THR A O   1 
ATOM   1157 C  CB  . THR A 1 182 ? 5.396   11.608  0.059   1.00 22.58  ?  162 THR A CB  1 
ATOM   1158 O  OG1 . THR A 1 182 ? 4.184   12.334  0.237   1.00 19.94  ?  162 THR A OG1 1 
ATOM   1159 C  CG2 . THR A 1 182 ? 5.170   10.515  -0.964  1.00 20.65  ?  162 THR A CG2 1 
ATOM   1160 N  N   . GLU A 1 183 ? 5.132   12.595  3.327   1.00 32.44  ?  163 GLU A N   1 
ATOM   1161 C  CA  . GLU A 1 183 ? 5.308   13.636  4.341   1.00 34.72  ?  163 GLU A CA  1 
ATOM   1162 C  C   . GLU A 1 183 ? 4.545   13.256  5.614   1.00 35.17  ?  163 GLU A C   1 
ATOM   1163 O  O   . GLU A 1 183 ? 3.497   12.624  5.565   1.00 35.68  ?  163 GLU A O   1 
ATOM   1164 C  CB  . GLU A 1 183 ? 4.696   14.973  3.908   1.00 38.38  ?  163 GLU A CB  1 
ATOM   1165 C  CG  . GLU A 1 183 ? 5.524   15.735  2.884   1.00 41.61  ?  163 GLU A CG  1 
ATOM   1166 C  CD  . GLU A 1 183 ? 4.800   16.869  2.176   1.00 42.32  ?  163 GLU A CD  1 
ATOM   1167 O  OE1 . GLU A 1 183 ? 3.849   17.432  2.766   1.00 43.96  ?  163 GLU A OE1 1 
ATOM   1168 O  OE2 . GLU A 1 183 ? 5.180   17.182  1.024   1.00 42.41  -1 163 GLU A OE2 1 
ATOM   1169 O  OXT . GLU A 1 183 ? 4.897   13.599  6.734   1.00 33.31  -1 163 GLU A OXT 1 
HETATM 1170 C  C1  . J3X B 2 .   ? -13.359 8.869   0.206   1.00 113.84 ?  201 J3X A C1  1 
HETATM 1171 C  C2  . J3X B 2 .   ? -12.319 8.426   -0.594  1.00 100.93 ?  201 J3X A C2  1 
HETATM 1172 C  C3  . J3X B 2 .   ? -12.056 10.586  -0.367  1.00 131.94 ?  201 J3X A C3  1 
HETATM 1173 C  C4  . J3X B 2 .   ? -13.191 10.219  0.344   1.00 131.39 ?  201 J3X A C4  1 
HETATM 1174 C  C5  . J3X B 2 .   ? -12.027 7.011   -1.046  1.00 79.58  ?  201 J3X A C5  1 
HETATM 1175 C  C6  . J3X B 2 .   ? -9.760  6.524   0.150   1.00 45.41  ?  201 J3X A C6  1 
HETATM 1176 N  N1  . J3X B 2 .   ? -10.580 6.734   -1.039  1.00 53.02  ?  201 J3X A N1  1 
HETATM 1177 S  S1  . J3X B 2 .   ? -8.110  6.088   -1.922  1.00 46.97  ?  201 J3X A S1  1 
HETATM 1178 C  C7  . J3X B 2 .   ? -8.313  6.181   -0.142  1.00 47.67  ?  201 J3X A C7  1 
HETATM 1179 C  C8  . J3X B 2 .   ? -9.837  6.545   -2.287  1.00 49.48  ?  201 J3X A C8  1 
HETATM 1180 C  C9  . J3X B 2 .   ? -10.052 5.179   -2.951  1.00 42.10  ?  201 J3X A C9  1 
HETATM 1181 O  O1  . J3X B 2 .   ? -11.532 9.473   -0.941  1.00 112.42 ?  201 J3X A O1  1 
HETATM 1182 C  C10 . J3X B 2 .   ? -10.340 5.170   -4.439  1.00 43.09  ?  201 J3X A C10 1 
HETATM 1183 O  O2  . J3X B 2 .   ? -10.154 6.612   1.245   1.00 45.10  ?  201 J3X A O2  1 
HETATM 1184 C  C11 . J3X B 2 .   ? -8.976  7.386   -4.534  1.00 42.43  ?  201 J3X A C11 1 
HETATM 1185 C  C12 . J3X B 2 .   ? -9.751  7.718   -3.272  1.00 45.55  ?  201 J3X A C12 1 
HETATM 1186 C  C13 . J3X B 2 .   ? -9.778  6.155   -6.625  1.00 39.41  ?  201 J3X A C13 1 
HETATM 1187 C  C14 . J3X B 2 .   ? -9.130  7.181   -7.567  1.00 40.31  ?  201 J3X A C14 1 
HETATM 1188 O  O3  . J3X B 2 .   ? -10.368 5.222   -7.049  1.00 39.46  ?  201 J3X A O3  1 
HETATM 1189 N  N2  . J3X B 2 .   ? -9.678  6.256   -5.180  1.00 43.67  ?  201 J3X A N2  1 
HETATM 1190 BR BR1 . J3X B 2 .   ? -11.255 12.344  -0.582  1.00 158.91 ?  201 J3X A BR1 1 
HETATM 1191 O  O   . HOH C 3 .   ? -14.668 4.399   -10.881 1.00 41.23  ?  301 HOH A O   1 
HETATM 1192 O  O   . HOH C 3 .   ? -2.762  3.908   12.299  1.00 26.25  ?  302 HOH A O   1 
HETATM 1193 O  O   . HOH C 3 .   ? 3.583   -11.947 -7.767  1.00 47.50  ?  303 HOH A O   1 
HETATM 1194 O  O   . HOH C 3 .   ? -2.742  5.869   -7.984  1.00 22.88  ?  304 HOH A O   1 
HETATM 1195 O  O   . HOH C 3 .   ? 3.645   9.968   -5.871  1.00 24.22  ?  305 HOH A O   1 
HETATM 1196 O  O   . HOH C 3 .   ? -7.156  -2.263  -14.804 1.00 22.88  ?  306 HOH A O   1 
HETATM 1197 O  O   . HOH C 3 .   ? -2.453  -6.924  8.751   1.00 28.08  ?  307 HOH A O   1 
HETATM 1198 O  O   . HOH C 3 .   ? 1.926   10.582  -13.447 1.00 25.89  ?  308 HOH A O   1 
HETATM 1199 O  O   . HOH C 3 .   ? -12.863 -6.501  -19.246 1.00 41.57  ?  309 HOH A O   1 
HETATM 1200 O  O   . HOH C 3 .   ? -1.281  8.001   -15.976 1.00 32.41  ?  310 HOH A O   1 
HETATM 1201 O  O   . HOH C 3 .   ? 2.465   11.807  -2.016  1.00 25.82  ?  311 HOH A O   1 
HETATM 1202 O  O   . HOH C 3 .   ? -2.472  -3.963  -12.723 1.00 30.30  ?  312 HOH A O   1 
HETATM 1203 O  O   . HOH C 3 .   ? 13.835  -2.971  -0.804  1.00 30.13  ?  313 HOH A O   1 
HETATM 1204 O  O   . HOH C 3 .   ? 14.040  -9.326  -9.244  1.00 38.44  ?  314 HOH A O   1 
HETATM 1205 O  O   . HOH C 3 .   ? -13.244 0.480   2.333   1.00 37.08  ?  315 HOH A O   1 
HETATM 1206 O  O   . HOH C 3 .   ? 5.368   -4.610  -14.209 1.00 38.28  ?  316 HOH A O   1 
HETATM 1207 O  O   . HOH C 3 .   ? 16.431  -10.201 10.746  1.00 31.03  ?  317 HOH A O   1 
HETATM 1208 O  O   . HOH C 3 .   ? -8.650  9.766   7.084   1.00 30.24  ?  318 HOH A O   1 
HETATM 1209 O  O   . HOH C 3 .   ? -4.475  -2.192  -12.291 1.00 29.68  ?  319 HOH A O   1 
HETATM 1210 O  O   . HOH C 3 .   ? 9.741   3.092   0.842   1.00 31.46  ?  320 HOH A O   1 
HETATM 1211 O  O   . HOH C 3 .   ? 6.812   16.254  -1.004  1.00 43.68  ?  321 HOH A O   1 
HETATM 1212 O  O   . HOH C 3 .   ? 17.936  -10.815 8.561   1.00 42.05  ?  322 HOH A O   1 
HETATM 1213 O  O   . HOH C 3 .   ? 9.000   1.112   4.064   1.00 24.32  ?  323 HOH A O   1 
HETATM 1214 O  O   . HOH C 3 .   ? -13.595 -2.849  -20.163 1.00 30.82  ?  324 HOH A O   1 
HETATM 1215 O  O   . HOH C 3 .   ? 10.917  3.064   -12.790 1.00 36.61  ?  325 HOH A O   1 
HETATM 1216 O  O   . HOH C 3 .   ? 0.949   -5.087  -15.182 1.00 45.98  ?  326 HOH A O   1 
HETATM 1217 O  O   . HOH C 3 .   ? -14.200 0.423   -22.720 1.00 49.07  ?  327 HOH A O   1 
HETATM 1218 O  O   . HOH C 3 .   ? -4.866  -1.045  8.140   1.00 31.51  ?  328 HOH A O   1 
HETATM 1219 O  O   . HOH C 3 .   ? 8.362   -10.100 3.417   1.00 13.38  ?  329 HOH A O   1 
HETATM 1220 O  O   . HOH C 3 .   ? 3.563   -8.170  -0.969  1.00 25.97  ?  330 HOH A O   1 
HETATM 1221 O  O   . HOH C 3 .   ? -5.559  -3.893  4.859   1.00 22.97  ?  331 HOH A O   1 
HETATM 1222 O  O   . HOH C 3 .   ? -13.205 -11.038 -6.983  1.00 45.00  ?  332 HOH A O   1 
HETATM 1223 O  O   . HOH C 3 .   ? 17.180  -14.183 13.133  1.00 33.80  ?  333 HOH A O   1 
HETATM 1224 O  O   . HOH C 3 .   ? 2.523   -7.370  -10.929 1.00 38.00  ?  334 HOH A O   1 
HETATM 1225 O  O   . HOH C 3 .   ? -8.474  -16.236 -9.793  1.00 44.67  ?  335 HOH A O   1 
HETATM 1226 O  O   . HOH C 3 .   ? -12.024 -0.354  -21.285 1.00 41.04  ?  336 HOH A O   1 
HETATM 1227 O  O   . HOH C 3 .   ? -10.157 -13.566 -14.452 1.00 42.20  ?  337 HOH A O   1 
HETATM 1228 O  O   . HOH C 3 .   ? -12.816 -13.735 -6.422  1.00 56.44  ?  338 HOH A O   1 
HETATM 1229 O  O   . HOH C 3 .   ? 5.092   -2.441  18.823  1.00 27.64  ?  339 HOH A O   1 
HETATM 1230 O  O   . HOH C 3 .   ? -12.853 -3.307  3.281   1.00 31.02  ?  340 HOH A O   1 
HETATM 1231 O  O   . HOH C 3 .   ? 8.354   -14.621 -6.158  1.00 38.63  ?  341 HOH A O   1 
HETATM 1232 O  O   . HOH C 3 .   ? -5.990  13.115  -12.476 1.00 42.20  ?  342 HOH A O   1 
HETATM 1233 O  O   . HOH C 3 .   ? 4.749   2.780   13.616  1.00 40.14  ?  343 HOH A O   1 
HETATM 1234 O  O   . HOH C 3 .   ? -9.866  -11.347 -15.874 1.00 45.56  ?  344 HOH A O   1 
HETATM 1235 O  O   . HOH C 3 .   ? 15.998  -11.197 17.601  1.00 44.33  ?  345 HOH A O   1 
HETATM 1236 O  O   . HOH C 3 .   ? 7.063   11.467  -4.630  1.00 38.62  ?  346 HOH A O   1 
HETATM 1237 O  O   . HOH C 3 .   ? 18.191  -20.154 10.598  1.00 50.12  ?  347 HOH A O   1 
HETATM 1238 O  O   . HOH C 3 .   ? -19.071 -2.056  -0.127  1.00 42.05  ?  348 HOH A O   1 
HETATM 1239 O  O   . HOH C 3 .   ? -4.005  -4.063  13.559  1.00 36.21  ?  349 HOH A O   1 
HETATM 1240 O  O   . HOH C 3 .   ? -3.098  1.398   -19.004 1.00 43.44  ?  350 HOH A O   1 
HETATM 1241 O  O   . HOH C 3 .   ? 5.615   -8.826  -2.439  1.00 23.92  ?  351 HOH A O   1 
HETATM 1242 O  O   . HOH C 3 .   ? 6.202   11.992  21.132  1.00 46.04  ?  352 HOH A O   1 
HETATM 1243 O  O   . HOH C 3 .   ? 9.503   11.845  0.508   1.00 40.48  ?  353 HOH A O   1 
HETATM 1244 O  O   . HOH C 3 .   ? 0.213   -11.139 -0.058  1.00 33.79  ?  354 HOH A O   1 
HETATM 1245 O  O   . HOH C 3 .   ? -14.152 3.368   5.887   1.00 41.43  ?  355 HOH A O   1 
HETATM 1246 O  O   . HOH C 3 .   ? -0.272  -14.166 -2.196  1.00 47.53  ?  356 HOH A O   1 
HETATM 1247 O  O   . HOH C 3 .   ? 10.966  9.727   8.665   1.00 51.88  ?  357 HOH A O   1 
HETATM 1248 O  O   . HOH C 3 .   ? 4.071   6.968   12.145  1.00 40.56  ?  358 HOH A O   1 
HETATM 1249 O  O   . HOH C 3 .   ? -12.897 -16.427 0.177   1.00 43.27  ?  359 HOH A O   1 
HETATM 1250 O  O   . HOH C 3 .   ? -1.895  -2.654  18.137  1.00 38.07  ?  360 HOH A O   1 
HETATM 1251 O  O   . HOH C 3 .   ? -14.031 -15.843 -3.246  1.00 49.39  ?  361 HOH A O   1 
HETATM 1252 O  O   . HOH C 3 .   ? 8.421   9.320   0.043   1.00 38.30  ?  362 HOH A O   1 
HETATM 1253 O  O   . HOH C 3 .   ? 2.273   -10.150 -11.128 1.00 39.34  ?  363 HOH A O   1 
HETATM 1254 O  O   . HOH C 3 .   ? -12.987 15.434  5.034   1.00 51.01  ?  364 HOH A O   1 
HETATM 1255 O  O   . HOH C 3 .   ? -7.263  -12.693 -1.305  1.00 35.44  ?  365 HOH A O   1 
HETATM 1256 O  O   . HOH C 3 .   ? -4.129  -11.080 -13.740 1.00 41.58  ?  366 HOH A O   1 
HETATM 1257 O  O   . HOH C 3 .   ? 6.055   -21.268 1.125   1.00 45.78  ?  367 HOH A O   1 
HETATM 1258 O  O   . HOH C 3 .   ? -20.787 5.600   -11.190 1.00 48.90  ?  368 HOH A O   1 
# 
